data_2MBV
#
_entry.id   2MBV
#
_cell.length_a   1.000
_cell.length_b   1.000
_cell.length_c   1.000
_cell.angle_alpha   90.00
_cell.angle_beta   90.00
_cell.angle_gamma   90.00
#
_symmetry.space_group_name_H-M   'P 1'
#
loop_
_entity.id
_entity.type
_entity.pdbx_description
1 polymer 'Fusion protein of LIM domain transcription factor LMO4 (77-147) and DEAF1 (404-418)'
2 non-polymer 'ZINC ION'
#
_entity_poly.entity_id   1
_entity_poly.type   'polypeptide(L)'
_entity_poly.pdbx_seq_one_letter_code
;GSYIRLFGNSGACSACGQSIPASELVMRAQGNVYHLKCFTCSTCRNRLVPGDRFHYINGSLFCEHDRPTALINGGSGGSG
SIAPFPEAALPTSHPK
;
_entity_poly.pdbx_strand_id   A
#
# COMPACT_ATOMS: atom_id res chain seq x y z
N GLY A 1 17.14 -6.45 -15.64
CA GLY A 1 16.01 -6.18 -14.70
C GLY A 1 14.94 -7.24 -14.79
N SER A 2 14.43 -7.66 -13.63
CA SER A 2 13.45 -8.74 -13.58
C SER A 2 12.16 -8.28 -12.89
N TYR A 3 12.29 -7.30 -11.99
CA TYR A 3 11.16 -6.85 -11.18
C TYR A 3 10.25 -5.90 -11.96
N ILE A 4 10.74 -5.40 -13.08
CA ILE A 4 10.02 -4.41 -13.86
C ILE A 4 8.76 -5.01 -14.51
N ARG A 5 7.61 -4.67 -13.94
CA ARG A 5 6.33 -5.09 -14.48
C ARG A 5 5.46 -3.86 -14.73
N LEU A 6 6.03 -2.69 -14.50
CA LEU A 6 5.27 -1.45 -14.52
C LEU A 6 5.33 -0.78 -15.88
N PHE A 7 5.12 -1.56 -16.94
CA PHE A 7 5.16 -1.07 -18.32
C PHE A 7 6.44 -0.28 -18.57
N GLY A 8 7.52 -0.73 -17.95
CA GLY A 8 8.78 -0.02 -17.99
C GLY A 8 9.21 0.32 -16.59
N ASN A 9 9.54 1.58 -16.35
CA ASN A 9 9.90 2.02 -15.02
C ASN A 9 9.37 3.42 -14.74
N SER A 10 8.09 3.51 -14.42
CA SER A 10 7.47 4.77 -14.02
C SER A 10 6.96 4.67 -12.58
N GLY A 11 6.12 3.67 -12.34
CA GLY A 11 5.58 3.46 -11.00
C GLY A 11 4.61 2.31 -10.96
N ALA A 12 4.61 1.56 -9.87
CA ALA A 12 3.72 0.42 -9.71
C ALA A 12 3.57 0.04 -8.24
N CYS A 13 2.49 -0.66 -7.93
CA CYS A 13 2.23 -1.12 -6.57
C CYS A 13 2.91 -2.47 -6.34
N SER A 14 3.39 -2.69 -5.11
CA SER A 14 4.09 -3.93 -4.80
C SER A 14 3.12 -5.12 -4.72
N ALA A 15 1.82 -4.84 -4.67
CA ALA A 15 0.83 -5.90 -4.54
C ALA A 15 0.52 -6.52 -5.89
N CYS A 16 0.28 -5.67 -6.89
CA CYS A 16 -0.01 -6.16 -8.24
C CYS A 16 0.92 -5.50 -9.25
N GLY A 17 1.12 -4.19 -9.09
CA GLY A 17 2.00 -3.45 -9.97
C GLY A 17 1.38 -3.17 -11.34
N GLN A 18 0.08 -3.33 -11.46
CA GLN A 18 -0.59 -3.12 -12.73
C GLN A 18 -0.84 -1.63 -13.00
N SER A 19 0.22 -0.92 -13.35
CA SER A 19 0.15 0.48 -13.80
C SER A 19 -0.37 1.44 -12.71
N ILE A 20 0.37 2.50 -12.48
CA ILE A 20 -0.12 3.58 -11.62
C ILE A 20 -0.54 4.75 -12.50
N PRO A 21 -1.85 4.88 -12.73
CA PRO A 21 -2.41 5.95 -13.55
C PRO A 21 -2.51 7.26 -12.79
N ALA A 22 -2.58 8.37 -13.51
CA ALA A 22 -2.79 9.67 -12.89
C ALA A 22 -4.27 9.83 -12.53
N SER A 23 -5.09 8.99 -13.15
CA SER A 23 -6.53 9.01 -12.95
C SER A 23 -6.92 8.29 -11.67
N GLU A 24 -6.20 7.23 -11.34
CA GLU A 24 -6.49 6.46 -10.15
C GLU A 24 -5.52 6.84 -9.04
N LEU A 25 -6.07 7.35 -7.95
CA LEU A 25 -5.26 7.77 -6.81
C LEU A 25 -4.63 6.56 -6.13
N VAL A 26 -3.37 6.70 -5.72
CA VAL A 26 -2.64 5.59 -5.11
C VAL A 26 -2.24 5.91 -3.68
N MET A 27 -2.18 4.89 -2.85
CA MET A 27 -1.86 5.04 -1.44
C MET A 27 -0.36 4.95 -1.24
N ARG A 28 0.24 6.05 -0.78
CA ARG A 28 1.68 6.08 -0.56
C ARG A 28 1.96 6.19 0.94
N ALA A 29 2.91 5.40 1.42
CA ALA A 29 3.24 5.39 2.83
C ALA A 29 4.66 5.93 3.07
N GLN A 30 5.50 5.11 3.70
CA GLN A 30 6.86 5.52 4.06
C GLN A 30 7.69 5.88 2.83
N GLY A 31 7.75 4.95 1.89
CA GLY A 31 8.48 5.18 0.66
C GLY A 31 8.06 4.21 -0.41
N ASN A 32 6.80 3.82 -0.38
CA ASN A 32 6.27 2.85 -1.32
C ASN A 32 4.86 3.25 -1.74
N VAL A 33 4.44 2.73 -2.88
CA VAL A 33 3.15 3.06 -3.46
C VAL A 33 2.29 1.82 -3.62
N TYR A 34 1.01 1.96 -3.32
CA TYR A 34 0.06 0.86 -3.46
C TYR A 34 -1.24 1.36 -4.08
N HIS A 35 -2.02 0.45 -4.63
CA HIS A 35 -3.33 0.81 -5.16
C HIS A 35 -4.37 0.76 -4.03
N LEU A 36 -5.43 1.56 -4.16
CA LEU A 36 -6.47 1.59 -3.13
C LEU A 36 -7.21 0.24 -3.05
N LYS A 37 -7.13 -0.53 -4.13
CA LYS A 37 -7.76 -1.85 -4.17
C LYS A 37 -6.79 -2.91 -3.68
N CYS A 38 -5.51 -2.61 -3.77
CA CYS A 38 -4.47 -3.53 -3.39
C CYS A 38 -4.02 -3.30 -1.93
N PHE A 39 -4.61 -2.28 -1.30
CA PHE A 39 -4.33 -1.98 0.10
C PHE A 39 -5.05 -2.97 1.00
N THR A 40 -4.53 -4.18 1.07
CA THR A 40 -5.11 -5.23 1.89
C THR A 40 -4.03 -5.88 2.74
N CYS A 41 -4.41 -6.45 3.88
CA CYS A 41 -3.46 -7.14 4.73
C CYS A 41 -3.05 -8.47 4.10
N SER A 42 -1.83 -8.90 4.38
CA SER A 42 -1.32 -10.12 3.79
C SER A 42 -1.68 -11.35 4.62
N THR A 43 -2.42 -11.14 5.69
CA THR A 43 -2.78 -12.23 6.58
C THR A 43 -4.23 -12.69 6.40
N CYS A 44 -5.17 -11.76 6.40
CA CYS A 44 -6.58 -12.10 6.29
C CYS A 44 -7.19 -11.47 5.04
N ARG A 45 -6.38 -10.69 4.34
CA ARG A 45 -6.81 -10.00 3.13
C ARG A 45 -7.93 -9.01 3.43
N ASN A 46 -7.78 -8.31 4.55
CA ASN A 46 -8.74 -7.29 4.94
C ASN A 46 -8.30 -5.96 4.34
N ARG A 47 -9.22 -5.29 3.66
CA ARG A 47 -8.90 -4.03 3.02
C ARG A 47 -8.72 -2.94 4.06
N LEU A 48 -7.58 -2.26 3.99
CA LEU A 48 -7.27 -1.18 4.92
C LEU A 48 -7.95 0.10 4.45
N VAL A 49 -8.60 0.78 5.37
CA VAL A 49 -9.42 1.93 5.03
C VAL A 49 -9.02 3.14 5.85
N PRO A 50 -8.98 4.33 5.23
CA PRO A 50 -8.79 5.59 5.96
C PRO A 50 -9.90 5.79 6.97
N GLY A 51 -9.54 5.70 8.24
CA GLY A 51 -10.54 5.75 9.30
C GLY A 51 -10.65 4.42 10.01
N ASP A 52 -9.93 3.44 9.49
CA ASP A 52 -9.85 2.12 10.09
C ASP A 52 -8.41 1.84 10.50
N ARG A 53 -8.23 0.82 11.32
CA ARG A 53 -6.91 0.52 11.87
C ARG A 53 -6.16 -0.50 11.03
N PHE A 54 -4.92 -0.19 10.71
CA PHE A 54 -4.09 -1.06 9.88
C PHE A 54 -2.68 -1.09 10.47
N HIS A 55 -1.83 -1.96 9.94
CA HIS A 55 -0.45 -2.04 10.42
C HIS A 55 0.52 -2.06 9.25
N TYR A 56 1.57 -1.25 9.35
CA TYR A 56 2.58 -1.16 8.31
C TYR A 56 3.95 -1.42 8.93
N ILE A 57 4.46 -2.63 8.73
CA ILE A 57 5.75 -3.02 9.31
C ILE A 57 6.64 -3.63 8.24
N ASN A 58 7.87 -3.14 8.14
CA ASN A 58 8.86 -3.63 7.17
C ASN A 58 8.40 -3.38 5.75
N GLY A 59 7.45 -2.47 5.59
CA GLY A 59 6.87 -2.20 4.30
C GLY A 59 5.79 -3.20 3.93
N SER A 60 5.10 -3.73 4.93
CA SER A 60 4.09 -4.74 4.70
C SER A 60 2.77 -4.31 5.32
N LEU A 61 1.67 -4.84 4.80
CA LEU A 61 0.35 -4.42 5.24
C LEU A 61 -0.33 -5.50 6.06
N PHE A 62 -0.72 -5.13 7.27
CA PHE A 62 -1.48 -5.99 8.16
C PHE A 62 -2.69 -5.20 8.66
N CYS A 63 -3.57 -5.86 9.40
CA CYS A 63 -4.80 -5.21 9.82
C CYS A 63 -5.00 -5.31 11.32
N GLU A 64 -6.15 -4.83 11.77
CA GLU A 64 -6.50 -4.84 13.18
C GLU A 64 -6.85 -6.27 13.62
N HIS A 65 -7.29 -7.07 12.66
CA HIS A 65 -7.75 -8.42 12.96
C HIS A 65 -6.57 -9.35 13.19
N ASP A 66 -5.51 -9.18 12.40
CA ASP A 66 -4.32 -10.02 12.57
C ASP A 66 -3.41 -9.43 13.65
N ARG A 67 -2.98 -8.20 13.43
CA ARG A 67 -2.19 -7.44 14.41
C ARG A 67 -0.94 -8.19 14.86
N PRO A 68 0.07 -8.30 13.98
CA PRO A 68 1.35 -8.94 14.33
C PRO A 68 1.97 -8.31 15.57
N THR A 69 1.80 -8.97 16.71
CA THR A 69 2.18 -8.43 17.99
C THR A 69 3.59 -8.85 18.38
N ALA A 70 4.07 -9.94 17.78
CA ALA A 70 5.39 -10.47 18.09
C ALA A 70 6.49 -9.53 17.60
N LEU A 71 6.18 -8.72 16.60
CA LEU A 71 7.16 -7.80 16.02
C LEU A 71 6.52 -6.46 15.67
N ILE A 72 5.98 -5.79 16.67
CA ILE A 72 5.42 -4.46 16.48
C ILE A 72 6.02 -3.48 17.49
N ASN A 73 6.95 -2.68 17.01
CA ASN A 73 7.59 -1.68 17.86
C ASN A 73 6.61 -0.55 18.14
N GLY A 74 5.99 -0.60 19.32
CA GLY A 74 5.01 0.40 19.67
C GLY A 74 3.68 -0.22 20.03
N GLY A 75 3.59 -1.54 19.87
CA GLY A 75 2.38 -2.27 20.24
C GLY A 75 2.24 -2.40 21.74
N SER A 76 2.06 -1.25 22.40
CA SER A 76 1.89 -1.20 23.84
C SER A 76 0.41 -1.19 24.20
N GLY A 77 -0.09 -0.01 24.54
CA GLY A 77 -1.48 0.12 24.92
C GLY A 77 -2.39 0.32 23.73
N GLY A 78 -2.32 -0.59 22.77
CA GLY A 78 -3.13 -0.48 21.58
C GLY A 78 -2.52 0.44 20.55
N SER A 79 -1.91 -0.14 19.51
CA SER A 79 -1.34 0.64 18.43
C SER A 79 -2.45 1.37 17.65
N GLY A 80 -2.23 2.65 17.39
CA GLY A 80 -3.25 3.45 16.74
C GLY A 80 -2.86 3.87 15.34
N SER A 81 -2.56 2.90 14.50
CA SER A 81 -2.17 3.17 13.12
C SER A 81 -3.40 3.19 12.20
N ILE A 82 -3.51 4.23 11.40
CA ILE A 82 -4.67 4.42 10.52
C ILE A 82 -4.20 4.46 9.06
N ALA A 83 -4.95 3.79 8.19
CA ALA A 83 -4.59 3.70 6.78
C ALA A 83 -4.58 5.08 6.12
N PRO A 84 -3.52 5.37 5.34
CA PRO A 84 -3.38 6.65 4.64
C PRO A 84 -4.38 6.80 3.50
N PHE A 85 -4.43 7.98 2.92
CA PHE A 85 -5.34 8.27 1.83
C PHE A 85 -4.63 8.11 0.48
N PRO A 86 -5.39 7.90 -0.60
CA PRO A 86 -4.83 7.76 -1.93
C PRO A 86 -4.69 9.09 -2.66
N GLU A 87 -3.50 9.35 -3.19
CA GLU A 87 -3.21 10.55 -3.96
C GLU A 87 -2.53 10.17 -5.27
N ALA A 88 -2.51 11.07 -6.23
CA ALA A 88 -1.86 10.78 -7.50
C ALA A 88 -0.33 10.90 -7.37
N ALA A 89 0.38 9.87 -7.79
CA ALA A 89 1.83 9.84 -7.65
C ALA A 89 2.52 10.06 -8.99
N LEU A 90 2.67 8.99 -9.76
CA LEU A 90 3.39 9.07 -11.01
C LEU A 90 2.58 8.40 -12.12
N PRO A 91 2.64 8.93 -13.34
CA PRO A 91 1.98 8.34 -14.50
C PRO A 91 2.80 7.17 -15.05
N THR A 92 2.12 6.16 -15.59
CA THR A 92 2.79 5.00 -16.13
C THR A 92 3.19 5.22 -17.58
N SER A 93 4.30 4.62 -17.98
CA SER A 93 4.76 4.73 -19.37
C SER A 93 3.91 3.84 -20.28
N HIS A 94 3.54 4.36 -21.44
CA HIS A 94 2.73 3.61 -22.39
C HIS A 94 3.42 3.53 -23.75
N PRO A 95 4.01 2.37 -24.06
CA PRO A 95 4.72 2.15 -25.31
C PRO A 95 3.78 2.06 -26.51
N LYS A 96 3.78 3.12 -27.32
CA LYS A 96 2.95 3.16 -28.51
C LYS A 96 3.62 2.42 -29.66
N GLY A 1 15.90 1.28 -11.65
CA GLY A 1 16.50 0.00 -12.09
C GLY A 1 15.50 -0.86 -12.83
N SER A 2 15.63 -2.16 -12.66
CA SER A 2 14.78 -3.12 -13.34
C SER A 2 13.37 -3.17 -12.74
N TYR A 3 12.49 -2.33 -13.24
CA TYR A 3 11.11 -2.30 -12.77
C TYR A 3 10.15 -2.03 -13.93
N ILE A 4 10.57 -2.40 -15.13
CA ILE A 4 9.79 -2.15 -16.33
C ILE A 4 8.72 -3.22 -16.53
N ARG A 5 7.65 -3.13 -15.74
CA ARG A 5 6.52 -4.05 -15.88
C ARG A 5 5.20 -3.28 -15.90
N LEU A 6 5.29 -2.00 -16.20
CA LEU A 6 4.11 -1.15 -16.26
C LEU A 6 3.86 -0.69 -17.69
N PHE A 7 2.87 0.17 -17.89
CA PHE A 7 2.52 0.64 -19.23
C PHE A 7 3.51 1.69 -19.73
N GLY A 8 3.99 2.52 -18.81
CA GLY A 8 4.97 3.52 -19.15
C GLY A 8 6.27 3.27 -18.42
N ASN A 9 6.80 4.29 -17.78
CA ASN A 9 7.99 4.13 -16.95
C ASN A 9 7.95 5.08 -15.76
N SER A 10 6.75 5.50 -15.41
CA SER A 10 6.54 6.44 -14.31
C SER A 10 6.66 5.74 -12.96
N GLY A 11 5.82 4.73 -12.75
CA GLY A 11 5.84 3.98 -11.52
C GLY A 11 4.96 2.75 -11.60
N ALA A 12 5.37 1.69 -10.92
CA ALA A 12 4.64 0.44 -10.96
C ALA A 12 4.36 -0.07 -9.55
N CYS A 13 3.19 -0.65 -9.38
CA CYS A 13 2.76 -1.18 -8.10
C CYS A 13 3.66 -2.33 -7.65
N SER A 14 3.86 -2.45 -6.35
CA SER A 14 4.64 -3.53 -5.80
C SER A 14 3.81 -4.81 -5.71
N ALA A 15 2.49 -4.64 -5.64
CA ALA A 15 1.58 -5.77 -5.49
C ALA A 15 1.03 -6.20 -6.84
N CYS A 16 0.55 -5.24 -7.63
CA CYS A 16 0.02 -5.54 -8.95
C CYS A 16 1.14 -5.65 -9.96
N GLY A 17 1.84 -4.54 -10.15
CA GLY A 17 2.87 -4.47 -11.14
C GLY A 17 2.56 -3.42 -12.19
N GLN A 18 1.28 -3.06 -12.27
CA GLN A 18 0.82 -2.07 -13.26
C GLN A 18 1.16 -0.67 -12.81
N SER A 19 0.84 0.30 -13.65
CA SER A 19 1.21 1.68 -13.42
C SER A 19 0.19 2.39 -12.53
N ILE A 20 0.51 3.63 -12.16
CA ILE A 20 -0.37 4.45 -11.34
C ILE A 20 -0.93 5.60 -12.18
N PRO A 21 -2.23 5.55 -12.49
CA PRO A 21 -2.91 6.61 -13.23
C PRO A 21 -3.22 7.82 -12.36
N ALA A 22 -3.47 8.96 -13.00
CA ALA A 22 -3.82 10.17 -12.27
C ALA A 22 -5.28 10.14 -11.81
N SER A 23 -6.05 9.25 -12.41
CA SER A 23 -7.46 9.13 -12.08
C SER A 23 -7.68 8.07 -11.01
N GLU A 24 -6.74 7.15 -10.87
CA GLU A 24 -6.85 6.08 -9.89
C GLU A 24 -6.01 6.41 -8.67
N LEU A 25 -6.70 6.73 -7.58
CA LEU A 25 -6.04 7.08 -6.33
C LEU A 25 -5.32 5.87 -5.76
N VAL A 26 -4.07 6.07 -5.39
CA VAL A 26 -3.22 5.00 -4.91
C VAL A 26 -2.81 5.25 -3.46
N MET A 27 -2.26 4.22 -2.83
CA MET A 27 -1.80 4.32 -1.46
C MET A 27 -0.29 4.10 -1.41
N ARG A 28 0.44 5.15 -1.09
CA ARG A 28 1.90 5.09 -1.10
C ARG A 28 2.44 5.16 0.32
N ALA A 29 3.46 4.36 0.59
CA ALA A 29 4.09 4.36 1.90
C ALA A 29 5.56 4.74 1.78
N GLN A 30 6.33 4.49 2.83
CA GLN A 30 7.74 4.84 2.85
C GLN A 30 8.57 3.73 2.21
N GLY A 31 8.73 3.81 0.89
CA GLY A 31 9.56 2.85 0.18
C GLY A 31 8.97 2.44 -1.14
N ASN A 32 7.69 2.10 -1.13
CA ASN A 32 7.01 1.66 -2.35
C ASN A 32 5.58 2.19 -2.36
N VAL A 33 4.87 1.93 -3.45
CA VAL A 33 3.52 2.45 -3.64
C VAL A 33 2.59 1.35 -4.12
N TYR A 34 1.37 1.36 -3.61
CA TYR A 34 0.33 0.44 -4.05
C TYR A 34 -0.86 1.23 -4.60
N HIS A 35 -1.93 0.54 -4.92
CA HIS A 35 -3.15 1.17 -5.40
C HIS A 35 -4.18 1.18 -4.27
N LEU A 36 -5.45 1.30 -4.66
CA LEU A 36 -6.56 1.25 -3.72
C LEU A 36 -6.99 -0.20 -3.46
N LYS A 37 -6.67 -1.08 -4.39
CA LYS A 37 -7.13 -2.47 -4.35
C LYS A 37 -6.14 -3.37 -3.59
N CYS A 38 -4.87 -3.07 -3.76
CA CYS A 38 -3.78 -3.86 -3.21
C CYS A 38 -3.62 -3.63 -1.71
N PHE A 39 -4.17 -2.52 -1.22
CA PHE A 39 -4.10 -2.18 0.19
C PHE A 39 -4.95 -3.12 1.02
N THR A 40 -4.37 -4.26 1.39
CA THR A 40 -5.07 -5.28 2.16
C THR A 40 -4.13 -5.93 3.17
N CYS A 41 -4.70 -6.53 4.21
CA CYS A 41 -3.92 -7.27 5.19
C CYS A 41 -3.23 -8.45 4.50
N SER A 42 -2.08 -8.84 5.03
CA SER A 42 -1.33 -9.97 4.50
C SER A 42 -1.71 -11.25 5.23
N THR A 43 -2.36 -11.11 6.36
CA THR A 43 -2.74 -12.25 7.17
C THR A 43 -4.20 -12.63 6.94
N CYS A 44 -5.09 -11.65 7.01
CA CYS A 44 -6.52 -11.91 6.91
C CYS A 44 -7.14 -11.26 5.67
N ARG A 45 -6.29 -10.65 4.84
CA ARG A 45 -6.69 -10.06 3.55
C ARG A 45 -7.68 -8.89 3.71
N ASN A 46 -7.81 -8.40 4.94
CA ASN A 46 -8.74 -7.30 5.23
C ASN A 46 -8.34 -6.03 4.49
N ARG A 47 -9.24 -5.49 3.69
CA ARG A 47 -8.97 -4.27 2.94
C ARG A 47 -8.96 -3.05 3.88
N LEU A 48 -7.81 -2.41 3.97
CA LEU A 48 -7.64 -1.24 4.84
C LEU A 48 -8.30 -0.02 4.19
N VAL A 49 -8.70 0.94 5.00
CA VAL A 49 -9.52 2.04 4.50
C VAL A 49 -9.15 3.37 5.14
N PRO A 50 -9.27 4.46 4.37
CA PRO A 50 -9.05 5.82 4.88
C PRO A 50 -10.12 6.23 5.89
N GLY A 51 -9.71 6.37 7.14
CA GLY A 51 -10.66 6.70 8.20
C GLY A 51 -10.80 5.56 9.17
N ASP A 52 -10.22 4.42 8.82
CA ASP A 52 -10.15 3.29 9.71
C ASP A 52 -8.74 3.15 10.25
N ARG A 53 -8.27 1.93 10.46
CA ARG A 53 -6.92 1.73 10.96
C ARG A 53 -6.20 0.66 10.16
N PHE A 54 -4.90 0.81 10.00
CA PHE A 54 -4.08 -0.15 9.30
C PHE A 54 -2.73 -0.26 9.99
N HIS A 55 -2.16 -1.45 9.98
CA HIS A 55 -0.88 -1.70 10.64
C HIS A 55 0.21 -1.93 9.61
N TYR A 56 1.28 -1.17 9.72
CA TYR A 56 2.41 -1.29 8.82
C TYR A 56 3.67 -1.54 9.63
N ILE A 57 4.11 -2.79 9.67
CA ILE A 57 5.30 -3.16 10.44
C ILE A 57 6.32 -3.81 9.54
N ASN A 58 7.47 -3.14 9.39
CA ASN A 58 8.56 -3.63 8.56
C ASN A 58 8.10 -3.80 7.11
N GLY A 59 7.34 -2.82 6.63
CA GLY A 59 6.88 -2.85 5.25
C GLY A 59 5.89 -3.96 4.98
N SER A 60 5.04 -4.25 5.96
CA SER A 60 4.06 -5.31 5.81
C SER A 60 2.70 -4.83 6.28
N LEU A 61 1.67 -5.14 5.51
CA LEU A 61 0.32 -4.70 5.81
C LEU A 61 -0.40 -5.71 6.69
N PHE A 62 -0.83 -5.26 7.86
CA PHE A 62 -1.57 -6.09 8.78
C PHE A 62 -2.83 -5.35 9.23
N CYS A 63 -3.74 -6.05 9.88
CA CYS A 63 -4.99 -5.43 10.30
C CYS A 63 -5.31 -5.75 11.75
N GLU A 64 -6.52 -5.41 12.16
CA GLU A 64 -6.93 -5.53 13.55
C GLU A 64 -7.14 -6.98 13.96
N HIS A 65 -7.55 -7.81 13.01
CA HIS A 65 -7.91 -9.18 13.30
C HIS A 65 -6.70 -9.98 13.76
N ASP A 66 -5.58 -9.81 13.08
CA ASP A 66 -4.37 -10.54 13.40
C ASP A 66 -3.51 -9.76 14.39
N ARG A 67 -3.27 -8.48 14.09
CA ARG A 67 -2.49 -7.59 14.96
C ARG A 67 -1.26 -8.30 15.54
N PRO A 68 -0.26 -8.61 14.68
CA PRO A 68 0.91 -9.41 15.07
C PRO A 68 1.75 -8.74 16.15
N THR A 69 1.46 -9.07 17.40
CA THR A 69 2.09 -8.44 18.55
C THR A 69 3.49 -8.98 18.78
N ALA A 70 3.96 -9.79 17.84
CA ALA A 70 5.34 -10.25 17.86
C ALA A 70 6.24 -9.24 17.13
N LEU A 71 5.59 -8.31 16.44
CA LEU A 71 6.30 -7.25 15.72
C LEU A 71 6.07 -5.91 16.39
N ILE A 72 4.81 -5.58 16.63
CA ILE A 72 4.47 -4.34 17.35
C ILE A 72 4.61 -4.56 18.85
N ASN A 73 5.34 -3.66 19.50
CA ASN A 73 5.68 -3.81 20.91
C ASN A 73 4.48 -3.68 21.84
N GLY A 74 3.87 -4.83 22.16
CA GLY A 74 2.88 -4.88 23.23
C GLY A 74 1.49 -4.42 22.82
N GLY A 75 1.37 -3.16 22.44
CA GLY A 75 0.06 -2.60 22.18
C GLY A 75 -0.44 -1.81 23.37
N SER A 76 -0.02 -0.56 23.45
CA SER A 76 -0.32 0.29 24.60
C SER A 76 -1.74 0.87 24.53
N GLY A 77 -2.73 -0.01 24.61
CA GLY A 77 -4.12 0.42 24.56
C GLY A 77 -4.55 0.71 23.14
N GLY A 78 -4.02 1.78 22.58
CA GLY A 78 -4.27 2.10 21.20
C GLY A 78 -2.98 2.07 20.41
N SER A 79 -2.99 1.36 19.29
CA SER A 79 -1.80 1.21 18.48
C SER A 79 -2.17 1.12 17.00
N GLY A 80 -1.19 1.40 16.14
CA GLY A 80 -1.41 1.31 14.71
C GLY A 80 -1.51 2.67 14.07
N SER A 81 -1.99 2.70 12.83
CA SER A 81 -2.11 3.93 12.08
C SER A 81 -3.48 4.01 11.43
N ILE A 82 -3.81 5.15 10.85
CA ILE A 82 -5.06 5.30 10.12
C ILE A 82 -4.88 4.78 8.69
N ALA A 83 -4.21 5.59 7.87
CA ALA A 83 -3.94 5.25 6.48
C ALA A 83 -3.18 6.39 5.83
N PRO A 84 -2.36 6.08 4.81
CA PRO A 84 -1.71 7.10 3.99
C PRO A 84 -2.72 7.84 3.14
N PHE A 85 -3.90 7.22 3.03
CA PHE A 85 -5.04 7.78 2.30
C PHE A 85 -4.82 7.68 0.79
N PRO A 86 -5.92 7.46 0.03
CA PRO A 86 -5.84 7.40 -1.43
C PRO A 86 -5.50 8.76 -2.03
N GLU A 87 -4.35 8.81 -2.67
CA GLU A 87 -3.86 10.05 -3.25
C GLU A 87 -3.34 9.77 -4.65
N ALA A 88 -2.95 10.82 -5.35
CA ALA A 88 -2.41 10.67 -6.69
C ALA A 88 -0.89 10.75 -6.63
N ALA A 89 -0.24 9.84 -7.34
CA ALA A 89 1.21 9.89 -7.46
C ALA A 89 1.60 10.81 -8.60
N LEU A 90 1.98 10.24 -9.73
CA LEU A 90 2.26 11.00 -10.92
C LEU A 90 1.54 10.34 -12.10
N PRO A 91 0.96 11.14 -13.00
CA PRO A 91 0.25 10.63 -14.18
C PRO A 91 1.12 9.68 -15.01
N THR A 92 0.53 8.55 -15.39
CA THR A 92 1.24 7.54 -16.15
C THR A 92 1.78 8.09 -17.47
N SER A 93 2.98 7.67 -17.84
CA SER A 93 3.53 7.98 -19.15
C SER A 93 2.80 7.17 -20.21
N HIS A 94 1.60 7.59 -20.55
CA HIS A 94 0.76 6.89 -21.50
C HIS A 94 1.14 7.27 -22.93
N PRO A 95 1.75 6.35 -23.67
CA PRO A 95 2.22 6.62 -25.03
C PRO A 95 1.11 6.49 -26.08
N LYS A 96 0.13 5.65 -25.78
CA LYS A 96 -1.00 5.42 -26.67
C LYS A 96 -2.08 6.49 -26.50
N GLY A 1 18.28 -1.42 -12.71
CA GLY A 1 17.80 -2.78 -12.38
C GLY A 1 16.45 -3.08 -13.02
N SER A 2 15.71 -3.99 -12.40
CA SER A 2 14.43 -4.44 -12.91
C SER A 2 13.39 -3.31 -12.90
N TYR A 3 13.03 -2.84 -14.08
CA TYR A 3 12.01 -1.80 -14.22
C TYR A 3 10.99 -2.20 -15.29
N ILE A 4 10.90 -3.49 -15.54
CA ILE A 4 10.01 -4.02 -16.57
C ILE A 4 8.78 -4.70 -15.96
N ARG A 5 7.64 -4.02 -16.04
CA ARG A 5 6.37 -4.57 -15.57
C ARG A 5 5.22 -3.62 -15.89
N LEU A 6 5.53 -2.34 -15.99
CA LEU A 6 4.52 -1.32 -16.17
C LEU A 6 4.55 -0.76 -17.58
N PHE A 7 3.68 0.21 -17.84
CA PHE A 7 3.66 0.90 -19.12
C PHE A 7 4.73 1.98 -19.14
N GLY A 8 5.96 1.58 -19.42
CA GLY A 8 7.07 2.50 -19.41
C GLY A 8 8.06 2.17 -18.31
N ASN A 9 8.49 3.17 -17.57
CA ASN A 9 9.43 2.96 -16.46
C ASN A 9 9.26 4.03 -15.39
N SER A 10 8.02 4.47 -15.19
CA SER A 10 7.74 5.49 -14.20
C SER A 10 7.05 4.89 -12.97
N GLY A 11 5.79 5.26 -12.74
CA GLY A 11 5.08 4.79 -11.56
C GLY A 11 4.39 3.46 -11.78
N ALA A 12 4.71 2.50 -10.93
CA ALA A 12 4.08 1.19 -10.98
C ALA A 12 3.80 0.67 -9.57
N CYS A 13 2.90 -0.29 -9.47
CA CYS A 13 2.54 -0.87 -8.19
C CYS A 13 3.58 -1.87 -7.72
N SER A 14 3.77 -1.91 -6.42
CA SER A 14 4.69 -2.84 -5.81
C SER A 14 3.97 -4.16 -5.54
N ALA A 15 2.65 -4.14 -5.65
CA ALA A 15 1.85 -5.34 -5.40
C ALA A 15 1.31 -5.91 -6.71
N CYS A 16 0.69 -5.05 -7.52
CA CYS A 16 0.19 -5.47 -8.83
C CYS A 16 1.33 -5.44 -9.84
N GLY A 17 1.97 -4.29 -9.93
CA GLY A 17 2.98 -4.10 -10.95
C GLY A 17 2.45 -3.26 -12.09
N GLN A 18 1.14 -3.04 -12.08
CA GLN A 18 0.49 -2.21 -13.07
C GLN A 18 0.90 -0.76 -12.86
N SER A 19 1.00 -0.02 -13.96
CA SER A 19 1.38 1.37 -13.90
C SER A 19 0.33 2.20 -13.18
N ILE A 20 0.78 3.21 -12.44
CA ILE A 20 -0.12 4.09 -11.72
C ILE A 20 -0.43 5.32 -12.56
N PRO A 21 -1.70 5.52 -12.91
CA PRO A 21 -2.15 6.69 -13.68
C PRO A 21 -2.24 7.95 -12.82
N ALA A 22 -1.91 9.08 -13.42
CA ALA A 22 -1.98 10.35 -12.73
C ALA A 22 -3.43 10.83 -12.64
N SER A 23 -4.31 10.11 -13.30
CA SER A 23 -5.73 10.43 -13.32
C SER A 23 -6.50 9.49 -12.40
N GLU A 24 -5.78 8.82 -11.51
CA GLU A 24 -6.40 7.90 -10.57
C GLU A 24 -5.90 8.15 -9.17
N LEU A 25 -6.63 7.64 -8.19
CA LEU A 25 -6.27 7.82 -6.79
C LEU A 25 -5.71 6.52 -6.22
N VAL A 26 -4.45 6.55 -5.83
CA VAL A 26 -3.76 5.36 -5.38
C VAL A 26 -3.29 5.50 -3.93
N MET A 27 -3.21 4.38 -3.23
CA MET A 27 -2.76 4.38 -1.85
C MET A 27 -1.26 4.14 -1.77
N ARG A 28 -0.63 4.63 -0.72
CA ARG A 28 0.80 4.45 -0.54
C ARG A 28 1.12 4.52 0.95
N ALA A 29 2.27 3.97 1.32
CA ALA A 29 2.69 3.94 2.71
C ALA A 29 4.03 4.63 2.89
N GLN A 30 4.68 4.37 4.01
CA GLN A 30 5.98 4.99 4.31
C GLN A 30 7.11 4.29 3.56
N GLY A 31 6.76 3.45 2.61
CA GLY A 31 7.76 2.72 1.86
C GLY A 31 7.46 2.66 0.38
N ASN A 32 6.59 1.75 0.00
CA ASN A 32 6.29 1.52 -1.41
C ASN A 32 4.92 2.06 -1.81
N VAL A 33 4.60 1.99 -3.10
CA VAL A 33 3.35 2.51 -3.63
C VAL A 33 2.40 1.39 -4.01
N TYR A 34 1.10 1.65 -3.92
CA TYR A 34 0.08 0.66 -4.23
C TYR A 34 -1.11 1.33 -4.92
N HIS A 35 -2.19 0.59 -5.06
CA HIS A 35 -3.46 1.11 -5.56
C HIS A 35 -4.45 1.13 -4.42
N LEU A 36 -5.74 1.13 -4.72
CA LEU A 36 -6.77 1.08 -3.68
C LEU A 36 -7.08 -0.36 -3.29
N LYS A 37 -6.79 -1.30 -4.18
CA LYS A 37 -7.15 -2.69 -3.97
C LYS A 37 -6.05 -3.46 -3.23
N CYS A 38 -4.80 -3.13 -3.54
CA CYS A 38 -3.65 -3.84 -3.03
C CYS A 38 -3.39 -3.49 -1.56
N PHE A 39 -4.05 -2.43 -1.09
CA PHE A 39 -3.98 -2.05 0.31
C PHE A 39 -4.89 -2.94 1.15
N THR A 40 -4.56 -4.22 1.19
CA THR A 40 -5.36 -5.18 1.93
C THR A 40 -4.48 -5.95 2.93
N CYS A 41 -5.11 -6.47 3.98
CA CYS A 41 -4.40 -7.28 4.95
C CYS A 41 -3.87 -8.55 4.31
N SER A 42 -2.63 -8.87 4.63
CA SER A 42 -2.00 -10.07 4.11
C SER A 42 -2.41 -11.29 4.91
N THR A 43 -2.94 -11.07 6.11
CA THR A 43 -3.31 -12.17 6.98
C THR A 43 -4.78 -12.55 6.86
N CYS A 44 -5.67 -11.57 6.98
CA CYS A 44 -7.10 -11.87 6.99
C CYS A 44 -7.79 -11.30 5.76
N ARG A 45 -7.04 -10.52 4.98
CA ARG A 45 -7.52 -9.94 3.72
C ARG A 45 -8.44 -8.74 3.96
N ASN A 46 -8.47 -8.24 5.18
CA ASN A 46 -9.23 -7.03 5.50
C ASN A 46 -8.65 -5.85 4.73
N ARG A 47 -9.46 -5.25 3.86
CA ARG A 47 -9.01 -4.08 3.13
C ARG A 47 -8.79 -2.92 4.08
N LEU A 48 -7.59 -2.39 4.08
CA LEU A 48 -7.24 -1.27 4.93
C LEU A 48 -7.99 -0.04 4.47
N VAL A 49 -8.70 0.60 5.39
CA VAL A 49 -9.58 1.69 5.03
C VAL A 49 -8.99 3.02 5.49
N PRO A 50 -8.99 4.03 4.63
CA PRO A 50 -8.54 5.37 5.00
C PRO A 50 -9.30 5.89 6.21
N GLY A 51 -8.61 5.98 7.34
CA GLY A 51 -9.25 6.36 8.58
C GLY A 51 -9.60 5.16 9.45
N ASP A 52 -9.16 3.98 9.03
CA ASP A 52 -9.41 2.77 9.80
C ASP A 52 -8.10 2.09 10.18
N ARG A 53 -8.18 1.04 10.98
CA ARG A 53 -7.00 0.33 11.48
C ARG A 53 -6.22 -0.36 10.36
N PHE A 54 -4.90 -0.30 10.47
CA PHE A 54 -4.00 -0.96 9.53
C PHE A 54 -2.66 -1.21 10.22
N HIS A 55 -1.78 -1.96 9.59
CA HIS A 55 -0.44 -2.20 10.12
C HIS A 55 0.57 -2.33 8.99
N TYR A 56 1.73 -1.71 9.17
CA TYR A 56 2.81 -1.81 8.21
C TYR A 56 4.06 -2.31 8.90
N ILE A 57 4.35 -3.59 8.74
CA ILE A 57 5.51 -4.18 9.40
C ILE A 57 6.46 -4.75 8.36
N ASN A 58 7.57 -4.02 8.15
CA ASN A 58 8.61 -4.43 7.20
C ASN A 58 8.04 -4.62 5.80
N GLY A 59 7.39 -3.57 5.29
CA GLY A 59 6.81 -3.61 3.96
C GLY A 59 5.71 -4.63 3.81
N SER A 60 4.96 -4.86 4.88
CA SER A 60 3.88 -5.83 4.85
C SER A 60 2.62 -5.23 5.42
N LEU A 61 1.51 -5.42 4.72
CA LEU A 61 0.24 -4.84 5.13
C LEU A 61 -0.54 -5.80 6.01
N PHE A 62 -0.77 -5.38 7.23
CA PHE A 62 -1.54 -6.15 8.20
C PHE A 62 -2.62 -5.26 8.78
N CYS A 63 -3.42 -5.80 9.68
CA CYS A 63 -4.44 -5.00 10.34
C CYS A 63 -4.36 -5.15 11.87
N GLU A 64 -5.26 -4.48 12.58
CA GLU A 64 -5.30 -4.56 14.03
C GLU A 64 -5.98 -5.84 14.50
N HIS A 65 -6.66 -6.53 13.59
CA HIS A 65 -7.38 -7.75 13.95
C HIS A 65 -6.38 -8.87 14.23
N ASP A 66 -5.41 -9.01 13.34
CA ASP A 66 -4.33 -9.96 13.53
C ASP A 66 -3.06 -9.22 13.94
N ARG A 67 -3.29 -8.09 14.63
CA ARG A 67 -2.26 -7.19 15.17
C ARG A 67 -0.90 -7.85 15.38
N PRO A 68 0.03 -7.66 14.43
CA PRO A 68 1.36 -8.23 14.49
C PRO A 68 2.41 -7.24 15.02
N THR A 69 2.38 -6.99 16.32
CA THR A 69 3.33 -6.06 16.93
C THR A 69 4.30 -6.81 17.84
N ALA A 70 5.34 -6.09 18.30
CA ALA A 70 6.37 -6.64 19.20
C ALA A 70 7.17 -7.74 18.53
N LEU A 71 6.65 -8.95 18.56
CA LEU A 71 7.27 -10.08 17.88
C LEU A 71 6.68 -10.23 16.49
N ILE A 72 6.10 -9.12 16.00
CA ILE A 72 5.34 -9.12 14.76
C ILE A 72 4.25 -10.20 14.82
N ASN A 73 3.64 -10.34 16.00
CA ASN A 73 2.62 -11.34 16.25
C ASN A 73 1.99 -11.12 17.62
N GLY A 74 0.72 -10.75 17.64
CA GLY A 74 0.03 -10.55 18.89
C GLY A 74 0.40 -9.25 19.57
N GLY A 75 -0.16 -8.14 19.08
CA GLY A 75 0.04 -6.85 19.73
C GLY A 75 -0.54 -6.84 21.12
N SER A 76 0.32 -6.56 22.11
CA SER A 76 -0.06 -6.53 23.53
C SER A 76 -1.43 -5.91 23.75
N GLY A 77 -1.53 -4.61 23.48
CA GLY A 77 -2.81 -3.94 23.49
C GLY A 77 -3.11 -3.36 22.13
N GLY A 78 -4.04 -2.42 22.07
CA GLY A 78 -4.31 -1.75 20.82
C GLY A 78 -3.14 -0.91 20.36
N SER A 79 -2.21 -1.53 19.63
CA SER A 79 -0.97 -0.90 19.23
C SER A 79 -1.26 0.38 18.45
N GLY A 80 -2.29 0.32 17.61
CA GLY A 80 -2.80 1.51 16.98
C GLY A 80 -2.04 1.96 15.75
N SER A 81 -2.68 1.83 14.60
CA SER A 81 -2.16 2.37 13.34
C SER A 81 -3.33 2.56 12.38
N ILE A 82 -3.34 3.68 11.66
CA ILE A 82 -4.46 4.02 10.77
C ILE A 82 -3.99 4.12 9.33
N ALA A 83 -4.78 3.57 8.41
CA ALA A 83 -4.45 3.57 7.00
C ALA A 83 -4.67 4.95 6.38
N PRO A 84 -3.70 5.40 5.57
CA PRO A 84 -3.78 6.70 4.87
C PRO A 84 -4.81 6.67 3.74
N PHE A 85 -4.93 7.80 3.03
CA PHE A 85 -5.90 7.93 1.97
C PHE A 85 -5.29 7.68 0.60
N PRO A 86 -6.11 7.34 -0.40
CA PRO A 86 -5.68 7.22 -1.78
C PRO A 86 -5.76 8.54 -2.52
N GLU A 87 -4.62 8.98 -3.03
CA GLU A 87 -4.54 10.21 -3.80
C GLU A 87 -3.63 9.99 -5.00
N ALA A 88 -3.47 11.01 -5.84
CA ALA A 88 -2.61 10.92 -7.01
C ALA A 88 -1.16 10.67 -6.61
N ALA A 89 -0.43 9.98 -7.48
CA ALA A 89 0.98 9.67 -7.24
C ALA A 89 1.80 9.89 -8.51
N LEU A 90 2.82 9.06 -8.70
CA LEU A 90 3.68 9.15 -9.88
C LEU A 90 2.94 8.64 -11.12
N PRO A 91 2.93 9.46 -12.19
CA PRO A 91 2.20 9.14 -13.42
C PRO A 91 2.84 8.02 -14.24
N THR A 92 2.09 7.55 -15.24
CA THR A 92 2.55 6.51 -16.15
C THR A 92 3.20 7.14 -17.38
N SER A 93 4.37 6.62 -17.75
CA SER A 93 5.11 7.10 -18.93
C SER A 93 5.46 8.59 -18.78
N HIS A 94 4.72 9.44 -19.48
CA HIS A 94 4.92 10.88 -19.41
C HIS A 94 3.61 11.56 -19.02
N PRO A 95 3.66 12.50 -18.07
CA PRO A 95 2.46 13.19 -17.59
C PRO A 95 1.97 14.26 -18.56
N LYS A 96 1.73 13.87 -19.80
CA LYS A 96 1.18 14.77 -20.81
C LYS A 96 -0.33 14.86 -20.67
N GLY A 1 15.61 -15.97 -14.43
CA GLY A 1 14.66 -15.36 -15.39
C GLY A 1 13.39 -14.90 -14.71
N SER A 2 12.90 -13.75 -15.12
CA SER A 2 11.71 -13.17 -14.52
C SER A 2 10.76 -12.66 -15.62
N TYR A 3 9.54 -12.29 -15.24
CA TYR A 3 8.56 -11.82 -16.19
C TYR A 3 8.27 -10.34 -16.00
N ILE A 4 8.09 -9.64 -17.10
CA ILE A 4 7.73 -8.23 -17.06
C ILE A 4 6.25 -8.08 -16.69
N ARG A 5 5.95 -7.15 -15.79
CA ARG A 5 4.59 -6.99 -15.30
C ARG A 5 4.18 -5.53 -15.35
N LEU A 6 5.08 -4.67 -14.95
CA LEU A 6 4.85 -3.24 -14.99
C LEU A 6 5.11 -2.72 -16.40
N PHE A 7 4.13 -2.01 -16.95
CA PHE A 7 4.27 -1.46 -18.30
C PHE A 7 5.35 -0.39 -18.30
N GLY A 8 6.49 -0.74 -18.85
CA GLY A 8 7.65 0.11 -18.80
C GLY A 8 8.54 -0.26 -17.63
N ASN A 9 8.32 0.41 -16.49
CA ASN A 9 9.05 0.13 -15.26
C ASN A 9 8.74 1.23 -14.25
N SER A 10 9.11 0.99 -12.98
CA SER A 10 9.07 1.99 -11.91
C SER A 10 7.63 2.34 -11.46
N GLY A 11 6.82 2.86 -12.39
CA GLY A 11 5.52 3.35 -12.01
C GLY A 11 4.48 2.26 -11.85
N ALA A 12 4.60 1.48 -10.79
CA ALA A 12 3.66 0.40 -10.50
C ALA A 12 3.52 0.21 -9.00
N CYS A 13 2.57 -0.61 -8.58
CA CYS A 13 2.33 -0.85 -7.16
C CYS A 13 2.84 -2.23 -6.77
N SER A 14 3.33 -2.33 -5.54
CA SER A 14 4.01 -3.54 -5.08
C SER A 14 3.02 -4.68 -4.79
N ALA A 15 1.73 -4.39 -4.82
CA ALA A 15 0.72 -5.38 -4.48
C ALA A 15 0.32 -6.20 -5.70
N CYS A 16 -0.11 -5.52 -6.76
CA CYS A 16 -0.54 -6.20 -7.97
C CYS A 16 0.59 -6.23 -8.99
N GLY A 17 1.31 -5.12 -9.09
CA GLY A 17 2.39 -5.02 -10.04
C GLY A 17 1.96 -4.32 -11.30
N GLN A 18 0.75 -3.76 -11.30
CA GLN A 18 0.25 -3.01 -12.44
C GLN A 18 0.65 -1.54 -12.32
N SER A 19 0.72 -0.87 -13.46
CA SER A 19 1.20 0.50 -13.52
C SER A 19 0.22 1.49 -12.90
N ILE A 20 0.73 2.67 -12.55
CA ILE A 20 -0.08 3.71 -11.95
C ILE A 20 -0.45 4.78 -12.98
N PRO A 21 -1.74 4.86 -13.35
CA PRO A 21 -2.26 5.94 -14.19
C PRO A 21 -2.48 7.22 -13.38
N ALA A 22 -2.31 8.36 -14.02
CA ALA A 22 -2.49 9.65 -13.36
C ALA A 22 -3.96 9.93 -13.03
N SER A 23 -4.85 9.11 -13.59
CA SER A 23 -6.28 9.24 -13.35
C SER A 23 -6.72 8.35 -12.19
N GLU A 24 -5.76 7.64 -11.60
CA GLU A 24 -6.03 6.75 -10.49
C GLU A 24 -5.43 7.31 -9.21
N LEU A 25 -5.69 6.64 -8.09
CA LEU A 25 -5.17 7.08 -6.81
C LEU A 25 -4.36 5.96 -6.16
N VAL A 26 -3.18 6.29 -5.66
CA VAL A 26 -2.34 5.31 -5.00
C VAL A 26 -2.15 5.66 -3.54
N MET A 27 -2.12 4.63 -2.71
CA MET A 27 -1.94 4.80 -1.28
C MET A 27 -0.46 4.88 -0.95
N ARG A 28 -0.02 6.03 -0.49
CA ARG A 28 1.37 6.24 -0.15
C ARG A 28 1.58 6.10 1.36
N ALA A 29 2.45 5.18 1.74
CA ALA A 29 2.74 4.96 3.15
C ALA A 29 4.10 5.55 3.52
N GLN A 30 5.16 4.79 3.28
CA GLN A 30 6.51 5.24 3.58
C GLN A 30 7.38 5.21 2.34
N GLY A 31 6.98 5.98 1.34
CA GLY A 31 7.71 6.02 0.08
C GLY A 31 7.26 4.94 -0.87
N ASN A 32 6.58 3.95 -0.34
CA ASN A 32 6.03 2.86 -1.14
C ASN A 32 4.60 3.20 -1.56
N VAL A 33 4.14 2.57 -2.63
CA VAL A 33 2.82 2.87 -3.17
C VAL A 33 2.02 1.60 -3.44
N TYR A 34 0.71 1.69 -3.22
CA TYR A 34 -0.23 0.62 -3.51
C TYR A 34 -1.48 1.21 -4.12
N HIS A 35 -2.34 0.39 -4.71
CA HIS A 35 -3.57 0.91 -5.30
C HIS A 35 -4.68 0.96 -4.25
N LEU A 36 -5.79 1.61 -4.58
CA LEU A 36 -6.94 1.68 -3.68
C LEU A 36 -7.52 0.28 -3.41
N LYS A 37 -7.40 -0.59 -4.41
CA LYS A 37 -7.88 -1.96 -4.29
C LYS A 37 -6.81 -2.88 -3.73
N CYS A 38 -5.55 -2.44 -3.85
CA CYS A 38 -4.42 -3.26 -3.46
C CYS A 38 -4.03 -3.01 -1.99
N PHE A 39 -4.70 -2.06 -1.35
CA PHE A 39 -4.45 -1.77 0.06
C PHE A 39 -5.26 -2.70 0.95
N THR A 40 -4.66 -3.81 1.34
CA THR A 40 -5.35 -4.81 2.15
C THR A 40 -4.39 -5.50 3.11
N CYS A 41 -4.94 -6.04 4.19
CA CYS A 41 -4.19 -6.92 5.08
C CYS A 41 -3.96 -8.25 4.36
N SER A 42 -2.88 -8.94 4.73
CA SER A 42 -2.50 -10.16 4.03
C SER A 42 -3.07 -11.42 4.71
N THR A 43 -3.42 -11.30 5.99
CA THR A 43 -3.82 -12.47 6.77
C THR A 43 -5.34 -12.63 6.81
N CYS A 44 -6.02 -11.56 7.18
CA CYS A 44 -7.48 -11.59 7.27
C CYS A 44 -8.08 -10.93 6.04
N ARG A 45 -7.21 -10.32 5.25
CA ARG A 45 -7.59 -9.61 4.03
C ARG A 45 -8.52 -8.45 4.35
N ASN A 46 -8.16 -7.69 5.37
CA ASN A 46 -8.91 -6.51 5.73
C ASN A 46 -8.52 -5.36 4.82
N ARG A 47 -9.47 -4.84 4.07
CA ARG A 47 -9.22 -3.70 3.20
C ARG A 47 -8.98 -2.45 4.03
N LEU A 48 -7.73 -2.02 4.07
CA LEU A 48 -7.34 -0.84 4.83
C LEU A 48 -7.90 0.40 4.15
N VAL A 49 -8.58 1.23 4.93
CA VAL A 49 -9.28 2.39 4.39
C VAL A 49 -9.20 3.55 5.38
N PRO A 50 -9.15 4.78 4.89
CA PRO A 50 -9.16 5.98 5.74
C PRO A 50 -10.35 5.97 6.70
N GLY A 51 -10.05 5.83 7.98
CA GLY A 51 -11.10 5.73 8.96
C GLY A 51 -11.09 4.38 9.65
N ASP A 52 -10.47 3.41 8.99
CA ASP A 52 -10.27 2.08 9.55
C ASP A 52 -8.85 1.94 10.07
N ARG A 53 -8.32 0.72 10.09
CA ARG A 53 -7.02 0.49 10.68
C ARG A 53 -6.07 -0.12 9.66
N PHE A 54 -4.78 0.08 9.87
CA PHE A 54 -3.76 -0.56 9.04
C PHE A 54 -2.45 -0.62 9.81
N HIS A 55 -1.70 -1.70 9.63
CA HIS A 55 -0.42 -1.84 10.28
C HIS A 55 0.67 -2.02 9.24
N TYR A 56 1.66 -1.15 9.27
CA TYR A 56 2.77 -1.23 8.36
C TYR A 56 4.07 -1.41 9.13
N ILE A 57 4.56 -2.62 9.18
CA ILE A 57 5.77 -2.91 9.92
C ILE A 57 6.92 -3.19 8.97
N ASN A 58 7.80 -2.19 8.82
CA ASN A 58 8.99 -2.32 7.98
C ASN A 58 8.64 -2.65 6.53
N GLY A 59 7.46 -2.23 6.09
CA GLY A 59 7.04 -2.51 4.75
C GLY A 59 6.22 -3.79 4.64
N SER A 60 5.50 -4.13 5.69
CA SER A 60 4.62 -5.30 5.67
C SER A 60 3.20 -4.89 6.06
N LEU A 61 2.24 -5.24 5.22
CA LEU A 61 0.86 -4.82 5.42
C LEU A 61 0.05 -5.84 6.22
N PHE A 62 -0.39 -5.42 7.41
CA PHE A 62 -1.23 -6.25 8.27
C PHE A 62 -2.35 -5.39 8.84
N CYS A 63 -3.22 -6.00 9.64
CA CYS A 63 -4.29 -5.25 10.28
C CYS A 63 -4.46 -5.71 11.74
N GLU A 64 -5.40 -5.09 12.44
CA GLU A 64 -5.60 -5.37 13.86
C GLU A 64 -6.28 -6.73 14.06
N HIS A 65 -6.86 -7.27 13.00
CA HIS A 65 -7.59 -8.53 13.10
C HIS A 65 -6.63 -9.71 13.13
N ASP A 66 -5.36 -9.45 12.84
CA ASP A 66 -4.34 -10.50 12.90
C ASP A 66 -3.16 -10.07 13.77
N ARG A 67 -2.66 -8.86 13.54
CA ARG A 67 -1.62 -8.23 14.39
C ARG A 67 -0.45 -9.17 14.69
N PRO A 68 0.37 -9.52 13.68
CA PRO A 68 1.52 -10.38 13.86
C PRO A 68 2.81 -9.59 14.09
N THR A 69 3.93 -10.33 14.12
CA THR A 69 5.24 -9.76 14.39
C THR A 69 5.39 -9.45 15.87
N ALA A 70 6.40 -10.05 16.51
CA ALA A 70 6.65 -9.84 17.92
C ALA A 70 7.28 -8.48 18.18
N LEU A 71 6.80 -7.48 17.46
CA LEU A 71 7.31 -6.11 17.57
C LEU A 71 6.32 -5.14 16.97
N ILE A 72 5.06 -5.52 16.97
CA ILE A 72 3.98 -4.68 16.43
C ILE A 72 3.62 -3.59 17.44
N ASN A 73 4.07 -3.78 18.68
CA ASN A 73 3.87 -2.82 19.78
C ASN A 73 2.42 -2.78 20.26
N GLY A 74 2.24 -2.29 21.47
CA GLY A 74 0.92 -2.18 22.04
C GLY A 74 0.27 -0.86 21.70
N GLY A 75 -0.62 -0.88 20.72
CA GLY A 75 -1.32 0.33 20.33
C GLY A 75 -2.50 0.60 21.21
N SER A 76 -3.20 1.70 20.94
CA SER A 76 -4.37 2.08 21.71
C SER A 76 -5.57 1.20 21.37
N GLY A 77 -5.62 0.02 21.96
CA GLY A 77 -6.70 -0.91 21.74
C GLY A 77 -6.72 -1.43 20.32
N GLY A 78 -7.65 -0.93 19.53
CA GLY A 78 -7.79 -1.38 18.16
C GLY A 78 -7.58 -0.25 17.18
N SER A 79 -6.76 0.72 17.57
CA SER A 79 -6.39 1.82 16.69
C SER A 79 -4.91 2.13 16.81
N GLY A 80 -4.08 1.19 16.39
CA GLY A 80 -2.65 1.39 16.40
C GLY A 80 -2.21 2.40 15.35
N SER A 81 -2.81 2.30 14.16
CA SER A 81 -2.53 3.23 13.08
C SER A 81 -3.71 3.29 12.10
N ILE A 82 -4.06 4.49 11.69
CA ILE A 82 -5.16 4.70 10.74
C ILE A 82 -4.62 4.78 9.33
N ALA A 83 -5.31 4.10 8.41
CA ALA A 83 -4.89 4.07 7.00
C ALA A 83 -4.88 5.47 6.40
N PRO A 84 -3.90 5.75 5.52
CA PRO A 84 -3.78 7.05 4.85
C PRO A 84 -4.82 7.23 3.75
N PHE A 85 -4.59 8.21 2.89
CA PHE A 85 -5.51 8.50 1.80
C PHE A 85 -4.83 8.29 0.47
N PRO A 86 -5.57 7.82 -0.55
CA PRO A 86 -5.03 7.61 -1.88
C PRO A 86 -4.87 8.91 -2.66
N GLU A 87 -3.66 9.15 -3.15
CA GLU A 87 -3.36 10.33 -3.94
C GLU A 87 -2.64 9.92 -5.22
N ALA A 88 -2.78 10.71 -6.26
CA ALA A 88 -2.09 10.43 -7.52
C ALA A 88 -0.62 10.81 -7.42
N ALA A 89 0.24 9.80 -7.42
CA ALA A 89 1.68 10.03 -7.29
C ALA A 89 2.34 10.11 -8.66
N LEU A 90 3.47 9.44 -8.81
CA LEU A 90 4.19 9.42 -10.09
C LEU A 90 3.56 8.41 -11.04
N PRO A 91 3.26 8.82 -12.27
CA PRO A 91 2.65 7.95 -13.27
C PRO A 91 3.66 7.02 -13.93
N THR A 92 3.15 6.01 -14.61
CA THR A 92 3.99 5.04 -15.31
C THR A 92 4.55 5.64 -16.60
N SER A 93 5.56 4.99 -17.15
CA SER A 93 6.16 5.40 -18.41
C SER A 93 5.21 5.13 -19.56
N HIS A 94 5.07 6.11 -20.45
CA HIS A 94 4.20 5.95 -21.61
C HIS A 94 4.79 4.94 -22.58
N PRO A 95 3.98 3.94 -22.96
CA PRO A 95 4.42 2.82 -23.81
C PRO A 95 4.87 3.24 -25.20
N LYS A 96 5.41 2.27 -25.93
CA LYS A 96 5.97 2.50 -27.25
C LYS A 96 4.88 2.55 -28.30
N GLY A 1 19.00 -8.06 -15.07
CA GLY A 1 18.17 -7.20 -15.94
C GLY A 1 16.86 -7.86 -16.32
N SER A 2 16.21 -7.29 -17.34
CA SER A 2 14.94 -7.82 -17.86
C SER A 2 13.87 -7.88 -16.75
N TYR A 3 13.57 -6.73 -16.16
CA TYR A 3 12.54 -6.65 -15.14
C TYR A 3 11.63 -5.46 -15.41
N ILE A 4 10.35 -5.74 -15.58
CA ILE A 4 9.36 -4.69 -15.83
C ILE A 4 8.20 -4.82 -14.85
N ARG A 5 7.86 -3.72 -14.20
CA ARG A 5 6.71 -3.67 -13.31
C ARG A 5 5.81 -2.50 -13.68
N LEU A 6 5.98 -1.99 -14.89
CA LEU A 6 5.20 -0.86 -15.36
C LEU A 6 5.28 -0.77 -16.88
N PHE A 7 4.31 -0.10 -17.49
CA PHE A 7 4.28 0.09 -18.93
C PHE A 7 5.48 0.91 -19.41
N GLY A 8 5.56 2.15 -18.97
CA GLY A 8 6.67 3.01 -19.34
C GLY A 8 7.77 3.03 -18.30
N ASN A 9 7.64 2.14 -17.32
CA ASN A 9 8.60 2.03 -16.20
C ASN A 9 8.66 3.32 -15.38
N SER A 10 7.89 3.36 -14.32
CA SER A 10 7.87 4.49 -13.40
C SER A 10 7.60 3.99 -11.99
N GLY A 11 6.90 4.77 -11.18
CA GLY A 11 6.55 4.33 -9.84
C GLY A 11 5.40 3.35 -9.85
N ALA A 12 5.68 2.09 -9.56
CA ALA A 12 4.67 1.05 -9.62
C ALA A 12 4.33 0.54 -8.22
N CYS A 13 3.09 0.08 -8.06
CA CYS A 13 2.65 -0.53 -6.82
C CYS A 13 3.27 -1.92 -6.70
N SER A 14 3.90 -2.19 -5.57
CA SER A 14 4.66 -3.41 -5.38
C SER A 14 3.74 -4.61 -5.13
N ALA A 15 2.45 -4.36 -5.02
CA ALA A 15 1.50 -5.42 -4.73
C ALA A 15 1.08 -6.12 -6.02
N CYS A 16 0.75 -5.34 -7.04
CA CYS A 16 0.30 -5.93 -8.30
C CYS A 16 1.33 -5.72 -9.40
N GLY A 17 1.43 -4.50 -9.91
CA GLY A 17 2.31 -4.19 -11.00
C GLY A 17 1.63 -3.35 -12.06
N GLN A 18 0.41 -2.91 -11.75
CA GLN A 18 -0.34 -2.06 -12.65
C GLN A 18 0.23 -0.65 -12.65
N SER A 19 0.45 -0.12 -13.84
CA SER A 19 0.90 1.27 -13.98
C SER A 19 -0.23 2.21 -13.58
N ILE A 20 0.05 3.05 -12.59
CA ILE A 20 -0.97 3.92 -11.99
C ILE A 20 -1.33 5.10 -12.90
N PRO A 21 -2.57 5.12 -13.41
CA PRO A 21 -3.14 6.29 -14.06
C PRO A 21 -3.66 7.29 -13.02
N ALA A 22 -3.97 8.51 -13.46
CA ALA A 22 -4.49 9.52 -12.55
C ALA A 22 -5.95 9.25 -12.20
N SER A 23 -6.50 8.19 -12.78
CA SER A 23 -7.87 7.79 -12.53
C SER A 23 -7.96 6.88 -11.30
N GLU A 24 -6.88 6.14 -11.05
CA GLU A 24 -6.84 5.20 -9.95
C GLU A 24 -6.40 5.91 -8.66
N LEU A 25 -6.45 5.18 -7.56
CA LEU A 25 -6.09 5.75 -6.27
C LEU A 25 -5.01 4.90 -5.60
N VAL A 26 -3.94 5.56 -5.17
CA VAL A 26 -2.84 4.88 -4.49
C VAL A 26 -2.55 5.52 -3.14
N MET A 27 -2.11 4.71 -2.20
CA MET A 27 -1.72 5.18 -0.88
C MET A 27 -0.20 5.17 -0.75
N ARG A 28 0.33 6.00 0.13
CA ARG A 28 1.76 6.06 0.33
C ARG A 28 2.13 5.54 1.72
N ALA A 29 2.56 4.28 1.78
CA ALA A 29 2.97 3.68 3.04
C ALA A 29 4.38 4.11 3.39
N GLN A 30 5.22 4.24 2.36
CA GLN A 30 6.60 4.67 2.56
C GLN A 30 7.10 5.37 1.30
N GLY A 31 8.23 4.93 0.78
CA GLY A 31 8.78 5.51 -0.42
C GLY A 31 8.06 5.01 -1.67
N ASN A 32 7.51 3.81 -1.57
CA ASN A 32 6.75 3.24 -2.68
C ASN A 32 5.26 3.34 -2.42
N VAL A 33 4.47 3.19 -3.48
CA VAL A 33 3.03 3.34 -3.37
C VAL A 33 2.34 1.98 -3.38
N TYR A 34 1.10 1.98 -2.90
CA TYR A 34 0.26 0.80 -2.93
C TYR A 34 -1.13 1.21 -3.35
N HIS A 35 -1.81 0.39 -4.13
CA HIS A 35 -3.14 0.73 -4.62
C HIS A 35 -4.18 0.74 -3.51
N LEU A 36 -5.31 1.39 -3.75
CA LEU A 36 -6.43 1.35 -2.82
C LEU A 36 -7.02 -0.07 -2.77
N LYS A 37 -6.87 -0.80 -3.87
CA LYS A 37 -7.35 -2.17 -3.95
C LYS A 37 -6.27 -3.15 -3.47
N CYS A 38 -5.02 -2.72 -3.54
CA CYS A 38 -3.90 -3.58 -3.20
C CYS A 38 -3.47 -3.39 -1.74
N PHE A 39 -3.87 -2.27 -1.15
CA PHE A 39 -3.59 -1.99 0.26
C PHE A 39 -4.35 -2.96 1.15
N THR A 40 -3.79 -4.12 1.34
CA THR A 40 -4.41 -5.16 2.13
C THR A 40 -3.36 -5.80 3.04
N CYS A 41 -3.80 -6.48 4.09
CA CYS A 41 -2.88 -7.11 5.02
C CYS A 41 -2.22 -8.33 4.38
N SER A 42 -1.00 -8.61 4.79
CA SER A 42 -0.26 -9.75 4.30
C SER A 42 -0.57 -10.99 5.13
N THR A 43 -1.38 -10.81 6.16
CA THR A 43 -1.72 -11.90 7.06
C THR A 43 -2.97 -12.64 6.60
N CYS A 44 -4.05 -11.92 6.40
CA CYS A 44 -5.33 -12.52 6.10
C CYS A 44 -5.94 -12.01 4.79
N ARG A 45 -5.46 -10.83 4.36
CA ARG A 45 -5.92 -10.18 3.13
C ARG A 45 -7.23 -9.42 3.37
N ASN A 46 -7.24 -8.59 4.40
CA ASN A 46 -8.32 -7.64 4.62
C ASN A 46 -7.89 -6.29 4.07
N ARG A 47 -8.84 -5.50 3.65
CA ARG A 47 -8.53 -4.22 3.03
C ARG A 47 -8.36 -3.13 4.08
N LEU A 48 -7.26 -2.40 4.00
CA LEU A 48 -7.06 -1.24 4.86
C LEU A 48 -7.89 -0.08 4.33
N VAL A 49 -8.20 0.90 5.17
CA VAL A 49 -9.18 1.89 4.79
C VAL A 49 -8.70 3.30 5.11
N PRO A 50 -8.95 4.25 4.20
CA PRO A 50 -8.59 5.65 4.39
C PRO A 50 -9.19 6.22 5.67
N GLY A 51 -8.33 6.71 6.55
CA GLY A 51 -8.80 7.28 7.79
C GLY A 51 -8.87 6.25 8.91
N ASP A 52 -8.55 5.01 8.59
CA ASP A 52 -8.53 3.95 9.59
C ASP A 52 -7.11 3.47 9.83
N ARG A 53 -6.95 2.51 10.70
CA ARG A 53 -5.62 2.11 11.15
C ARG A 53 -5.00 1.04 10.24
N PHE A 54 -3.68 1.08 10.15
CA PHE A 54 -2.93 0.08 9.40
C PHE A 54 -1.57 -0.08 10.07
N HIS A 55 -1.04 -1.30 10.06
CA HIS A 55 0.21 -1.57 10.76
C HIS A 55 1.31 -1.95 9.77
N TYR A 56 2.40 -1.20 9.78
CA TYR A 56 3.55 -1.53 8.98
C TYR A 56 4.70 -1.91 9.91
N ILE A 57 4.92 -3.21 10.06
CA ILE A 57 5.91 -3.71 10.98
C ILE A 57 6.92 -4.59 10.26
N ASN A 58 8.20 -4.24 10.37
CA ASN A 58 9.28 -4.97 9.72
C ASN A 58 9.10 -4.95 8.22
N GLY A 59 8.56 -3.85 7.72
CA GLY A 59 8.32 -3.70 6.30
C GLY A 59 7.21 -4.59 5.78
N SER A 60 6.19 -4.82 6.60
CA SER A 60 5.10 -5.71 6.22
C SER A 60 3.76 -5.04 6.50
N LEU A 61 2.72 -5.45 5.76
CA LEU A 61 1.40 -4.85 5.89
C LEU A 61 0.53 -5.69 6.82
N PHE A 62 0.17 -5.12 7.95
CA PHE A 62 -0.68 -5.79 8.93
C PHE A 62 -1.96 -5.00 9.16
N CYS A 63 -2.97 -5.70 9.62
CA CYS A 63 -4.28 -5.14 9.80
C CYS A 63 -4.48 -4.59 11.21
N GLU A 64 -5.36 -3.61 11.34
CA GLU A 64 -5.93 -3.28 12.64
C GLU A 64 -7.06 -4.25 12.94
N HIS A 65 -7.63 -4.79 11.86
CA HIS A 65 -8.84 -5.60 11.94
C HIS A 65 -8.54 -7.04 12.34
N ASP A 66 -7.62 -7.67 11.63
CA ASP A 66 -7.27 -9.06 11.90
C ASP A 66 -5.82 -9.12 12.39
N ARG A 67 -5.45 -8.07 13.12
CA ARG A 67 -4.07 -7.84 13.58
C ARG A 67 -3.46 -9.08 14.22
N PRO A 68 -2.26 -9.46 13.77
CA PRO A 68 -1.53 -10.61 14.31
C PRO A 68 -1.11 -10.40 15.76
N THR A 69 -1.21 -11.46 16.55
CA THR A 69 -0.86 -11.40 17.96
C THR A 69 0.61 -11.73 18.19
N ALA A 70 1.31 -12.08 17.12
CA ALA A 70 2.71 -12.49 17.22
C ALA A 70 3.66 -11.34 16.90
N LEU A 71 3.76 -11.00 15.62
CA LEU A 71 4.71 -9.97 15.18
C LEU A 71 4.11 -8.57 15.32
N ILE A 72 4.24 -8.00 16.51
CA ILE A 72 3.77 -6.66 16.78
C ILE A 72 4.74 -5.95 17.73
N ASN A 73 5.03 -4.68 17.45
CA ASN A 73 5.94 -3.92 18.28
C ASN A 73 5.19 -3.26 19.44
N GLY A 74 4.34 -4.04 20.09
CA GLY A 74 3.57 -3.53 21.21
C GLY A 74 2.12 -3.30 20.85
N GLY A 75 1.24 -3.51 21.82
CA GLY A 75 -0.18 -3.31 21.59
C GLY A 75 -0.75 -2.23 22.47
N SER A 76 0.01 -1.15 22.62
CA SER A 76 -0.40 -0.05 23.47
C SER A 76 -1.26 0.97 22.70
N GLY A 77 -2.02 0.46 21.74
CA GLY A 77 -2.90 1.31 20.96
C GLY A 77 -2.18 2.06 19.87
N GLY A 78 -1.44 3.09 20.26
CA GLY A 78 -0.78 3.96 19.29
C GLY A 78 0.54 3.41 18.78
N SER A 79 0.60 2.11 18.59
CA SER A 79 1.79 1.48 18.04
C SER A 79 1.66 1.38 16.52
N GLY A 80 0.43 1.45 16.04
CA GLY A 80 0.17 1.40 14.62
C GLY A 80 -0.17 2.75 14.04
N SER A 81 -0.26 2.83 12.73
CA SER A 81 -0.50 4.09 12.06
C SER A 81 -1.88 4.13 11.43
N ILE A 82 -2.18 5.21 10.72
CA ILE A 82 -3.43 5.37 10.00
C ILE A 82 -3.16 5.34 8.52
N ALA A 83 -3.97 4.60 7.77
CA ALA A 83 -3.85 4.53 6.33
C ALA A 83 -4.00 5.93 5.74
N PRO A 84 -2.90 6.46 5.16
CA PRO A 84 -2.83 7.85 4.69
C PRO A 84 -4.05 8.27 3.90
N PHE A 85 -4.15 7.75 2.68
CA PHE A 85 -5.25 8.03 1.79
C PHE A 85 -4.93 7.51 0.39
N PRO A 86 -5.93 6.91 -0.28
CA PRO A 86 -5.79 6.54 -1.67
C PRO A 86 -6.15 7.70 -2.58
N GLU A 87 -5.14 8.28 -3.19
CA GLU A 87 -5.32 9.47 -4.01
C GLU A 87 -4.68 9.28 -5.37
N ALA A 88 -4.97 10.19 -6.28
CA ALA A 88 -4.37 10.16 -7.60
C ALA A 88 -2.93 10.68 -7.55
N ALA A 89 -1.98 9.78 -7.75
CA ALA A 89 -0.57 10.14 -7.72
C ALA A 89 -0.10 10.57 -9.10
N LEU A 90 1.22 10.70 -9.25
CA LEU A 90 1.81 11.09 -10.51
C LEU A 90 1.55 10.02 -11.57
N PRO A 91 0.89 10.40 -12.66
CA PRO A 91 0.59 9.49 -13.77
C PRO A 91 1.87 8.87 -14.34
N THR A 92 1.87 7.55 -14.42
CA THR A 92 3.04 6.81 -14.86
C THR A 92 3.11 6.71 -16.38
N SER A 93 4.31 6.42 -16.89
CA SER A 93 4.55 6.29 -18.33
C SER A 93 4.34 7.64 -19.04
N HIS A 94 3.91 7.59 -20.30
CA HIS A 94 3.69 8.80 -21.07
C HIS A 94 2.29 8.80 -21.67
N PRO A 95 1.32 9.40 -20.95
CA PRO A 95 -0.07 9.46 -21.40
C PRO A 95 -0.25 10.39 -22.61
N LYS A 96 -1.02 9.93 -23.60
CA LYS A 96 -1.30 10.72 -24.78
C LYS A 96 -2.42 11.71 -24.49
N GLY A 1 11.81 -6.02 -25.97
CA GLY A 1 11.43 -6.92 -24.87
C GLY A 1 9.94 -6.96 -24.68
N SER A 2 9.47 -7.90 -23.86
CA SER A 2 8.06 -8.05 -23.58
C SER A 2 7.85 -8.28 -22.10
N TYR A 3 6.60 -8.57 -21.73
CA TYR A 3 6.24 -8.87 -20.34
C TYR A 3 6.53 -7.68 -19.43
N ILE A 4 6.13 -6.49 -19.88
CA ILE A 4 6.33 -5.28 -19.10
C ILE A 4 5.03 -4.89 -18.41
N ARG A 5 4.89 -5.33 -17.16
CA ARG A 5 3.66 -5.14 -16.41
C ARG A 5 3.54 -3.70 -15.93
N LEU A 6 4.67 -3.02 -15.85
CA LEU A 6 4.71 -1.67 -15.32
C LEU A 6 4.37 -0.63 -16.39
N PHE A 7 3.88 -1.12 -17.54
CA PHE A 7 3.43 -0.26 -18.66
C PHE A 7 4.47 0.80 -19.01
N GLY A 8 5.44 0.41 -19.83
CA GLY A 8 6.53 1.32 -20.14
C GLY A 8 7.59 1.27 -19.05
N ASN A 9 7.18 0.73 -17.90
CA ASN A 9 8.06 0.51 -16.77
C ASN A 9 8.46 1.81 -16.10
N SER A 10 7.45 2.58 -15.74
CA SER A 10 7.66 3.84 -15.04
C SER A 10 7.31 3.69 -13.56
N GLY A 11 6.08 3.31 -13.28
CA GLY A 11 5.63 3.17 -11.91
C GLY A 11 4.48 2.21 -11.75
N ALA A 12 4.50 1.44 -10.67
CA ALA A 12 3.46 0.47 -10.39
C ALA A 12 3.37 0.24 -8.89
N CYS A 13 2.35 -0.48 -8.45
CA CYS A 13 2.17 -0.77 -7.02
C CYS A 13 2.78 -2.13 -6.69
N SER A 14 3.35 -2.24 -5.50
CA SER A 14 4.06 -3.45 -5.12
C SER A 14 3.11 -4.54 -4.62
N ALA A 15 1.81 -4.30 -4.73
CA ALA A 15 0.83 -5.27 -4.30
C ALA A 15 0.33 -6.11 -5.48
N CYS A 16 -0.25 -5.44 -6.48
CA CYS A 16 -0.73 -6.13 -7.66
C CYS A 16 0.35 -6.15 -8.74
N GLY A 17 1.09 -5.05 -8.83
CA GLY A 17 2.14 -4.94 -9.80
C GLY A 17 1.71 -4.19 -11.04
N GLN A 18 0.43 -3.80 -11.09
CA GLN A 18 -0.09 -3.08 -12.24
C GLN A 18 0.27 -1.59 -12.14
N SER A 19 0.24 -0.94 -13.29
CA SER A 19 0.67 0.44 -13.43
C SER A 19 -0.24 1.43 -12.69
N ILE A 20 0.25 2.63 -12.50
CA ILE A 20 -0.50 3.69 -11.82
C ILE A 20 -0.84 4.81 -12.79
N PRO A 21 -2.08 4.84 -13.30
CA PRO A 21 -2.57 5.91 -14.13
C PRO A 21 -2.93 7.14 -13.29
N ALA A 22 -2.99 8.30 -13.92
CA ALA A 22 -3.34 9.54 -13.21
C ALA A 22 -4.81 9.54 -12.80
N SER A 23 -5.55 8.57 -13.32
CA SER A 23 -6.97 8.43 -13.02
C SER A 23 -7.18 7.66 -11.73
N GLU A 24 -6.12 7.02 -11.23
CA GLU A 24 -6.21 6.23 -10.02
C GLU A 24 -5.30 6.82 -8.95
N LEU A 25 -5.71 6.68 -7.71
CA LEU A 25 -4.94 7.21 -6.59
C LEU A 25 -4.31 6.05 -5.82
N VAL A 26 -3.08 6.26 -5.35
CA VAL A 26 -2.36 5.22 -4.64
C VAL A 26 -2.09 5.63 -3.20
N MET A 27 -2.23 4.67 -2.30
CA MET A 27 -1.96 4.89 -0.90
C MET A 27 -0.47 4.69 -0.62
N ARG A 28 0.17 5.72 -0.10
CA ARG A 28 1.60 5.66 0.18
C ARG A 28 1.85 5.72 1.68
N ALA A 29 2.83 4.96 2.14
CA ALA A 29 3.18 4.94 3.55
C ALA A 29 4.60 5.42 3.75
N GLN A 30 5.56 4.55 3.45
CA GLN A 30 6.97 4.90 3.54
C GLN A 30 7.44 5.45 2.19
N GLY A 31 7.99 4.58 1.35
CA GLY A 31 8.40 5.00 0.03
C GLY A 31 7.67 4.21 -1.04
N ASN A 32 6.81 3.30 -0.60
CA ASN A 32 6.09 2.43 -1.50
C ASN A 32 4.64 2.90 -1.66
N VAL A 33 3.98 2.40 -2.70
CA VAL A 33 2.61 2.79 -2.99
C VAL A 33 1.78 1.56 -3.32
N TYR A 34 0.50 1.61 -2.98
CA TYR A 34 -0.44 0.53 -3.29
C TYR A 34 -1.76 1.13 -3.76
N HIS A 35 -2.44 0.44 -4.67
CA HIS A 35 -3.72 0.92 -5.19
C HIS A 35 -4.81 0.77 -4.13
N LEU A 36 -5.97 1.37 -4.37
CA LEU A 36 -7.09 1.28 -3.45
C LEU A 36 -7.57 -0.17 -3.30
N LYS A 37 -7.44 -0.93 -4.38
CA LYS A 37 -7.85 -2.33 -4.39
C LYS A 37 -6.69 -3.23 -3.95
N CYS A 38 -5.56 -2.63 -3.63
CA CYS A 38 -4.36 -3.37 -3.28
C CYS A 38 -3.92 -3.08 -1.84
N PHE A 39 -4.53 -2.08 -1.23
CA PHE A 39 -4.26 -1.75 0.16
C PHE A 39 -4.93 -2.76 1.08
N THR A 40 -4.40 -3.98 1.07
CA THR A 40 -4.93 -5.07 1.85
C THR A 40 -3.79 -5.88 2.44
N CYS A 41 -4.02 -6.54 3.57
CA CYS A 41 -2.98 -7.35 4.18
C CYS A 41 -2.72 -8.61 3.36
N SER A 42 -1.52 -9.13 3.45
CA SER A 42 -1.19 -10.36 2.74
C SER A 42 -1.61 -11.58 3.55
N THR A 43 -2.03 -11.34 4.78
CA THR A 43 -2.42 -12.43 5.67
C THR A 43 -3.90 -12.77 5.52
N CYS A 44 -4.78 -11.76 5.61
CA CYS A 44 -6.22 -12.00 5.53
C CYS A 44 -6.84 -11.27 4.34
N ARG A 45 -6.04 -10.45 3.66
CA ARG A 45 -6.50 -9.67 2.51
C ARG A 45 -7.61 -8.71 2.92
N ASN A 46 -7.49 -8.17 4.13
CA ASN A 46 -8.47 -7.23 4.65
C ASN A 46 -8.19 -5.84 4.09
N ARG A 47 -9.22 -5.19 3.59
CA ARG A 47 -9.08 -3.87 2.99
C ARG A 47 -8.83 -2.81 4.05
N LEU A 48 -7.65 -2.19 4.01
CA LEU A 48 -7.32 -1.13 4.95
C LEU A 48 -8.06 0.15 4.54
N VAL A 49 -8.56 0.87 5.52
CA VAL A 49 -9.47 1.98 5.24
C VAL A 49 -9.06 3.25 5.98
N PRO A 50 -9.03 4.39 5.28
CA PRO A 50 -8.82 5.69 5.90
C PRO A 50 -9.93 5.98 6.91
N GLY A 51 -9.56 6.03 8.18
CA GLY A 51 -10.53 6.17 9.24
C GLY A 51 -10.46 4.99 10.19
N ASP A 52 -9.93 3.89 9.68
CA ASP A 52 -9.72 2.71 10.49
C ASP A 52 -8.24 2.47 10.68
N ARG A 53 -7.89 1.36 11.32
CA ARG A 53 -6.51 1.09 11.68
C ARG A 53 -5.86 0.15 10.68
N PHE A 54 -4.57 0.32 10.48
CA PHE A 54 -3.79 -0.55 9.62
C PHE A 54 -2.40 -0.75 10.21
N HIS A 55 -1.75 -1.84 9.84
CA HIS A 55 -0.43 -2.13 10.37
C HIS A 55 0.60 -2.16 9.26
N TYR A 56 1.57 -1.25 9.34
CA TYR A 56 2.66 -1.19 8.38
C TYR A 56 3.97 -1.42 9.12
N ILE A 57 4.51 -2.62 9.01
CA ILE A 57 5.72 -2.97 9.71
C ILE A 57 6.77 -3.49 8.74
N ASN A 58 7.84 -2.72 8.59
CA ASN A 58 8.94 -3.07 7.69
C ASN A 58 8.45 -3.27 6.26
N GLY A 59 7.53 -2.40 5.84
CA GLY A 59 7.03 -2.47 4.47
C GLY A 59 6.05 -3.60 4.26
N SER A 60 5.28 -3.94 5.27
CA SER A 60 4.31 -5.02 5.16
C SER A 60 2.94 -4.53 5.57
N LEU A 61 1.91 -5.05 4.92
CA LEU A 61 0.54 -4.62 5.17
C LEU A 61 -0.19 -5.61 6.06
N PHE A 62 -0.72 -5.12 7.16
CA PHE A 62 -1.54 -5.91 8.07
C PHE A 62 -2.77 -5.11 8.49
N CYS A 63 -3.77 -5.79 9.04
CA CYS A 63 -5.01 -5.13 9.40
C CYS A 63 -5.23 -5.11 10.91
N GLU A 64 -6.45 -4.77 11.31
CA GLU A 64 -6.84 -4.77 12.72
C GLU A 64 -7.06 -6.20 13.20
N HIS A 65 -7.47 -7.06 12.28
CA HIS A 65 -7.66 -8.47 12.58
C HIS A 65 -6.31 -9.15 12.71
N ASP A 66 -5.35 -8.63 11.97
CA ASP A 66 -3.97 -9.08 12.05
C ASP A 66 -3.38 -8.74 13.41
N ARG A 67 -2.96 -7.48 13.53
CA ARG A 67 -2.32 -6.98 14.75
C ARG A 67 -1.21 -7.92 15.23
N PRO A 68 -0.18 -8.14 14.39
CA PRO A 68 0.91 -9.09 14.69
C PRO A 68 1.75 -8.64 15.87
N THR A 69 1.38 -9.10 17.06
CA THR A 69 2.07 -8.73 18.29
C THR A 69 3.40 -9.48 18.42
N ALA A 70 4.26 -9.30 17.45
CA ALA A 70 5.56 -9.95 17.46
C ALA A 70 6.67 -8.92 17.31
N LEU A 71 6.72 -8.28 16.15
CA LEU A 71 7.73 -7.26 15.89
C LEU A 71 7.07 -5.90 15.69
N ILE A 72 6.09 -5.60 16.54
CA ILE A 72 5.37 -4.34 16.45
C ILE A 72 6.22 -3.19 16.97
N ASN A 73 5.96 -1.99 16.46
CA ASN A 73 6.76 -0.83 16.84
C ASN A 73 6.30 -0.26 18.18
N GLY A 74 6.70 -0.93 19.26
CA GLY A 74 6.41 -0.45 20.59
C GLY A 74 5.17 -1.10 21.17
N GLY A 75 4.03 -0.89 20.53
CA GLY A 75 2.79 -1.42 21.04
C GLY A 75 2.14 -0.47 22.01
N SER A 76 2.27 -0.77 23.30
CA SER A 76 1.82 0.10 24.37
C SER A 76 0.31 0.38 24.27
N GLY A 77 -0.46 -0.65 23.91
CA GLY A 77 -1.90 -0.51 23.83
C GLY A 77 -2.44 -0.77 22.43
N GLY A 78 -3.02 0.27 21.83
CA GLY A 78 -3.60 0.12 20.51
C GLY A 78 -2.63 0.42 19.39
N SER A 79 -1.62 -0.43 19.24
CA SER A 79 -0.65 -0.28 18.16
C SER A 79 -1.33 -0.34 16.79
N GLY A 80 -0.86 0.47 15.85
CA GLY A 80 -1.46 0.54 14.55
C GLY A 80 -1.94 1.94 14.21
N SER A 81 -1.52 2.45 13.07
CA SER A 81 -1.89 3.79 12.66
C SER A 81 -3.15 3.76 11.79
N ILE A 82 -3.73 4.93 11.56
CA ILE A 82 -4.86 5.06 10.67
C ILE A 82 -4.38 5.00 9.23
N ALA A 83 -5.02 4.16 8.42
CA ALA A 83 -4.62 3.96 7.03
C ALA A 83 -4.62 5.28 6.27
N PRO A 84 -3.52 5.57 5.54
CA PRO A 84 -3.39 6.79 4.75
C PRO A 84 -4.41 6.85 3.62
N PHE A 85 -4.61 8.04 3.09
CA PHE A 85 -5.56 8.24 2.01
C PHE A 85 -4.86 8.04 0.66
N PRO A 86 -5.61 7.63 -0.36
CA PRO A 86 -5.06 7.48 -1.72
C PRO A 86 -4.74 8.83 -2.35
N GLU A 87 -3.50 8.97 -2.81
CA GLU A 87 -3.06 10.21 -3.45
C GLU A 87 -2.45 9.92 -4.82
N ALA A 88 -2.37 10.94 -5.66
CA ALA A 88 -1.76 10.80 -6.96
C ALA A 88 -0.23 10.86 -6.81
N ALA A 89 0.43 9.82 -7.29
CA ALA A 89 1.89 9.73 -7.15
C ALA A 89 2.58 10.05 -8.46
N LEU A 90 3.12 9.03 -9.13
CA LEU A 90 3.81 9.21 -10.39
C LEU A 90 3.06 8.48 -11.50
N PRO A 91 2.57 9.22 -12.50
CA PRO A 91 1.79 8.65 -13.59
C PRO A 91 2.63 7.74 -14.50
N THR A 92 2.08 6.57 -14.78
CA THR A 92 2.68 5.63 -15.70
C THR A 92 2.88 6.27 -17.09
N SER A 93 4.00 5.92 -17.73
CA SER A 93 4.35 6.52 -19.00
C SER A 93 3.95 5.62 -20.17
N HIS A 94 3.75 6.22 -21.34
CA HIS A 94 3.43 5.47 -22.54
C HIS A 94 4.66 4.69 -23.00
N PRO A 95 4.46 3.47 -23.52
CA PRO A 95 5.55 2.59 -23.95
C PRO A 95 6.19 3.04 -25.26
N LYS A 96 6.95 4.12 -25.20
CA LYS A 96 7.67 4.61 -26.37
C LYS A 96 8.95 3.81 -26.57
N GLY A 1 9.21 2.47 -6.52
CA GLY A 1 8.91 1.24 -7.28
C GLY A 1 9.85 0.12 -6.91
N SER A 2 9.29 -1.05 -6.59
CA SER A 2 10.08 -2.18 -6.17
C SER A 2 10.65 -2.93 -7.38
N TYR A 3 9.78 -3.39 -8.27
CA TYR A 3 10.21 -4.16 -9.41
C TYR A 3 9.41 -3.80 -10.66
N ILE A 4 9.82 -4.32 -11.80
CA ILE A 4 9.19 -4.01 -13.07
C ILE A 4 8.02 -4.94 -13.35
N ARG A 5 6.82 -4.41 -13.24
CA ARG A 5 5.60 -5.15 -13.57
C ARG A 5 4.71 -4.30 -14.47
N LEU A 6 5.25 -3.18 -14.93
CA LEU A 6 4.47 -2.16 -15.61
C LEU A 6 4.98 -1.90 -17.03
N PHE A 7 4.33 -0.98 -17.71
CA PHE A 7 4.76 -0.54 -19.03
C PHE A 7 5.37 0.85 -18.92
N GLY A 8 6.44 1.10 -19.68
CA GLY A 8 7.09 2.39 -19.65
C GLY A 8 8.09 2.52 -18.52
N ASN A 9 7.73 1.99 -17.35
CA ASN A 9 8.60 1.93 -16.17
C ASN A 9 8.61 3.25 -15.40
N SER A 10 7.48 3.94 -15.39
CA SER A 10 7.35 5.18 -14.63
C SER A 10 6.09 5.16 -13.75
N GLY A 11 6.08 4.29 -12.75
CA GLY A 11 4.96 4.27 -11.81
C GLY A 11 4.20 2.95 -11.83
N ALA A 12 4.51 2.08 -10.87
CA ALA A 12 3.84 0.78 -10.79
C ALA A 12 3.53 0.44 -9.34
N CYS A 13 2.54 -0.41 -9.16
CA CYS A 13 2.10 -0.89 -7.86
C CYS A 13 3.14 -1.82 -7.24
N SER A 14 3.23 -1.75 -5.92
CA SER A 14 4.06 -2.69 -5.18
C SER A 14 3.20 -3.88 -4.73
N ALA A 15 1.96 -3.94 -5.23
CA ALA A 15 1.06 -5.02 -4.88
C ALA A 15 0.60 -5.79 -6.13
N CYS A 16 -0.04 -5.09 -7.07
CA CYS A 16 -0.51 -5.78 -8.28
C CYS A 16 0.52 -5.68 -9.39
N GLY A 17 0.60 -4.52 -10.03
CA GLY A 17 1.60 -4.32 -11.06
C GLY A 17 1.12 -3.43 -12.19
N GLN A 18 -0.13 -3.02 -12.13
CA GLN A 18 -0.67 -2.15 -13.18
C GLN A 18 0.05 -0.81 -13.20
N SER A 19 0.52 -0.42 -14.38
CA SER A 19 1.09 0.91 -14.59
C SER A 19 0.07 1.96 -14.19
N ILE A 20 0.43 2.80 -13.23
CA ILE A 20 -0.49 3.76 -12.63
C ILE A 20 -0.76 4.95 -13.55
N PRO A 21 -2.00 5.06 -14.05
CA PRO A 21 -2.46 6.22 -14.81
C PRO A 21 -2.78 7.39 -13.89
N ALA A 22 -2.96 8.58 -14.45
CA ALA A 22 -3.26 9.76 -13.65
C ALA A 22 -4.69 9.74 -13.14
N SER A 23 -5.44 8.71 -13.54
CA SER A 23 -6.82 8.57 -13.13
C SER A 23 -6.96 7.49 -12.06
N GLU A 24 -5.83 7.00 -11.57
CA GLU A 24 -5.82 6.00 -10.50
C GLU A 24 -5.10 6.54 -9.28
N LEU A 25 -5.69 6.34 -8.13
CA LEU A 25 -5.13 6.84 -6.89
C LEU A 25 -4.40 5.73 -6.15
N VAL A 26 -3.22 6.05 -5.63
CA VAL A 26 -2.42 5.08 -4.92
C VAL A 26 -2.27 5.48 -3.45
N MET A 27 -2.41 4.51 -2.58
CA MET A 27 -2.30 4.73 -1.15
C MET A 27 -0.85 4.71 -0.72
N ARG A 28 -0.41 5.79 -0.10
CA ARG A 28 0.98 5.92 0.31
C ARG A 28 1.18 5.39 1.73
N ALA A 29 2.05 4.41 1.85
CA ALA A 29 2.41 3.89 3.16
C ALA A 29 3.79 4.39 3.56
N GLN A 30 4.60 4.67 2.55
CA GLN A 30 5.97 5.13 2.74
C GLN A 30 6.60 5.37 1.37
N GLY A 31 7.79 4.80 1.14
CA GLY A 31 8.39 4.86 -0.18
C GLY A 31 7.75 3.86 -1.11
N ASN A 32 6.92 3.00 -0.55
CA ASN A 32 6.18 2.00 -1.32
C ASN A 32 4.74 2.46 -1.50
N VAL A 33 4.19 2.21 -2.68
CA VAL A 33 2.83 2.64 -2.98
C VAL A 33 1.98 1.47 -3.46
N TYR A 34 0.73 1.47 -3.03
CA TYR A 34 -0.24 0.45 -3.43
C TYR A 34 -1.49 1.13 -3.93
N HIS A 35 -2.42 0.38 -4.46
CA HIS A 35 -3.69 0.94 -4.91
C HIS A 35 -4.65 1.01 -3.75
N LEU A 36 -5.78 1.69 -3.95
CA LEU A 36 -6.84 1.71 -2.95
C LEU A 36 -7.49 0.32 -2.87
N LYS A 37 -7.36 -0.44 -3.95
CA LYS A 37 -7.85 -1.80 -4.00
C LYS A 37 -6.76 -2.78 -3.55
N CYS A 38 -5.51 -2.31 -3.57
CA CYS A 38 -4.37 -3.15 -3.25
C CYS A 38 -3.88 -2.89 -1.81
N PHE A 39 -4.65 -2.10 -1.07
CA PHE A 39 -4.33 -1.81 0.32
C PHE A 39 -4.98 -2.84 1.23
N THR A 40 -4.43 -4.05 1.22
CA THR A 40 -4.94 -5.14 2.03
C THR A 40 -3.79 -5.85 2.75
N CYS A 41 -4.08 -6.51 3.87
CA CYS A 41 -3.06 -7.24 4.61
C CYS A 41 -2.66 -8.51 3.87
N SER A 42 -1.44 -8.96 4.10
CA SER A 42 -0.92 -10.11 3.39
C SER A 42 -1.34 -11.43 4.07
N THR A 43 -2.12 -11.36 5.12
CA THR A 43 -2.54 -12.56 5.84
C THR A 43 -4.03 -12.86 5.63
N CYS A 44 -4.89 -11.88 5.86
CA CYS A 44 -6.32 -12.09 5.73
C CYS A 44 -6.89 -11.31 4.56
N ARG A 45 -6.06 -10.43 4.01
CA ARG A 45 -6.44 -9.56 2.92
C ARG A 45 -7.63 -8.69 3.31
N ASN A 46 -7.65 -8.28 4.57
CA ASN A 46 -8.66 -7.35 5.04
C ASN A 46 -8.33 -5.96 4.50
N ARG A 47 -9.26 -5.39 3.74
CA ARG A 47 -9.03 -4.08 3.15
C ARG A 47 -8.96 -3.00 4.24
N LEU A 48 -7.88 -2.26 4.25
CA LEU A 48 -7.69 -1.20 5.23
C LEU A 48 -8.52 0.01 4.86
N VAL A 49 -8.80 0.87 5.83
CA VAL A 49 -9.72 1.97 5.62
C VAL A 49 -9.07 3.29 6.01
N PRO A 50 -9.18 4.31 5.14
CA PRO A 50 -8.68 5.65 5.43
C PRO A 50 -9.34 6.22 6.68
N GLY A 51 -8.57 6.36 7.73
CA GLY A 51 -9.11 6.84 8.98
C GLY A 51 -9.51 5.70 9.89
N ASP A 52 -9.02 4.50 9.60
CA ASP A 52 -9.28 3.34 10.44
C ASP A 52 -8.00 2.56 10.71
N ARG A 53 -8.15 1.44 11.41
CA ARG A 53 -7.02 0.66 11.88
C ARG A 53 -6.35 -0.13 10.75
N PHE A 54 -5.04 0.05 10.63
CA PHE A 54 -4.22 -0.74 9.73
C PHE A 54 -2.85 -0.93 10.38
N HIS A 55 -2.03 -1.86 9.88
CA HIS A 55 -0.74 -2.10 10.49
C HIS A 55 0.38 -2.12 9.46
N TYR A 56 1.43 -1.34 9.72
CA TYR A 56 2.61 -1.35 8.90
C TYR A 56 3.82 -1.61 9.78
N ILE A 57 4.30 -2.84 9.77
CA ILE A 57 5.42 -3.21 10.62
C ILE A 57 6.67 -3.46 9.77
N ASN A 58 7.59 -2.50 9.79
CA ASN A 58 8.83 -2.57 9.01
C ASN A 58 8.54 -2.83 7.53
N GLY A 59 7.48 -2.20 7.03
CA GLY A 59 7.14 -2.34 5.63
C GLY A 59 6.29 -3.56 5.34
N SER A 60 5.61 -4.09 6.35
CA SER A 60 4.74 -5.25 6.15
C SER A 60 3.29 -4.83 6.38
N LEU A 61 2.41 -5.27 5.48
CA LEU A 61 1.00 -4.89 5.54
C LEU A 61 0.21 -5.86 6.38
N PHE A 62 -0.32 -5.36 7.49
CA PHE A 62 -1.17 -6.15 8.37
C PHE A 62 -2.44 -5.37 8.69
N CYS A 63 -3.42 -6.04 9.27
CA CYS A 63 -4.67 -5.39 9.61
C CYS A 63 -4.85 -5.32 11.13
N GLU A 64 -6.05 -4.94 11.53
CA GLU A 64 -6.40 -4.87 12.95
C GLU A 64 -6.68 -6.28 13.48
N HIS A 65 -7.15 -7.15 12.60
CA HIS A 65 -7.43 -8.53 12.95
C HIS A 65 -6.13 -9.32 13.02
N ASP A 66 -5.17 -8.87 12.24
CA ASP A 66 -3.82 -9.41 12.23
C ASP A 66 -3.12 -9.10 13.55
N ARG A 67 -2.59 -7.87 13.64
CA ARG A 67 -1.88 -7.38 14.82
C ARG A 67 -0.95 -8.44 15.41
N PRO A 68 0.19 -8.71 14.74
CA PRO A 68 1.18 -9.70 15.19
C PRO A 68 1.65 -9.40 16.61
N THR A 69 1.11 -10.13 17.58
CA THR A 69 1.36 -9.87 18.99
C THR A 69 2.68 -10.48 19.45
N ALA A 70 3.76 -10.09 18.78
CA ALA A 70 5.10 -10.55 19.11
C ALA A 70 6.13 -9.59 18.54
N LEU A 71 6.38 -9.70 17.24
CA LEU A 71 7.27 -8.78 16.56
C LEU A 71 6.47 -7.59 16.05
N ILE A 72 6.04 -6.75 16.98
CA ILE A 72 5.20 -5.62 16.66
C ILE A 72 5.87 -4.33 17.13
N ASN A 73 5.44 -3.20 16.57
CA ASN A 73 5.94 -1.90 16.97
C ASN A 73 5.25 -1.42 18.25
N GLY A 74 4.12 -2.05 18.56
CA GLY A 74 3.39 -1.71 19.76
C GLY A 74 2.01 -2.32 19.76
N GLY A 75 1.68 -3.05 20.81
CA GLY A 75 0.36 -3.63 20.93
C GLY A 75 -0.60 -2.71 21.64
N SER A 76 -0.06 -1.89 22.53
CA SER A 76 -0.86 -0.90 23.25
C SER A 76 -0.35 0.50 22.99
N GLY A 77 0.96 0.70 23.19
CA GLY A 77 1.59 1.94 22.81
C GLY A 77 1.86 1.95 21.32
N GLY A 78 1.06 2.69 20.58
CA GLY A 78 1.11 2.62 19.14
C GLY A 78 0.51 1.32 18.65
N SER A 79 -0.71 1.04 19.11
CA SER A 79 -1.39 -0.23 18.88
C SER A 79 -1.71 -0.47 17.41
N GLY A 80 -1.43 0.52 16.57
CA GLY A 80 -1.70 0.39 15.16
C GLY A 80 -1.52 1.69 14.43
N SER A 81 -1.62 1.64 13.12
CA SER A 81 -1.48 2.82 12.29
C SER A 81 -2.81 3.13 11.61
N ILE A 82 -3.21 4.39 11.63
CA ILE A 82 -4.42 4.81 10.95
C ILE A 82 -4.13 4.97 9.45
N ALA A 83 -4.82 4.17 8.64
CA ALA A 83 -4.56 4.14 7.20
C ALA A 83 -4.80 5.51 6.57
N PRO A 84 -3.84 5.94 5.74
CA PRO A 84 -3.91 7.23 5.05
C PRO A 84 -4.87 7.22 3.87
N PHE A 85 -4.84 8.29 3.08
CA PHE A 85 -5.70 8.42 1.92
C PHE A 85 -4.90 8.19 0.64
N PRO A 86 -5.58 7.83 -0.46
CA PRO A 86 -4.94 7.61 -1.75
C PRO A 86 -4.61 8.93 -2.46
N GLU A 87 -3.47 8.97 -3.11
CA GLU A 87 -3.02 10.17 -3.82
C GLU A 87 -2.56 9.81 -5.23
N ALA A 88 -2.19 10.81 -6.01
CA ALA A 88 -1.70 10.55 -7.36
C ALA A 88 -0.19 10.70 -7.41
N ALA A 89 0.49 9.63 -7.80
CA ALA A 89 1.95 9.64 -7.85
C ALA A 89 2.45 10.23 -9.16
N LEU A 90 2.89 9.37 -10.06
CA LEU A 90 3.40 9.81 -11.35
C LEU A 90 2.76 9.00 -12.47
N PRO A 91 2.25 9.68 -13.51
CA PRO A 91 1.68 9.00 -14.67
C PRO A 91 2.75 8.27 -15.48
N THR A 92 2.37 7.13 -16.05
CA THR A 92 3.29 6.29 -16.78
C THR A 92 3.61 6.85 -18.16
N SER A 93 4.49 6.16 -18.89
CA SER A 93 4.84 6.55 -20.24
C SER A 93 3.73 6.23 -21.22
N HIS A 94 3.83 6.79 -22.43
CA HIS A 94 2.80 6.63 -23.44
C HIS A 94 3.15 5.49 -24.40
N PRO A 95 2.29 4.47 -24.47
CA PRO A 95 2.46 3.36 -25.40
C PRO A 95 1.85 3.66 -26.77
N LYS A 96 1.39 4.89 -26.94
CA LYS A 96 0.79 5.31 -28.19
C LYS A 96 1.86 5.68 -29.20
N GLY A 1 19.27 -6.02 -12.01
CA GLY A 1 17.98 -6.37 -12.64
C GLY A 1 17.00 -5.22 -12.59
N SER A 2 16.60 -4.74 -13.75
CA SER A 2 15.70 -3.58 -13.83
C SER A 2 14.60 -3.81 -14.87
N TYR A 3 13.62 -4.61 -14.51
CA TYR A 3 12.48 -4.85 -15.38
C TYR A 3 11.19 -4.46 -14.64
N ILE A 4 10.47 -3.49 -15.19
CA ILE A 4 9.28 -2.98 -14.53
C ILE A 4 8.03 -3.41 -15.27
N ARG A 5 6.98 -3.70 -14.52
CA ARG A 5 5.70 -4.07 -15.12
C ARG A 5 4.89 -2.80 -15.43
N LEU A 6 5.28 -2.10 -16.48
CA LEU A 6 4.63 -0.86 -16.85
C LEU A 6 4.58 -0.68 -18.36
N PHE A 7 3.99 0.42 -18.80
CA PHE A 7 3.91 0.74 -20.22
C PHE A 7 5.10 1.59 -20.63
N GLY A 8 5.22 2.76 -20.01
CA GLY A 8 6.33 3.66 -20.31
C GLY A 8 7.54 3.35 -19.45
N ASN A 9 7.39 2.38 -18.56
CA ASN A 9 8.48 1.89 -17.71
C ASN A 9 9.02 3.00 -16.79
N SER A 10 8.48 3.07 -15.58
CA SER A 10 8.92 4.06 -14.60
C SER A 10 8.82 3.48 -13.19
N GLY A 11 7.60 3.43 -12.67
CA GLY A 11 7.37 2.86 -11.35
C GLY A 11 6.00 2.21 -11.29
N ALA A 12 5.97 0.95 -10.87
CA ALA A 12 4.73 0.18 -10.86
C ALA A 12 4.37 -0.25 -9.46
N CYS A 13 3.11 -0.67 -9.30
CA CYS A 13 2.62 -1.17 -8.04
C CYS A 13 3.36 -2.45 -7.64
N SER A 14 3.59 -2.61 -6.35
CA SER A 14 4.31 -3.78 -5.86
C SER A 14 3.37 -4.96 -5.65
N ALA A 15 2.07 -4.72 -5.77
CA ALA A 15 1.09 -5.78 -5.56
C ALA A 15 0.41 -6.15 -6.87
N CYS A 16 0.22 -5.18 -7.75
CA CYS A 16 -0.35 -5.45 -9.06
C CYS A 16 0.75 -5.51 -10.11
N GLY A 17 1.20 -4.33 -10.53
CA GLY A 17 2.18 -4.26 -11.57
C GLY A 17 1.63 -3.63 -12.83
N GLN A 18 1.13 -2.41 -12.69
CA GLN A 18 0.59 -1.66 -13.81
C GLN A 18 0.85 -0.17 -13.61
N SER A 19 0.45 0.63 -14.58
CA SER A 19 0.69 2.05 -14.53
C SER A 19 -0.26 2.74 -13.56
N ILE A 20 0.12 3.94 -13.14
CA ILE A 20 -0.70 4.75 -12.27
C ILE A 20 -1.05 6.06 -12.96
N PRO A 21 -2.28 6.14 -13.51
CA PRO A 21 -2.79 7.34 -14.15
C PRO A 21 -3.20 8.41 -13.13
N ALA A 22 -3.43 9.62 -13.62
CA ALA A 22 -3.78 10.74 -12.75
C ALA A 22 -5.22 10.66 -12.26
N SER A 23 -6.03 9.83 -12.91
CA SER A 23 -7.42 9.65 -12.55
C SER A 23 -7.58 8.56 -11.50
N GLU A 24 -6.56 7.73 -11.36
CA GLU A 24 -6.60 6.60 -10.44
C GLU A 24 -5.84 6.95 -9.16
N LEU A 25 -6.30 6.39 -8.05
CA LEU A 25 -5.71 6.70 -6.77
C LEU A 25 -4.82 5.57 -6.28
N VAL A 26 -3.72 5.94 -5.65
CA VAL A 26 -2.78 4.98 -5.09
C VAL A 26 -2.52 5.30 -3.62
N MET A 27 -2.30 4.27 -2.83
CA MET A 27 -2.05 4.45 -1.41
C MET A 27 -0.56 4.45 -1.12
N ARG A 28 -0.05 5.60 -0.70
CA ARG A 28 1.37 5.73 -0.41
C ARG A 28 1.67 5.23 1.00
N ALA A 29 2.42 4.14 1.08
CA ALA A 29 2.80 3.56 2.37
C ALA A 29 4.23 3.97 2.73
N GLN A 30 5.12 3.86 1.76
CA GLN A 30 6.53 4.19 1.96
C GLN A 30 7.17 4.58 0.63
N GLY A 31 8.40 4.10 0.40
CA GLY A 31 9.10 4.40 -0.83
C GLY A 31 8.55 3.59 -2.01
N ASN A 32 7.70 2.63 -1.69
CA ASN A 32 7.06 1.83 -2.73
C ASN A 32 5.60 2.26 -2.88
N VAL A 33 5.00 1.92 -4.01
CA VAL A 33 3.65 2.39 -4.31
C VAL A 33 2.67 1.23 -4.47
N TYR A 34 1.48 1.43 -3.93
CA TYR A 34 0.38 0.49 -4.09
C TYR A 34 -0.86 1.28 -4.51
N HIS A 35 -1.90 0.58 -4.93
CA HIS A 35 -3.16 1.23 -5.30
C HIS A 35 -4.08 1.22 -4.08
N LEU A 36 -5.36 1.46 -4.31
CA LEU A 36 -6.34 1.41 -3.22
C LEU A 36 -6.82 -0.03 -2.99
N LYS A 37 -6.64 -0.87 -3.99
CA LYS A 37 -7.13 -2.24 -3.94
C LYS A 37 -6.11 -3.19 -3.34
N CYS A 38 -4.85 -2.79 -3.38
CA CYS A 38 -3.74 -3.63 -2.97
C CYS A 38 -3.36 -3.38 -1.52
N PHE A 39 -4.01 -2.39 -0.91
CA PHE A 39 -3.82 -2.11 0.51
C PHE A 39 -4.60 -3.12 1.34
N THR A 40 -4.08 -4.33 1.40
CA THR A 40 -4.72 -5.41 2.13
C THR A 40 -3.73 -6.04 3.10
N CYS A 41 -4.21 -6.52 4.24
CA CYS A 41 -3.34 -7.18 5.20
C CYS A 41 -2.90 -8.54 4.66
N SER A 42 -1.69 -8.94 5.00
CA SER A 42 -1.13 -10.18 4.48
C SER A 42 -1.55 -11.38 5.33
N THR A 43 -2.30 -11.11 6.38
CA THR A 43 -2.68 -12.16 7.31
C THR A 43 -4.11 -12.66 7.06
N CYS A 44 -5.08 -11.75 6.99
CA CYS A 44 -6.48 -12.14 6.84
C CYS A 44 -7.08 -11.58 5.56
N ARG A 45 -6.28 -10.80 4.83
CA ARG A 45 -6.70 -10.20 3.57
C ARG A 45 -7.73 -9.10 3.81
N ASN A 46 -7.53 -8.35 4.88
CA ASN A 46 -8.41 -7.24 5.22
C ASN A 46 -8.09 -6.04 4.36
N ARG A 47 -9.10 -5.48 3.71
CA ARG A 47 -8.90 -4.30 2.89
C ARG A 47 -8.81 -3.06 3.77
N LEU A 48 -7.61 -2.50 3.85
CA LEU A 48 -7.38 -1.30 4.64
C LEU A 48 -8.10 -0.13 4.02
N VAL A 49 -8.54 0.81 4.84
CA VAL A 49 -9.40 1.89 4.39
C VAL A 49 -8.95 3.21 4.99
N PRO A 50 -9.00 4.29 4.20
CA PRO A 50 -8.63 5.63 4.66
C PRO A 50 -9.44 6.05 5.89
N GLY A 51 -8.77 6.16 7.02
CA GLY A 51 -9.45 6.48 8.26
C GLY A 51 -9.54 5.29 9.19
N ASP A 52 -9.29 4.10 8.66
CA ASP A 52 -9.31 2.88 9.46
C ASP A 52 -7.89 2.51 9.87
N ARG A 53 -7.75 1.41 10.60
CA ARG A 53 -6.48 1.05 11.19
C ARG A 53 -5.78 -0.04 10.38
N PHE A 54 -4.46 0.08 10.30
CA PHE A 54 -3.63 -0.91 9.64
C PHE A 54 -2.26 -0.94 10.32
N HIS A 55 -1.59 -2.06 10.29
CA HIS A 55 -0.31 -2.20 10.96
C HIS A 55 0.81 -2.39 9.96
N TYR A 56 1.75 -1.45 9.95
CA TYR A 56 2.88 -1.50 9.04
C TYR A 56 4.15 -1.83 9.82
N ILE A 57 4.57 -3.08 9.74
CA ILE A 57 5.77 -3.53 10.41
C ILE A 57 6.65 -4.29 9.44
N ASN A 58 7.93 -3.95 9.43
CA ASN A 58 8.90 -4.60 8.55
C ASN A 58 8.44 -4.50 7.09
N GLY A 59 7.82 -3.38 6.76
CA GLY A 59 7.36 -3.16 5.40
C GLY A 59 6.23 -4.09 5.01
N SER A 60 5.35 -4.41 5.94
CA SER A 60 4.26 -5.34 5.69
C SER A 60 2.94 -4.76 6.16
N LEU A 61 1.86 -5.15 5.51
CA LEU A 61 0.55 -4.63 5.83
C LEU A 61 -0.24 -5.63 6.66
N PHE A 62 -0.65 -5.22 7.85
CA PHE A 62 -1.48 -6.03 8.71
C PHE A 62 -2.72 -5.24 9.11
N CYS A 63 -3.66 -5.88 9.76
CA CYS A 63 -4.88 -5.19 10.17
C CYS A 63 -5.10 -5.36 11.67
N GLU A 64 -6.16 -4.74 12.19
CA GLU A 64 -6.46 -4.81 13.61
C GLU A 64 -7.12 -6.15 13.96
N HIS A 65 -7.54 -6.87 12.94
CA HIS A 65 -8.16 -8.18 13.15
C HIS A 65 -7.08 -9.22 13.42
N ASP A 66 -5.93 -9.05 12.79
CA ASP A 66 -4.81 -9.94 13.04
C ASP A 66 -3.93 -9.38 14.16
N ARG A 67 -3.60 -8.09 14.05
CA ARG A 67 -2.85 -7.34 15.07
C ARG A 67 -1.67 -8.12 15.63
N PRO A 68 -0.50 -8.01 14.98
CA PRO A 68 0.72 -8.68 15.42
C PRO A 68 1.31 -8.03 16.68
N THR A 69 0.65 -8.26 17.81
CA THR A 69 1.11 -7.72 19.09
C THR A 69 2.31 -8.49 19.63
N ALA A 70 3.35 -8.56 18.82
CA ALA A 70 4.61 -9.16 19.20
C ALA A 70 5.74 -8.43 18.50
N LEU A 71 5.65 -8.40 17.18
CA LEU A 71 6.59 -7.65 16.36
C LEU A 71 6.06 -6.23 16.14
N ILE A 72 6.10 -5.44 17.20
CA ILE A 72 5.64 -4.05 17.14
C ILE A 72 6.56 -3.16 17.95
N ASN A 73 6.86 -1.98 17.41
CA ASN A 73 7.71 -1.02 18.10
C ASN A 73 6.89 -0.26 19.16
N GLY A 74 6.46 -0.98 20.19
CA GLY A 74 5.63 -0.40 21.23
C GLY A 74 4.26 0.01 20.70
N GLY A 75 3.76 -0.76 19.75
CA GLY A 75 2.51 -0.42 19.11
C GLY A 75 2.71 0.61 18.02
N SER A 76 2.78 0.15 16.78
CA SER A 76 3.08 1.00 15.63
C SER A 76 2.23 2.27 15.57
N GLY A 77 2.90 3.43 15.67
CA GLY A 77 2.20 4.71 15.57
C GLY A 77 1.58 5.13 16.89
N GLY A 78 1.04 4.17 17.61
CA GLY A 78 0.38 4.44 18.87
C GLY A 78 -0.54 3.31 19.22
N SER A 79 -0.01 2.09 19.07
CA SER A 79 -0.79 0.86 19.26
C SER A 79 -1.94 0.80 18.26
N GLY A 80 -1.63 1.10 17.00
CA GLY A 80 -2.63 1.09 15.96
C GLY A 80 -2.46 2.25 15.00
N SER A 81 -1.89 1.97 13.84
CA SER A 81 -1.67 2.99 12.83
C SER A 81 -2.92 3.13 11.96
N ILE A 82 -3.07 4.30 11.35
CA ILE A 82 -4.24 4.58 10.52
C ILE A 82 -3.85 4.66 9.06
N ALA A 83 -4.64 4.02 8.20
CA ALA A 83 -4.42 4.09 6.76
C ALA A 83 -4.74 5.49 6.27
N PRO A 84 -3.76 6.16 5.64
CA PRO A 84 -3.89 7.55 5.19
C PRO A 84 -5.07 7.76 4.24
N PHE A 85 -4.82 7.63 2.94
CA PHE A 85 -5.83 7.82 1.92
C PHE A 85 -5.29 7.40 0.56
N PRO A 86 -6.15 6.94 -0.35
CA PRO A 86 -5.77 6.76 -1.75
C PRO A 86 -5.63 8.10 -2.45
N GLU A 87 -4.40 8.44 -2.80
CA GLU A 87 -4.10 9.75 -3.34
C GLU A 87 -3.48 9.62 -4.73
N ALA A 88 -3.34 10.74 -5.42
CA ALA A 88 -2.70 10.73 -6.72
C ALA A 88 -1.21 11.00 -6.55
N ALA A 89 -0.39 9.99 -6.79
CA ALA A 89 1.05 10.11 -6.60
C ALA A 89 1.73 10.72 -7.82
N LEU A 90 2.21 9.86 -8.71
CA LEU A 90 2.92 10.32 -9.89
C LEU A 90 2.39 9.64 -11.14
N PRO A 91 2.01 10.44 -12.15
CA PRO A 91 1.59 9.92 -13.46
C PRO A 91 2.74 9.19 -14.14
N THR A 92 2.51 7.95 -14.52
CA THR A 92 3.55 7.12 -15.12
C THR A 92 3.32 6.94 -16.61
N SER A 93 4.37 6.53 -17.32
CA SER A 93 4.30 6.33 -18.77
C SER A 93 4.03 7.65 -19.49
N HIS A 94 3.39 7.59 -20.65
CA HIS A 94 2.97 8.77 -21.36
C HIS A 94 1.46 8.85 -21.37
N PRO A 95 0.90 10.07 -21.21
CA PRO A 95 -0.55 10.27 -21.15
C PRO A 95 -1.27 9.82 -22.42
N LYS A 96 -0.77 10.21 -23.57
CA LYS A 96 -1.38 9.83 -24.84
C LYS A 96 -0.97 8.42 -25.22
N GLY A 1 13.90 -11.79 -9.51
CA GLY A 1 13.95 -10.33 -9.24
C GLY A 1 13.58 -9.52 -10.46
N SER A 2 12.30 -9.20 -10.60
CA SER A 2 11.82 -8.42 -11.73
C SER A 2 11.97 -6.93 -11.45
N TYR A 3 12.93 -6.31 -12.11
CA TYR A 3 13.24 -4.91 -11.90
C TYR A 3 12.27 -4.02 -12.66
N ILE A 4 11.83 -4.49 -13.82
CA ILE A 4 10.97 -3.69 -14.67
C ILE A 4 9.64 -4.39 -14.97
N ARG A 5 8.56 -3.70 -14.63
CA ARG A 5 7.21 -4.13 -14.99
C ARG A 5 6.37 -2.89 -15.23
N LEU A 6 7.02 -1.75 -15.18
CA LEU A 6 6.34 -0.48 -15.23
C LEU A 6 6.34 0.05 -16.65
N PHE A 7 5.15 0.11 -17.24
CA PHE A 7 4.96 0.70 -18.57
C PHE A 7 5.39 2.16 -18.52
N GLY A 8 5.05 2.80 -17.43
CA GLY A 8 5.58 4.12 -17.13
C GLY A 8 6.70 4.00 -16.13
N ASN A 9 7.92 4.29 -16.56
CA ASN A 9 9.13 4.01 -15.78
C ASN A 9 9.27 4.96 -14.59
N SER A 10 8.21 5.69 -14.28
CA SER A 10 8.21 6.60 -13.14
C SER A 10 7.93 5.85 -11.84
N GLY A 11 7.05 4.85 -11.91
CA GLY A 11 6.67 4.10 -10.72
C GLY A 11 5.59 3.08 -11.02
N ALA A 12 5.32 2.20 -10.06
CA ALA A 12 4.33 1.15 -10.25
C ALA A 12 3.90 0.57 -8.91
N CYS A 13 2.87 -0.27 -8.94
CA CYS A 13 2.37 -0.92 -7.75
C CYS A 13 3.32 -2.01 -7.27
N SER A 14 3.41 -2.19 -5.97
CA SER A 14 4.22 -3.26 -5.41
C SER A 14 3.43 -4.58 -5.38
N ALA A 15 2.15 -4.50 -5.71
CA ALA A 15 1.29 -5.69 -5.73
C ALA A 15 0.86 -6.02 -7.15
N CYS A 16 0.36 -5.03 -7.87
CA CYS A 16 -0.09 -5.23 -9.25
C CYS A 16 1.10 -5.11 -10.21
N GLY A 17 2.08 -4.32 -9.82
CA GLY A 17 3.24 -4.10 -10.66
C GLY A 17 2.90 -3.27 -11.87
N GLN A 18 1.87 -2.46 -11.75
CA GLN A 18 1.42 -1.62 -12.85
C GLN A 18 1.59 -0.15 -12.51
N SER A 19 1.98 0.63 -13.51
CA SER A 19 2.12 2.07 -13.34
C SER A 19 0.75 2.70 -13.07
N ILE A 20 0.75 3.87 -12.46
CA ILE A 20 -0.48 4.49 -12.00
C ILE A 20 -0.78 5.76 -12.78
N PRO A 21 -1.91 5.77 -13.51
CA PRO A 21 -2.41 6.98 -14.17
C PRO A 21 -3.06 7.93 -13.17
N ALA A 22 -3.29 9.16 -13.58
CA ALA A 22 -3.90 10.15 -12.69
C ALA A 22 -5.37 9.85 -12.48
N SER A 23 -5.91 9.02 -13.34
CA SER A 23 -7.30 8.59 -13.25
C SER A 23 -7.47 7.51 -12.19
N GLU A 24 -6.35 6.93 -11.75
CA GLU A 24 -6.37 5.91 -10.71
C GLU A 24 -5.77 6.47 -9.45
N LEU A 25 -6.08 5.85 -8.33
CA LEU A 25 -5.63 6.34 -7.04
C LEU A 25 -4.80 5.29 -6.32
N VAL A 26 -3.82 5.75 -5.57
CA VAL A 26 -2.92 4.88 -4.85
C VAL A 26 -3.00 5.13 -3.35
N MET A 27 -2.22 4.38 -2.61
CA MET A 27 -2.09 4.58 -1.18
C MET A 27 -0.62 4.53 -0.80
N ARG A 28 -0.12 5.60 -0.20
CA ARG A 28 1.31 5.70 0.13
C ARG A 28 1.61 4.95 1.43
N ALA A 29 2.25 3.79 1.28
CA ALA A 29 2.62 2.98 2.42
C ALA A 29 4.01 3.38 2.96
N GLN A 30 4.08 4.59 3.49
CA GLN A 30 5.32 5.12 4.08
C GLN A 30 6.47 5.08 3.07
N GLY A 31 6.22 5.55 1.86
CA GLY A 31 7.26 5.57 0.85
C GLY A 31 6.80 4.98 -0.46
N ASN A 32 6.40 3.71 -0.43
CA ASN A 32 5.98 3.01 -1.63
C ASN A 32 4.49 3.18 -1.85
N VAL A 33 4.00 2.76 -3.02
CA VAL A 33 2.61 2.98 -3.38
C VAL A 33 1.92 1.70 -3.81
N TYR A 34 0.72 1.51 -3.27
CA TYR A 34 -0.19 0.46 -3.73
C TYR A 34 -1.43 1.15 -4.28
N HIS A 35 -2.39 0.39 -4.78
CA HIS A 35 -3.64 1.00 -5.24
C HIS A 35 -4.67 0.96 -4.12
N LEU A 36 -5.93 1.16 -4.45
CA LEU A 36 -6.99 1.11 -3.45
C LEU A 36 -7.38 -0.33 -3.12
N LYS A 37 -7.09 -1.25 -4.04
CA LYS A 37 -7.47 -2.65 -3.86
C LYS A 37 -6.35 -3.44 -3.16
N CYS A 38 -5.13 -3.12 -3.51
CA CYS A 38 -3.95 -3.84 -3.01
C CYS A 38 -3.63 -3.45 -1.57
N PHE A 39 -4.18 -2.32 -1.12
CA PHE A 39 -4.01 -1.87 0.25
C PHE A 39 -4.81 -2.74 1.20
N THR A 40 -4.29 -3.92 1.47
CA THR A 40 -4.96 -4.90 2.30
C THR A 40 -3.91 -5.67 3.10
N CYS A 41 -4.32 -6.38 4.15
CA CYS A 41 -3.39 -7.20 4.89
C CYS A 41 -3.12 -8.49 4.13
N SER A 42 -1.95 -9.07 4.33
CA SER A 42 -1.58 -10.29 3.65
C SER A 42 -1.93 -11.52 4.49
N THR A 43 -2.60 -11.28 5.61
CA THR A 43 -2.98 -12.34 6.51
C THR A 43 -4.45 -12.71 6.36
N CYS A 44 -5.34 -11.73 6.41
CA CYS A 44 -6.76 -11.97 6.24
C CYS A 44 -7.28 -11.34 4.96
N ARG A 45 -6.46 -10.47 4.37
CA ARG A 45 -6.82 -9.75 3.17
C ARG A 45 -7.98 -8.79 3.45
N ASN A 46 -7.96 -8.16 4.62
CA ASN A 46 -8.97 -7.17 4.96
C ASN A 46 -8.54 -5.81 4.43
N ARG A 47 -9.48 -5.14 3.79
CA ARG A 47 -9.21 -3.83 3.21
C ARG A 47 -9.01 -2.80 4.31
N LEU A 48 -7.78 -2.34 4.47
CA LEU A 48 -7.45 -1.33 5.45
C LEU A 48 -8.16 -0.03 5.10
N VAL A 49 -8.49 0.77 6.10
CA VAL A 49 -9.40 1.88 5.88
C VAL A 49 -8.67 3.21 5.98
N PRO A 50 -8.86 4.09 4.99
CA PRO A 50 -8.32 5.44 5.01
C PRO A 50 -8.82 6.21 6.23
N GLY A 51 -7.92 6.49 7.15
CA GLY A 51 -8.29 7.18 8.38
C GLY A 51 -8.62 6.21 9.49
N ASP A 52 -8.26 4.95 9.30
CA ASP A 52 -8.49 3.93 10.32
C ASP A 52 -7.24 3.08 10.54
N ARG A 53 -7.37 2.02 11.33
CA ARG A 53 -6.25 1.19 11.73
C ARG A 53 -5.60 0.49 10.55
N PHE A 54 -4.27 0.50 10.54
CA PHE A 54 -3.49 -0.25 9.57
C PHE A 54 -2.10 -0.50 10.14
N HIS A 55 -1.52 -1.65 9.84
CA HIS A 55 -0.22 -1.98 10.38
C HIS A 55 0.80 -2.16 9.25
N TYR A 56 1.90 -1.44 9.33
CA TYR A 56 2.97 -1.54 8.36
C TYR A 56 4.28 -1.84 9.08
N ILE A 57 4.68 -3.09 9.04
CA ILE A 57 5.90 -3.51 9.74
C ILE A 57 6.81 -4.27 8.81
N ASN A 58 8.03 -3.76 8.62
CA ASN A 58 9.03 -4.39 7.75
C ASN A 58 8.52 -4.50 6.31
N GLY A 59 7.72 -3.51 5.91
CA GLY A 59 7.15 -3.52 4.57
C GLY A 59 6.03 -4.54 4.41
N SER A 60 5.27 -4.75 5.48
CA SER A 60 4.18 -5.72 5.45
C SER A 60 2.95 -5.11 6.09
N LEU A 61 1.82 -5.24 5.40
CA LEU A 61 0.57 -4.64 5.84
C LEU A 61 -0.31 -5.66 6.55
N PHE A 62 -0.86 -5.24 7.69
CA PHE A 62 -1.76 -6.08 8.48
C PHE A 62 -2.94 -5.23 8.96
N CYS A 63 -4.00 -5.88 9.45
CA CYS A 63 -5.17 -5.17 9.96
C CYS A 63 -5.25 -5.29 11.47
N GLU A 64 -6.39 -4.90 12.03
CA GLU A 64 -6.62 -4.99 13.47
C GLU A 64 -6.95 -6.42 13.86
N HIS A 65 -7.51 -7.16 12.91
CA HIS A 65 -7.97 -8.52 13.17
C HIS A 65 -6.78 -9.47 13.30
N ASP A 66 -5.80 -9.31 12.43
CA ASP A 66 -4.64 -10.20 12.41
C ASP A 66 -3.43 -9.56 13.08
N ARG A 67 -3.62 -8.32 13.54
CA ARG A 67 -2.57 -7.49 14.19
C ARG A 67 -1.53 -8.34 14.95
N PRO A 68 -0.31 -8.46 14.39
CA PRO A 68 0.78 -9.20 15.00
C PRO A 68 1.48 -8.40 16.10
N THR A 69 0.97 -8.52 17.32
CA THR A 69 1.46 -7.79 18.47
C THR A 69 2.96 -7.99 18.70
N ALA A 70 3.47 -9.15 18.33
CA ALA A 70 4.87 -9.50 18.59
C ALA A 70 5.82 -8.77 17.63
N LEU A 71 5.29 -8.23 16.55
CA LEU A 71 6.12 -7.60 15.53
C LEU A 71 6.28 -6.11 15.80
N ILE A 72 5.35 -5.54 16.55
CA ILE A 72 5.37 -4.12 16.83
C ILE A 72 5.61 -3.87 18.31
N ASN A 73 6.04 -2.67 18.66
CA ASN A 73 6.28 -2.29 20.05
C ASN A 73 4.98 -1.81 20.67
N GLY A 74 4.00 -2.71 20.73
CA GLY A 74 2.68 -2.35 21.23
C GLY A 74 1.91 -1.51 20.24
N GLY A 75 2.48 -1.33 19.04
CA GLY A 75 1.89 -0.47 18.05
C GLY A 75 2.04 0.98 18.41
N SER A 76 1.00 1.54 19.00
CA SER A 76 1.05 2.90 19.52
C SER A 76 0.62 2.90 20.99
N GLY A 77 0.53 1.70 21.56
CA GLY A 77 0.01 1.57 22.91
C GLY A 77 -1.49 1.60 22.92
N GLY A 78 -2.09 0.75 22.10
CA GLY A 78 -3.54 0.72 21.96
C GLY A 78 -3.95 0.44 20.54
N SER A 79 -3.27 1.09 19.61
CA SER A 79 -3.51 0.89 18.20
C SER A 79 -2.19 0.61 17.48
N GLY A 80 -2.13 0.97 16.20
CA GLY A 80 -0.91 0.82 15.45
C GLY A 80 -0.64 2.05 14.62
N SER A 81 -0.84 1.93 13.32
CA SER A 81 -0.75 3.08 12.44
C SER A 81 -2.11 3.37 11.81
N ILE A 82 -2.22 4.51 11.14
CA ILE A 82 -3.46 4.88 10.48
C ILE A 82 -3.25 4.93 8.98
N ALA A 83 -4.10 4.21 8.26
CA ALA A 83 -3.98 4.13 6.81
C ALA A 83 -4.27 5.47 6.16
N PRO A 84 -3.44 5.87 5.20
CA PRO A 84 -3.63 7.11 4.44
C PRO A 84 -4.87 7.03 3.55
N PHE A 85 -5.09 8.08 2.76
CA PHE A 85 -6.24 8.14 1.87
C PHE A 85 -5.79 7.96 0.43
N PRO A 86 -6.73 7.66 -0.48
CA PRO A 86 -6.44 7.51 -1.91
C PRO A 86 -5.73 8.74 -2.47
N GLU A 87 -4.51 8.54 -2.91
CA GLU A 87 -3.66 9.61 -3.40
C GLU A 87 -3.37 9.41 -4.88
N ALA A 88 -2.64 10.34 -5.49
CA ALA A 88 -2.22 10.18 -6.86
C ALA A 88 -0.69 10.13 -6.92
N ALA A 89 -0.17 9.04 -7.47
CA ALA A 89 1.28 8.84 -7.52
C ALA A 89 1.87 9.39 -8.81
N LEU A 90 2.83 8.69 -9.36
CA LEU A 90 3.49 9.11 -10.58
C LEU A 90 2.77 8.53 -11.80
N PRO A 91 2.15 9.39 -12.61
CA PRO A 91 1.39 8.96 -13.79
C PRO A 91 2.23 8.16 -14.79
N THR A 92 1.56 7.28 -15.52
CA THR A 92 2.20 6.42 -16.49
C THR A 92 2.65 7.21 -17.72
N SER A 93 3.90 7.03 -18.12
CA SER A 93 4.41 7.63 -19.33
C SER A 93 3.69 7.03 -20.54
N HIS A 94 2.80 7.82 -21.14
CA HIS A 94 1.98 7.34 -22.24
C HIS A 94 2.78 7.30 -23.54
N PRO A 95 2.61 6.22 -24.33
CA PRO A 95 3.36 6.02 -25.58
C PRO A 95 3.04 7.08 -26.63
N LYS A 96 4.06 7.46 -27.39
CA LYS A 96 3.90 8.47 -28.42
C LYS A 96 3.31 7.86 -29.68
N GLY A 1 10.29 -11.34 -15.29
CA GLY A 1 10.26 -9.86 -15.23
C GLY A 1 10.61 -9.23 -16.56
N SER A 2 10.18 -7.99 -16.78
CA SER A 2 10.44 -7.31 -18.03
C SER A 2 10.76 -5.84 -17.76
N TYR A 3 11.51 -5.21 -18.68
CA TYR A 3 11.83 -3.80 -18.56
C TYR A 3 10.56 -2.98 -18.60
N ILE A 4 9.76 -3.21 -19.63
CA ILE A 4 8.47 -2.55 -19.74
C ILE A 4 7.40 -3.42 -19.11
N ARG A 5 6.71 -2.84 -18.14
CA ARG A 5 5.66 -3.52 -17.40
C ARG A 5 4.84 -2.49 -16.66
N LEU A 6 5.52 -1.42 -16.24
CA LEU A 6 4.88 -0.31 -15.57
C LEU A 6 4.57 0.80 -16.57
N PHE A 7 4.36 0.40 -17.83
CA PHE A 7 4.05 1.32 -18.92
C PHE A 7 5.09 2.43 -19.00
N GLY A 8 6.26 2.08 -19.51
CA GLY A 8 7.37 3.01 -19.52
C GLY A 8 8.23 2.83 -18.29
N ASN A 9 8.44 3.92 -17.56
CA ASN A 9 9.24 3.87 -16.33
C ASN A 9 8.96 5.11 -15.47
N SER A 10 7.74 5.19 -14.97
CA SER A 10 7.37 6.30 -14.11
C SER A 10 7.07 5.82 -12.70
N GLY A 11 5.94 5.15 -12.53
CA GLY A 11 5.56 4.63 -11.22
C GLY A 11 4.91 3.27 -11.33
N ALA A 12 5.19 2.40 -10.36
CA ALA A 12 4.66 1.05 -10.37
C ALA A 12 4.20 0.63 -8.98
N CYS A 13 3.33 -0.36 -8.95
CA CYS A 13 2.82 -0.90 -7.69
C CYS A 13 3.77 -1.97 -7.16
N SER A 14 3.89 -2.04 -5.84
CA SER A 14 4.77 -3.01 -5.22
C SER A 14 4.04 -4.35 -5.05
N ALA A 15 2.77 -4.39 -5.42
CA ALA A 15 1.99 -5.62 -5.30
C ALA A 15 1.52 -6.12 -6.67
N CYS A 16 0.97 -5.21 -7.47
CA CYS A 16 0.47 -5.58 -8.80
C CYS A 16 1.59 -5.61 -9.82
N GLY A 17 2.49 -4.63 -9.72
CA GLY A 17 3.51 -4.48 -10.74
C GLY A 17 2.99 -3.63 -11.89
N GLN A 18 1.81 -3.06 -11.69
CA GLN A 18 1.19 -2.21 -12.70
C GLN A 18 1.53 -0.76 -12.44
N SER A 19 1.29 0.08 -13.42
CA SER A 19 1.59 1.50 -13.31
C SER A 19 0.46 2.23 -12.58
N ILE A 20 0.71 3.49 -12.27
CA ILE A 20 -0.29 4.34 -11.66
C ILE A 20 -0.67 5.49 -12.60
N PRO A 21 -1.86 5.39 -13.23
CA PRO A 21 -2.36 6.45 -14.11
C PRO A 21 -2.84 7.67 -13.34
N ALA A 22 -2.91 8.81 -14.02
CA ALA A 22 -3.32 10.05 -13.38
C ALA A 22 -4.82 10.04 -13.07
N SER A 23 -5.53 9.08 -13.65
CA SER A 23 -6.95 8.95 -13.45
C SER A 23 -7.27 7.92 -12.36
N GLU A 24 -6.24 7.53 -11.62
CA GLU A 24 -6.42 6.55 -10.56
C GLU A 24 -5.94 7.11 -9.22
N LEU A 25 -6.47 6.54 -8.16
CA LEU A 25 -6.12 6.95 -6.82
C LEU A 25 -5.39 5.80 -6.11
N VAL A 26 -4.24 6.11 -5.53
CA VAL A 26 -3.41 5.09 -4.90
C VAL A 26 -3.03 5.51 -3.48
N MET A 27 -2.48 4.58 -2.72
CA MET A 27 -2.09 4.85 -1.34
C MET A 27 -0.58 4.81 -1.22
N ARG A 28 -0.03 5.71 -0.42
CA ARG A 28 1.42 5.80 -0.24
C ARG A 28 1.81 5.36 1.16
N ALA A 29 2.86 4.56 1.27
CA ALA A 29 3.32 4.07 2.55
C ALA A 29 4.83 3.82 2.54
N GLN A 30 5.56 4.49 3.43
CA GLN A 30 7.01 4.31 3.60
C GLN A 30 7.79 4.86 2.41
N GLY A 31 7.07 5.37 1.42
CA GLY A 31 7.69 5.83 0.20
C GLY A 31 7.27 4.99 -0.98
N ASN A 32 6.71 3.83 -0.69
CA ASN A 32 6.20 2.92 -1.72
C ASN A 32 4.75 3.23 -2.04
N VAL A 33 4.27 2.73 -3.17
CA VAL A 33 2.91 3.00 -3.61
C VAL A 33 2.13 1.73 -3.85
N TYR A 34 0.87 1.76 -3.45
CA TYR A 34 -0.05 0.66 -3.70
C TYR A 34 -1.34 1.22 -4.29
N HIS A 35 -2.19 0.35 -4.80
CA HIS A 35 -3.48 0.76 -5.33
C HIS A 35 -4.52 0.64 -4.21
N LEU A 36 -5.79 0.56 -4.57
CA LEU A 36 -6.86 0.40 -3.59
C LEU A 36 -7.07 -1.07 -3.22
N LYS A 37 -6.64 -1.97 -4.09
CA LYS A 37 -6.85 -3.41 -3.91
C LYS A 37 -5.69 -4.05 -3.15
N CYS A 38 -4.49 -3.57 -3.42
CA CYS A 38 -3.26 -4.13 -2.86
C CYS A 38 -3.07 -3.72 -1.40
N PHE A 39 -3.82 -2.69 -0.99
CA PHE A 39 -3.80 -2.21 0.39
C PHE A 39 -4.72 -3.07 1.26
N THR A 40 -4.34 -4.33 1.41
CA THR A 40 -5.12 -5.26 2.21
C THR A 40 -4.23 -6.02 3.18
N CYS A 41 -4.79 -6.45 4.31
CA CYS A 41 -4.07 -7.27 5.26
C CYS A 41 -3.71 -8.60 4.63
N SER A 42 -2.47 -9.00 4.77
CA SER A 42 -2.00 -10.22 4.14
C SER A 42 -2.38 -11.47 4.97
N THR A 43 -3.08 -11.26 6.07
CA THR A 43 -3.41 -12.37 6.97
C THR A 43 -4.89 -12.78 6.86
N CYS A 44 -5.80 -11.81 6.94
CA CYS A 44 -7.22 -12.11 6.83
C CYS A 44 -7.80 -11.55 5.55
N ARG A 45 -7.03 -10.66 4.93
CA ARG A 45 -7.41 -9.99 3.69
C ARG A 45 -8.46 -8.92 3.94
N ASN A 46 -8.54 -8.41 5.17
CA ASN A 46 -9.38 -7.26 5.44
C ASN A 46 -8.83 -6.05 4.70
N ARG A 47 -9.70 -5.31 4.05
CA ARG A 47 -9.30 -4.13 3.32
C ARG A 47 -9.02 -2.99 4.28
N LEU A 48 -7.78 -2.50 4.27
CA LEU A 48 -7.40 -1.35 5.09
C LEU A 48 -8.28 -0.17 4.70
N VAL A 49 -8.76 0.57 5.70
CA VAL A 49 -9.83 1.51 5.45
C VAL A 49 -9.37 2.94 5.68
N PRO A 50 -9.68 3.82 4.73
CA PRO A 50 -9.40 5.24 4.86
C PRO A 50 -10.12 5.83 6.06
N GLY A 51 -9.35 6.22 7.07
CA GLY A 51 -9.93 6.77 8.28
C GLY A 51 -9.79 5.82 9.46
N ASP A 52 -9.23 4.64 9.20
CA ASP A 52 -8.98 3.67 10.26
C ASP A 52 -7.52 3.27 10.26
N ARG A 53 -7.17 2.36 11.15
CA ARG A 53 -5.77 2.00 11.37
C ARG A 53 -5.32 0.84 10.48
N PHE A 54 -4.03 0.86 10.14
CA PHE A 54 -3.37 -0.22 9.44
C PHE A 54 -1.93 -0.32 9.95
N HIS A 55 -1.39 -1.53 10.00
CA HIS A 55 -0.05 -1.72 10.54
C HIS A 55 0.93 -2.14 9.46
N TYR A 56 1.89 -1.26 9.16
CA TYR A 56 2.94 -1.58 8.22
C TYR A 56 4.13 -2.14 8.98
N ILE A 57 4.27 -3.46 8.94
CA ILE A 57 5.32 -4.12 9.69
C ILE A 57 6.33 -4.73 8.73
N ASN A 58 7.55 -4.22 8.77
CA ASN A 58 8.65 -4.70 7.90
C ASN A 58 8.24 -4.66 6.43
N GLY A 59 7.46 -3.64 6.06
CA GLY A 59 7.05 -3.48 4.67
C GLY A 59 5.89 -4.38 4.28
N SER A 60 5.04 -4.68 5.25
CA SER A 60 3.88 -5.53 5.00
C SER A 60 2.64 -4.92 5.62
N LEU A 61 1.50 -5.11 4.98
CA LEU A 61 0.25 -4.54 5.45
C LEU A 61 -0.52 -5.54 6.31
N PHE A 62 -0.74 -5.18 7.56
CA PHE A 62 -1.53 -5.99 8.48
C PHE A 62 -2.63 -5.15 9.10
N CYS A 63 -3.65 -5.81 9.61
CA CYS A 63 -4.78 -5.13 10.21
C CYS A 63 -4.67 -5.15 11.73
N GLU A 64 -5.53 -4.38 12.39
CA GLU A 64 -5.60 -4.39 13.85
C GLU A 64 -6.37 -5.62 14.34
N HIS A 65 -7.10 -6.23 13.42
CA HIS A 65 -7.89 -7.42 13.72
C HIS A 65 -6.95 -8.62 13.82
N ASP A 66 -5.79 -8.46 13.21
CA ASP A 66 -4.75 -9.48 13.21
C ASP A 66 -3.65 -9.08 14.18
N ARG A 67 -2.92 -8.02 13.84
CA ARG A 67 -1.83 -7.48 14.67
C ARG A 67 -0.80 -8.55 15.05
N PRO A 68 0.23 -8.74 14.20
CA PRO A 68 1.29 -9.73 14.44
C PRO A 68 2.00 -9.51 15.77
N THR A 69 1.61 -10.28 16.78
CA THR A 69 2.14 -10.14 18.12
C THR A 69 3.59 -10.61 18.22
N ALA A 70 3.97 -11.53 17.34
CA ALA A 70 5.31 -12.11 17.34
C ALA A 70 6.39 -11.06 17.09
N LEU A 71 6.11 -10.14 16.17
CA LEU A 71 7.06 -9.10 15.82
C LEU A 71 6.34 -7.86 15.33
N ILE A 72 6.02 -6.96 16.25
CA ILE A 72 5.33 -5.73 15.90
C ILE A 72 6.30 -4.56 15.79
N ASN A 73 7.41 -4.78 15.10
CA ASN A 73 8.41 -3.74 14.94
C ASN A 73 7.95 -2.71 13.91
N GLY A 74 7.35 -1.64 14.40
CA GLY A 74 6.84 -0.59 13.54
C GLY A 74 5.80 0.22 14.27
N GLY A 75 4.99 -0.45 15.06
CA GLY A 75 3.99 0.21 15.88
C GLY A 75 4.38 0.20 17.34
N SER A 76 3.95 1.23 18.08
CA SER A 76 4.27 1.34 19.50
C SER A 76 3.30 0.50 20.34
N GLY A 77 2.65 -0.46 19.69
CA GLY A 77 1.66 -1.28 20.34
C GLY A 77 0.34 -1.24 19.61
N GLY A 78 -0.54 -0.35 20.04
CA GLY A 78 -1.81 -0.15 19.36
C GLY A 78 -2.08 1.32 19.13
N SER A 79 -1.06 2.00 18.61
CA SER A 79 -1.15 3.44 18.36
C SER A 79 -2.18 3.75 17.28
N GLY A 80 -2.22 2.88 16.26
CA GLY A 80 -3.19 3.05 15.22
C GLY A 80 -2.75 4.01 14.14
N SER A 81 -1.91 3.53 13.24
CA SER A 81 -1.51 4.33 12.09
C SER A 81 -2.65 4.35 11.07
N ILE A 82 -3.17 5.54 10.79
CA ILE A 82 -4.34 5.68 9.94
C ILE A 82 -3.95 5.64 8.47
N ALA A 83 -4.75 4.94 7.67
CA ALA A 83 -4.54 4.87 6.23
C ALA A 83 -4.56 6.29 5.64
N PRO A 84 -3.51 6.62 4.85
CA PRO A 84 -3.31 7.97 4.30
C PRO A 84 -4.37 8.38 3.27
N PHE A 85 -5.26 7.44 2.93
CA PHE A 85 -6.31 7.65 1.94
C PHE A 85 -5.73 7.56 0.53
N PRO A 86 -6.56 7.25 -0.47
CA PRO A 86 -6.13 7.20 -1.86
C PRO A 86 -5.99 8.61 -2.47
N GLU A 87 -4.82 8.86 -3.07
CA GLU A 87 -4.55 10.12 -3.75
C GLU A 87 -3.77 9.84 -5.03
N ALA A 88 -3.49 10.89 -5.80
CA ALA A 88 -2.76 10.71 -7.04
C ALA A 88 -1.26 10.75 -6.80
N ALA A 89 -0.57 9.72 -7.25
CA ALA A 89 0.88 9.65 -7.13
C ALA A 89 1.54 10.23 -8.39
N LEU A 90 2.65 9.64 -8.81
CA LEU A 90 3.32 10.08 -10.03
C LEU A 90 2.70 9.39 -11.24
N PRO A 91 2.08 10.17 -12.14
CA PRO A 91 1.41 9.65 -13.32
C PRO A 91 2.36 8.94 -14.28
N THR A 92 1.81 8.03 -15.06
CA THR A 92 2.57 7.27 -16.03
C THR A 92 3.04 8.15 -17.19
N SER A 93 4.14 7.75 -17.82
CA SER A 93 4.68 8.50 -18.94
C SER A 93 3.76 8.41 -20.17
N HIS A 94 3.59 9.53 -20.85
CA HIS A 94 2.78 9.59 -22.05
C HIS A 94 3.51 8.91 -23.21
N PRO A 95 2.96 7.79 -23.71
CA PRO A 95 3.59 6.97 -24.74
C PRO A 95 3.39 7.54 -26.14
N LYS A 96 3.85 8.77 -26.34
CA LYS A 96 3.82 9.40 -27.65
C LYS A 96 5.02 8.96 -28.47
N GLY A 1 8.43 -13.01 -15.28
CA GLY A 1 8.93 -12.21 -14.14
C GLY A 1 9.89 -11.15 -14.59
N SER A 2 9.46 -9.89 -14.49
CA SER A 2 10.29 -8.77 -14.87
C SER A 2 10.27 -7.71 -13.77
N TYR A 3 11.43 -7.10 -13.51
CA TYR A 3 11.52 -6.08 -12.46
C TYR A 3 10.82 -4.80 -12.86
N ILE A 4 10.60 -4.63 -14.16
CA ILE A 4 9.91 -3.46 -14.68
C ILE A 4 8.40 -3.60 -14.51
N ARG A 5 7.87 -2.96 -13.48
CA ARG A 5 6.44 -3.01 -13.19
C ARG A 5 5.76 -1.76 -13.75
N LEU A 6 6.54 -0.98 -14.49
CA LEU A 6 6.09 0.32 -14.97
C LEU A 6 6.15 0.37 -16.50
N PHE A 7 5.00 0.47 -17.12
CA PHE A 7 4.90 0.52 -18.58
C PHE A 7 5.65 1.73 -19.14
N GLY A 8 5.59 2.84 -18.42
CA GLY A 8 6.26 4.05 -18.84
C GLY A 8 7.22 4.57 -17.79
N ASN A 9 7.71 3.64 -16.97
CA ASN A 9 8.68 3.93 -15.90
C ASN A 9 8.08 4.76 -14.77
N SER A 10 8.77 4.74 -13.62
CA SER A 10 8.44 5.54 -12.44
C SER A 10 7.19 5.06 -11.71
N GLY A 11 6.04 5.08 -12.38
CA GLY A 11 4.80 4.76 -11.71
C GLY A 11 4.46 3.28 -11.75
N ALA A 12 4.28 2.68 -10.57
CA ALA A 12 3.91 1.28 -10.47
C ALA A 12 3.50 0.93 -9.04
N CYS A 13 2.38 0.23 -8.90
CA CYS A 13 1.98 -0.32 -7.62
C CYS A 13 2.61 -1.70 -7.46
N SER A 14 3.20 -1.94 -6.31
CA SER A 14 3.97 -3.16 -6.10
C SER A 14 3.11 -4.33 -5.65
N ALA A 15 1.80 -4.16 -5.69
CA ALA A 15 0.91 -5.24 -5.28
C ALA A 15 0.38 -5.99 -6.49
N CYS A 16 -0.30 -5.29 -7.39
CA CYS A 16 -0.90 -5.94 -8.56
C CYS A 16 0.11 -6.03 -9.69
N GLY A 17 0.58 -4.88 -10.14
CA GLY A 17 1.54 -4.83 -11.22
C GLY A 17 1.15 -3.80 -12.26
N GLN A 18 0.00 -3.16 -12.05
CA GLN A 18 -0.46 -2.13 -12.96
C GLN A 18 0.21 -0.80 -12.65
N SER A 19 0.88 -0.24 -13.64
CA SER A 19 1.43 1.09 -13.51
C SER A 19 0.30 2.10 -13.34
N ILE A 20 0.42 2.93 -12.31
CA ILE A 20 -0.63 3.87 -11.95
C ILE A 20 -0.85 4.93 -13.03
N PRO A 21 -2.07 4.98 -13.59
CA PRO A 21 -2.45 5.98 -14.58
C PRO A 21 -2.74 7.33 -13.93
N ALA A 22 -2.83 8.37 -14.75
CA ALA A 22 -3.08 9.72 -14.26
C ALA A 22 -4.54 9.90 -13.87
N SER A 23 -5.33 8.84 -14.03
CA SER A 23 -6.75 8.87 -13.70
C SER A 23 -7.05 7.92 -12.54
N GLU A 24 -6.02 7.59 -11.77
CA GLU A 24 -6.16 6.70 -10.62
C GLU A 24 -5.39 7.27 -9.43
N LEU A 25 -5.74 6.83 -8.23
CA LEU A 25 -5.09 7.31 -7.03
C LEU A 25 -4.45 6.15 -6.27
N VAL A 26 -3.38 6.45 -5.55
CA VAL A 26 -2.66 5.42 -4.81
C VAL A 26 -2.43 5.85 -3.36
N MET A 27 -2.23 4.88 -2.49
CA MET A 27 -2.01 5.15 -1.08
C MET A 27 -0.54 4.93 -0.73
N ARG A 28 0.08 5.93 -0.12
CA ARG A 28 1.48 5.82 0.27
C ARG A 28 1.58 5.29 1.69
N ALA A 29 1.81 4.00 1.81
CA ALA A 29 1.93 3.36 3.11
C ALA A 29 3.15 3.88 3.86
N GLN A 30 4.31 3.69 3.24
CA GLN A 30 5.56 4.15 3.80
C GLN A 30 6.64 4.08 2.73
N GLY A 31 6.82 5.17 2.01
CA GLY A 31 7.76 5.19 0.89
C GLY A 31 7.17 4.60 -0.38
N ASN A 32 6.62 3.39 -0.27
CA ASN A 32 6.04 2.70 -1.42
C ASN A 32 4.55 3.02 -1.55
N VAL A 33 4.02 2.83 -2.76
CA VAL A 33 2.61 3.13 -3.03
C VAL A 33 1.85 1.88 -3.45
N TYR A 34 0.59 1.81 -3.03
CA TYR A 34 -0.28 0.69 -3.39
C TYR A 34 -1.65 1.21 -3.77
N HIS A 35 -2.45 0.39 -4.43
CA HIS A 35 -3.78 0.80 -4.85
C HIS A 35 -4.76 0.72 -3.68
N LEU A 36 -5.96 1.24 -3.90
CA LEU A 36 -7.02 1.18 -2.88
C LEU A 36 -7.47 -0.25 -2.65
N LYS A 37 -7.39 -1.07 -3.70
CA LYS A 37 -7.77 -2.48 -3.61
C LYS A 37 -6.56 -3.33 -3.21
N CYS A 38 -5.39 -2.88 -3.63
CA CYS A 38 -4.15 -3.59 -3.38
C CYS A 38 -3.66 -3.34 -1.95
N PHE A 39 -4.25 -2.35 -1.29
CA PHE A 39 -3.98 -2.07 0.12
C PHE A 39 -4.71 -3.09 0.99
N THR A 40 -4.17 -4.29 1.06
CA THR A 40 -4.79 -5.36 1.84
C THR A 40 -3.74 -6.09 2.70
N CYS A 41 -4.19 -6.60 3.84
CA CYS A 41 -3.31 -7.32 4.76
C CYS A 41 -2.98 -8.70 4.25
N SER A 42 -1.84 -9.22 4.68
CA SER A 42 -1.35 -10.50 4.19
C SER A 42 -2.06 -11.69 4.86
N THR A 43 -2.20 -11.64 6.18
CA THR A 43 -2.68 -12.79 6.94
C THR A 43 -4.15 -13.12 6.68
N CYS A 44 -5.03 -12.12 6.79
CA CYS A 44 -6.46 -12.35 6.65
C CYS A 44 -6.96 -11.90 5.28
N ARG A 45 -6.13 -11.12 4.60
CA ARG A 45 -6.48 -10.54 3.30
C ARG A 45 -7.57 -9.48 3.48
N ASN A 46 -7.53 -8.82 4.63
CA ASN A 46 -8.48 -7.77 4.96
C ASN A 46 -8.03 -6.45 4.34
N ARG A 47 -8.98 -5.62 3.95
CA ARG A 47 -8.66 -4.38 3.25
C ARG A 47 -8.35 -3.26 4.24
N LEU A 48 -7.30 -2.52 3.96
CA LEU A 48 -6.95 -1.34 4.75
C LEU A 48 -7.79 -0.17 4.27
N VAL A 49 -8.51 0.46 5.20
CA VAL A 49 -9.50 1.46 4.84
C VAL A 49 -9.19 2.80 5.52
N PRO A 50 -9.35 3.91 4.79
CA PRO A 50 -9.20 5.26 5.36
C PRO A 50 -10.19 5.47 6.50
N GLY A 51 -9.66 5.57 7.71
CA GLY A 51 -10.50 5.64 8.89
C GLY A 51 -10.33 4.42 9.76
N ASP A 52 -9.85 3.34 9.16
CA ASP A 52 -9.59 2.09 9.87
C ASP A 52 -8.11 1.98 10.19
N ARG A 53 -7.73 0.94 10.91
CA ARG A 53 -6.35 0.80 11.38
C ARG A 53 -5.57 -0.20 10.53
N PHE A 54 -4.34 0.16 10.19
CA PHE A 54 -3.47 -0.69 9.39
C PHE A 54 -2.08 -0.76 10.03
N HIS A 55 -1.32 -1.80 9.68
CA HIS A 55 0.02 -1.96 10.23
C HIS A 55 1.02 -2.23 9.10
N TYR A 56 2.20 -1.64 9.23
CA TYR A 56 3.27 -1.82 8.26
C TYR A 56 4.53 -2.30 8.97
N ILE A 57 4.80 -3.59 8.87
CA ILE A 57 5.94 -4.17 9.56
C ILE A 57 6.89 -4.84 8.58
N ASN A 58 8.07 -4.24 8.43
CA ASN A 58 9.10 -4.75 7.53
C ASN A 58 8.57 -4.85 6.10
N GLY A 59 7.99 -3.74 5.63
CA GLY A 59 7.46 -3.69 4.28
C GLY A 59 6.33 -4.69 4.06
N SER A 60 5.51 -4.91 5.09
CA SER A 60 4.42 -5.87 4.99
C SER A 60 3.14 -5.26 5.54
N LEU A 61 2.04 -5.53 4.86
CA LEU A 61 0.76 -4.94 5.21
C LEU A 61 -0.02 -5.85 6.16
N PHE A 62 -0.41 -5.30 7.29
CA PHE A 62 -1.22 -6.00 8.28
C PHE A 62 -2.41 -5.14 8.64
N CYS A 63 -3.44 -5.74 9.23
CA CYS A 63 -4.65 -5.01 9.53
C CYS A 63 -4.84 -4.83 11.03
N GLU A 64 -5.97 -4.25 11.41
CA GLU A 64 -6.33 -4.07 12.82
C GLU A 64 -6.71 -5.42 13.43
N HIS A 65 -7.29 -6.29 12.61
CA HIS A 65 -7.64 -7.64 13.05
C HIS A 65 -6.37 -8.42 13.30
N ASP A 66 -5.37 -8.13 12.48
CA ASP A 66 -4.04 -8.71 12.63
C ASP A 66 -3.40 -8.23 13.92
N ARG A 67 -2.90 -6.99 13.87
CA ARG A 67 -2.17 -6.39 14.99
C ARG A 67 -1.16 -7.36 15.61
N PRO A 68 -0.08 -7.66 14.89
CA PRO A 68 0.96 -8.57 15.37
C PRO A 68 1.80 -7.94 16.48
N THR A 69 1.24 -7.93 17.69
CA THR A 69 1.87 -7.33 18.85
C THR A 69 3.24 -7.94 19.14
N ALA A 70 3.36 -9.25 19.02
CA ALA A 70 4.61 -9.94 19.32
C ALA A 70 5.68 -9.65 18.27
N LEU A 71 5.24 -9.30 17.07
CA LEU A 71 6.14 -9.03 15.96
C LEU A 71 6.74 -7.64 16.07
N ILE A 72 5.88 -6.64 16.20
CA ILE A 72 6.32 -5.25 16.21
C ILE A 72 6.64 -4.76 17.64
N ASN A 73 6.04 -5.43 18.63
CA ASN A 73 6.18 -5.04 20.03
C ASN A 73 5.67 -3.63 20.27
N GLY A 74 4.48 -3.35 19.75
CA GLY A 74 3.88 -2.03 19.87
C GLY A 74 2.68 -1.88 18.97
N GLY A 75 2.91 -1.37 17.77
CA GLY A 75 1.84 -1.23 16.80
C GLY A 75 1.99 -0.02 15.92
N SER A 76 3.06 0.01 15.13
CA SER A 76 3.30 1.08 14.16
C SER A 76 2.94 2.47 14.72
N GLY A 77 3.64 2.88 15.77
CA GLY A 77 3.39 4.19 16.34
C GLY A 77 2.37 4.16 17.46
N GLY A 78 1.10 4.29 17.10
CA GLY A 78 0.06 4.42 18.11
C GLY A 78 -0.86 3.23 18.18
N SER A 79 -0.28 2.03 18.26
CA SER A 79 -1.04 0.79 18.41
C SER A 79 -2.00 0.56 17.23
N GLY A 80 -1.65 1.09 16.07
CA GLY A 80 -2.50 0.96 14.91
C GLY A 80 -2.66 2.28 14.17
N SER A 81 -1.94 2.44 13.09
CA SER A 81 -1.98 3.67 12.32
C SER A 81 -3.15 3.65 11.34
N ILE A 82 -3.74 4.82 11.12
CA ILE A 82 -4.83 4.94 10.17
C ILE A 82 -4.27 5.02 8.75
N ALA A 83 -4.96 4.39 7.79
CA ALA A 83 -4.56 4.44 6.40
C ALA A 83 -4.31 5.87 5.94
N PRO A 84 -3.13 6.13 5.36
CA PRO A 84 -2.66 7.49 5.02
C PRO A 84 -3.44 8.14 3.87
N PHE A 85 -4.55 7.53 3.49
CA PHE A 85 -5.45 8.07 2.46
C PHE A 85 -4.82 8.02 1.07
N PRO A 86 -5.64 8.06 0.01
CA PRO A 86 -5.16 8.04 -1.37
C PRO A 86 -4.76 9.42 -1.88
N GLU A 87 -3.79 9.43 -2.78
CA GLU A 87 -3.33 10.65 -3.42
C GLU A 87 -2.70 10.31 -4.77
N ALA A 88 -2.59 11.31 -5.63
CA ALA A 88 -1.95 11.12 -6.92
C ALA A 88 -0.42 11.11 -6.76
N ALA A 89 0.22 10.06 -7.22
CA ALA A 89 1.66 9.94 -7.13
C ALA A 89 2.33 10.43 -8.40
N LEU A 90 3.36 9.72 -8.86
CA LEU A 90 4.00 10.05 -10.12
C LEU A 90 3.35 9.26 -11.24
N PRO A 91 2.64 9.95 -12.15
CA PRO A 91 1.95 9.30 -13.27
C PRO A 91 2.92 8.60 -14.20
N THR A 92 2.60 7.35 -14.54
CA THR A 92 3.44 6.56 -15.41
C THR A 92 3.41 7.08 -16.85
N SER A 93 4.58 7.08 -17.48
CA SER A 93 4.75 7.51 -18.88
C SER A 93 4.58 9.02 -19.05
N HIS A 94 5.24 9.57 -20.07
CA HIS A 94 5.18 10.99 -20.34
C HIS A 94 4.30 11.27 -21.56
N PRO A 95 3.03 11.65 -21.34
CA PRO A 95 2.06 11.87 -22.40
C PRO A 95 2.04 13.32 -22.88
N LYS A 96 3.15 14.01 -22.71
CA LYS A 96 3.24 15.41 -23.12
C LYS A 96 3.48 15.48 -24.62
N GLY A 1 14.86 -8.10 -6.80
CA GLY A 1 13.43 -8.20 -7.20
C GLY A 1 12.79 -6.84 -7.41
N SER A 2 11.58 -6.86 -7.96
CA SER A 2 10.80 -5.65 -8.23
C SER A 2 11.59 -4.64 -9.07
N TYR A 3 12.16 -5.10 -10.18
CA TYR A 3 12.90 -4.23 -11.07
C TYR A 3 11.95 -3.58 -12.08
N ILE A 4 10.90 -4.30 -12.42
CA ILE A 4 9.91 -3.81 -13.36
C ILE A 4 8.58 -4.56 -13.17
N ARG A 5 7.49 -3.79 -13.05
CA ARG A 5 6.15 -4.36 -12.95
C ARG A 5 5.14 -3.40 -13.54
N LEU A 6 5.57 -2.67 -14.55
CA LEU A 6 4.71 -1.69 -15.22
C LEU A 6 5.21 -1.50 -16.64
N PHE A 7 4.59 -0.58 -17.38
CA PHE A 7 5.03 -0.26 -18.73
C PHE A 7 6.19 0.72 -18.68
N GLY A 8 7.34 0.24 -18.24
CA GLY A 8 8.51 1.08 -18.09
C GLY A 8 9.08 1.00 -16.69
N ASN A 9 9.09 2.12 -16.00
CA ASN A 9 9.60 2.15 -14.63
C ASN A 9 9.05 3.37 -13.90
N SER A 10 9.36 3.46 -12.60
CA SER A 10 8.93 4.58 -11.76
C SER A 10 7.41 4.68 -11.65
N GLY A 11 6.82 3.76 -10.90
CA GLY A 11 5.40 3.81 -10.66
C GLY A 11 4.70 2.50 -10.96
N ALA A 12 4.72 1.59 -10.00
CA ALA A 12 4.04 0.31 -10.15
C ALA A 12 3.53 -0.18 -8.81
N CYS A 13 2.38 -0.83 -8.83
CA CYS A 13 1.81 -1.41 -7.63
C CYS A 13 2.66 -2.55 -7.12
N SER A 14 2.75 -2.64 -5.80
CA SER A 14 3.44 -3.75 -5.18
C SER A 14 2.44 -4.84 -4.80
N ALA A 15 1.19 -4.67 -5.26
CA ALA A 15 0.14 -5.62 -4.96
C ALA A 15 -0.41 -6.27 -6.24
N CYS A 16 -0.96 -5.45 -7.16
CA CYS A 16 -1.49 -6.01 -8.40
C CYS A 16 -0.41 -6.03 -9.47
N GLY A 17 -0.08 -4.88 -10.01
CA GLY A 17 0.98 -4.79 -11.00
C GLY A 17 0.56 -4.05 -12.24
N GLN A 18 0.20 -2.79 -12.08
CA GLN A 18 -0.19 -1.97 -13.21
C GLN A 18 0.42 -0.58 -13.08
N SER A 19 0.67 0.04 -14.21
CA SER A 19 1.18 1.40 -14.26
C SER A 19 0.09 2.38 -13.80
N ILE A 20 0.38 3.10 -12.73
CA ILE A 20 -0.61 3.99 -12.11
C ILE A 20 -0.80 5.28 -12.90
N PRO A 21 -2.05 5.52 -13.38
CA PRO A 21 -2.42 6.77 -14.04
C PRO A 21 -2.64 7.90 -13.03
N ALA A 22 -2.71 9.13 -13.52
CA ALA A 22 -2.93 10.29 -12.65
C ALA A 22 -4.36 10.32 -12.13
N SER A 23 -5.25 9.63 -12.84
CA SER A 23 -6.66 9.57 -12.48
C SER A 23 -6.90 8.55 -11.37
N GLU A 24 -5.90 7.71 -11.12
CA GLU A 24 -5.99 6.68 -10.10
C GLU A 24 -5.14 7.06 -8.90
N LEU A 25 -5.78 7.18 -7.75
CA LEU A 25 -5.08 7.56 -6.53
C LEU A 25 -4.44 6.34 -5.87
N VAL A 26 -3.23 6.52 -5.37
CA VAL A 26 -2.49 5.43 -4.75
C VAL A 26 -2.27 5.70 -3.27
N MET A 27 -2.32 4.64 -2.48
CA MET A 27 -2.12 4.75 -1.05
C MET A 27 -0.64 4.54 -0.70
N ARG A 28 -0.06 5.56 -0.09
CA ARG A 28 1.35 5.52 0.25
C ARG A 28 1.55 5.09 1.70
N ALA A 29 2.06 3.87 1.88
CA ALA A 29 2.39 3.38 3.21
C ALA A 29 3.76 3.90 3.63
N GLN A 30 4.69 3.92 2.69
CA GLN A 30 6.03 4.44 2.91
C GLN A 30 6.81 4.45 1.60
N GLY A 31 7.74 3.52 1.45
CA GLY A 31 8.48 3.42 0.20
C GLY A 31 7.66 2.74 -0.88
N ASN A 32 6.77 1.84 -0.45
CA ASN A 32 5.95 1.05 -1.38
C ASN A 32 4.65 1.78 -1.70
N VAL A 33 4.03 1.40 -2.82
CA VAL A 33 2.79 2.01 -3.27
C VAL A 33 1.75 0.94 -3.58
N TYR A 34 0.53 1.18 -3.12
CA TYR A 34 -0.57 0.23 -3.35
C TYR A 34 -1.83 0.97 -3.77
N HIS A 35 -2.80 0.24 -4.31
CA HIS A 35 -4.06 0.83 -4.73
C HIS A 35 -5.09 0.77 -3.61
N LEU A 36 -6.23 1.42 -3.80
CA LEU A 36 -7.33 1.37 -2.85
C LEU A 36 -7.89 -0.06 -2.75
N LYS A 37 -7.81 -0.77 -3.88
CA LYS A 37 -8.29 -2.14 -3.96
C LYS A 37 -7.19 -3.13 -3.60
N CYS A 38 -5.96 -2.64 -3.55
CA CYS A 38 -4.79 -3.48 -3.35
C CYS A 38 -4.26 -3.39 -1.92
N PHE A 39 -4.60 -2.31 -1.23
CA PHE A 39 -4.18 -2.12 0.16
C PHE A 39 -4.82 -3.19 1.04
N THR A 40 -4.07 -4.25 1.34
CA THR A 40 -4.57 -5.35 2.15
C THR A 40 -3.44 -5.95 2.97
N CYS A 41 -3.77 -6.69 4.03
CA CYS A 41 -2.76 -7.40 4.80
C CYS A 41 -2.43 -8.73 4.14
N SER A 42 -1.22 -9.22 4.37
CA SER A 42 -0.79 -10.48 3.80
C SER A 42 -1.39 -11.66 4.56
N THR A 43 -1.89 -11.41 5.77
CA THR A 43 -2.36 -12.47 6.64
C THR A 43 -3.83 -12.81 6.43
N CYS A 44 -4.70 -11.80 6.45
CA CYS A 44 -6.13 -12.05 6.30
C CYS A 44 -6.65 -11.47 4.99
N ARG A 45 -5.86 -10.59 4.38
CA ARG A 45 -6.26 -9.89 3.16
C ARG A 45 -7.39 -8.92 3.45
N ASN A 46 -7.33 -8.31 4.63
CA ASN A 46 -8.30 -7.29 5.00
C ASN A 46 -7.99 -6.01 4.23
N ARG A 47 -8.98 -5.51 3.50
CA ARG A 47 -8.76 -4.34 2.66
C ARG A 47 -8.69 -3.08 3.51
N LEU A 48 -7.49 -2.54 3.66
CA LEU A 48 -7.27 -1.34 4.43
C LEU A 48 -7.93 -0.15 3.76
N VAL A 49 -8.64 0.63 4.54
CA VAL A 49 -9.48 1.70 4.04
C VAL A 49 -9.22 2.98 4.82
N PRO A 50 -9.22 4.15 4.15
CA PRO A 50 -9.12 5.43 4.85
C PRO A 50 -10.24 5.59 5.87
N GLY A 51 -9.89 5.52 7.15
CA GLY A 51 -10.88 5.54 8.19
C GLY A 51 -10.86 4.25 9.00
N ASP A 52 -10.16 3.25 8.46
CA ASP A 52 -9.95 1.98 9.16
C ASP A 52 -8.49 1.90 9.60
N ARG A 53 -8.17 0.92 10.43
CA ARG A 53 -6.82 0.82 11.00
C ARG A 53 -5.98 -0.22 10.27
N PHE A 54 -4.68 0.06 10.16
CA PHE A 54 -3.74 -0.82 9.49
C PHE A 54 -2.36 -0.72 10.15
N HIS A 55 -1.44 -1.58 9.75
CA HIS A 55 -0.09 -1.54 10.28
C HIS A 55 0.95 -1.83 9.20
N TYR A 56 2.05 -1.09 9.25
CA TYR A 56 3.14 -1.24 8.31
C TYR A 56 4.43 -1.51 9.08
N ILE A 57 4.86 -2.75 9.11
CA ILE A 57 6.02 -3.14 9.91
C ILE A 57 7.16 -3.62 9.02
N ASN A 58 8.18 -2.77 8.87
CA ASN A 58 9.41 -3.12 8.16
C ASN A 58 9.12 -3.39 6.68
N GLY A 59 8.05 -2.80 6.19
CA GLY A 59 7.67 -2.99 4.81
C GLY A 59 6.69 -4.13 4.62
N SER A 60 5.84 -4.36 5.61
CA SER A 60 4.86 -5.42 5.53
C SER A 60 3.50 -4.91 5.98
N LEU A 61 2.45 -5.31 5.28
CA LEU A 61 1.11 -4.82 5.57
C LEU A 61 0.33 -5.80 6.45
N PHE A 62 -0.21 -5.28 7.54
CA PHE A 62 -1.08 -6.04 8.42
C PHE A 62 -2.29 -5.19 8.77
N CYS A 63 -3.37 -5.81 9.23
CA CYS A 63 -4.56 -5.05 9.59
C CYS A 63 -4.64 -4.91 11.11
N GLU A 64 -5.77 -4.39 11.56
CA GLU A 64 -6.02 -4.24 12.98
C GLU A 64 -6.42 -5.59 13.58
N HIS A 65 -6.88 -6.50 12.73
CA HIS A 65 -7.37 -7.79 13.17
C HIS A 65 -6.22 -8.76 13.40
N ASP A 66 -5.24 -8.72 12.49
CA ASP A 66 -4.10 -9.63 12.58
C ASP A 66 -2.86 -8.92 13.11
N ARG A 67 -3.07 -7.70 13.59
CA ARG A 67 -2.00 -6.85 14.14
C ARG A 67 -1.06 -7.64 15.06
N PRO A 68 0.19 -7.85 14.62
CA PRO A 68 1.19 -8.60 15.37
C PRO A 68 1.82 -7.76 16.48
N THR A 69 1.45 -8.06 17.72
CA THR A 69 1.98 -7.36 18.87
C THR A 69 3.39 -7.87 19.23
N ALA A 70 3.72 -9.07 18.78
CA ALA A 70 5.05 -9.65 19.04
C ALA A 70 6.14 -8.82 18.36
N LEU A 71 6.01 -8.69 17.05
CA LEU A 71 6.94 -7.87 16.27
C LEU A 71 6.19 -6.70 15.65
N ILE A 72 5.99 -5.66 16.44
CA ILE A 72 5.19 -4.52 16.02
C ILE A 72 6.06 -3.27 15.83
N ASN A 73 5.70 -2.47 14.83
CA ASN A 73 6.39 -1.20 14.59
C ASN A 73 6.07 -0.21 15.71
N GLY A 74 4.81 0.16 15.80
CA GLY A 74 4.38 1.07 16.85
C GLY A 74 3.34 0.44 17.75
N GLY A 75 3.78 -0.21 18.81
CA GLY A 75 2.87 -0.88 19.72
C GLY A 75 2.86 -0.23 21.08
N SER A 76 1.90 0.66 21.29
CA SER A 76 1.77 1.39 22.55
C SER A 76 0.59 0.87 23.35
N GLY A 77 -0.07 -0.15 22.81
CA GLY A 77 -1.26 -0.69 23.44
C GLY A 77 -2.42 -0.68 22.47
N GLY A 78 -3.32 0.27 22.62
CA GLY A 78 -4.43 0.42 21.70
C GLY A 78 -4.00 1.11 20.42
N SER A 79 -2.93 0.62 19.82
CA SER A 79 -2.38 1.21 18.63
C SER A 79 -2.93 0.55 17.37
N GLY A 80 -2.90 1.30 16.28
CA GLY A 80 -3.47 0.86 15.03
C GLY A 80 -3.71 2.04 14.11
N SER A 81 -2.67 2.44 13.41
CA SER A 81 -2.71 3.65 12.59
C SER A 81 -3.74 3.56 11.49
N ILE A 82 -4.51 4.63 11.32
CA ILE A 82 -5.46 4.73 10.24
C ILE A 82 -4.71 4.81 8.92
N ALA A 83 -5.20 4.08 7.91
CA ALA A 83 -4.60 4.13 6.57
C ALA A 83 -4.54 5.58 6.10
N PRO A 84 -3.32 6.04 5.70
CA PRO A 84 -3.06 7.45 5.38
C PRO A 84 -4.12 8.06 4.46
N PHE A 85 -3.99 7.82 3.16
CA PHE A 85 -4.95 8.28 2.15
C PHE A 85 -4.37 8.06 0.77
N PRO A 86 -5.22 7.84 -0.23
CA PRO A 86 -4.80 7.73 -1.62
C PRO A 86 -4.70 9.09 -2.32
N GLU A 87 -3.57 9.35 -2.95
CA GLU A 87 -3.37 10.58 -3.71
C GLU A 87 -2.64 10.28 -5.01
N ALA A 88 -2.67 11.24 -5.94
CA ALA A 88 -1.98 11.06 -7.22
C ALA A 88 -0.47 11.23 -7.05
N ALA A 89 0.26 10.14 -7.20
CA ALA A 89 1.69 10.15 -6.99
C ALA A 89 2.45 10.61 -8.23
N LEU A 90 2.82 9.67 -9.09
CA LEU A 90 3.62 9.98 -10.26
C LEU A 90 3.02 9.35 -11.50
N PRO A 91 2.86 10.14 -12.58
CA PRO A 91 2.41 9.63 -13.89
C PRO A 91 3.41 8.63 -14.45
N THR A 92 2.90 7.50 -14.90
CA THR A 92 3.75 6.39 -15.32
C THR A 92 3.70 6.18 -16.82
N SER A 93 4.61 5.34 -17.31
CA SER A 93 4.68 4.97 -18.73
C SER A 93 4.82 6.20 -19.64
N HIS A 94 3.90 6.33 -20.59
CA HIS A 94 3.92 7.44 -21.54
C HIS A 94 2.68 8.29 -21.37
N PRO A 95 2.84 9.61 -21.17
CA PRO A 95 1.71 10.55 -21.03
C PRO A 95 0.95 10.74 -22.33
N LYS A 96 1.66 10.64 -23.44
CA LYS A 96 1.04 10.83 -24.75
C LYS A 96 0.39 9.54 -25.23
N GLY A 1 12.77 -10.47 -21.71
CA GLY A 1 12.62 -9.34 -20.76
C GLY A 1 11.29 -9.38 -20.05
N SER A 2 11.15 -10.27 -19.08
CA SER A 2 9.90 -10.44 -18.35
C SER A 2 9.92 -9.65 -17.05
N TYR A 3 10.70 -8.58 -17.02
CA TYR A 3 10.78 -7.72 -15.85
C TYR A 3 9.82 -6.54 -15.99
N ILE A 4 8.91 -6.66 -16.93
CA ILE A 4 7.98 -5.60 -17.23
C ILE A 4 6.67 -5.78 -16.47
N ARG A 5 6.58 -5.12 -15.33
CA ARG A 5 5.36 -5.13 -14.55
C ARG A 5 4.75 -3.75 -14.58
N LEU A 6 5.21 -2.95 -15.53
CA LEU A 6 4.74 -1.60 -15.72
C LEU A 6 4.80 -1.25 -17.20
N PHE A 7 3.66 -0.87 -17.76
CA PHE A 7 3.53 -0.60 -19.20
C PHE A 7 4.61 0.38 -19.65
N GLY A 8 4.61 1.56 -19.06
CA GLY A 8 5.72 2.46 -19.23
C GLY A 8 6.68 2.33 -18.08
N ASN A 9 7.94 2.04 -18.38
CA ASN A 9 8.96 1.87 -17.34
C ASN A 9 9.17 3.19 -16.58
N SER A 10 8.37 3.41 -15.55
CA SER A 10 8.44 4.63 -14.76
C SER A 10 8.05 4.35 -13.32
N GLY A 11 6.83 3.85 -13.12
CA GLY A 11 6.36 3.52 -11.79
C GLY A 11 5.36 2.38 -11.81
N ALA A 12 5.12 1.78 -10.65
CA ALA A 12 4.20 0.64 -10.54
C ALA A 12 3.88 0.37 -9.07
N CYS A 13 2.80 -0.37 -8.81
CA CYS A 13 2.44 -0.72 -7.44
C CYS A 13 3.01 -2.11 -7.12
N SER A 14 3.44 -2.29 -5.88
CA SER A 14 4.14 -3.51 -5.49
C SER A 14 3.17 -4.63 -5.09
N ALA A 15 1.91 -4.47 -5.42
CA ALA A 15 0.92 -5.49 -5.10
C ALA A 15 0.38 -6.17 -6.35
N CYS A 16 -0.18 -5.38 -7.26
CA CYS A 16 -0.80 -5.96 -8.46
C CYS A 16 0.18 -5.97 -9.63
N GLY A 17 0.42 -4.80 -10.20
CA GLY A 17 1.27 -4.70 -11.36
C GLY A 17 0.62 -3.87 -12.46
N GLN A 18 -0.52 -3.26 -12.14
CA GLN A 18 -1.16 -2.36 -13.07
C GLN A 18 -0.54 -0.97 -12.94
N SER A 19 0.06 -0.51 -14.02
CA SER A 19 0.73 0.78 -14.04
C SER A 19 -0.25 1.91 -13.79
N ILE A 20 0.05 2.72 -12.76
CA ILE A 20 -0.88 3.73 -12.28
C ILE A 20 -1.14 4.83 -13.32
N PRO A 21 -2.37 4.87 -13.85
CA PRO A 21 -2.81 5.93 -14.75
C PRO A 21 -3.04 7.23 -14.00
N ALA A 22 -3.20 8.31 -14.74
CA ALA A 22 -3.40 9.64 -14.13
C ALA A 22 -4.79 9.75 -13.50
N SER A 23 -5.57 8.69 -13.60
CA SER A 23 -6.91 8.67 -13.04
C SER A 23 -7.04 7.62 -11.94
N GLU A 24 -5.90 7.11 -11.49
CA GLU A 24 -5.89 6.12 -10.42
C GLU A 24 -5.18 6.69 -9.20
N LEU A 25 -5.69 6.35 -8.02
CA LEU A 25 -5.16 6.87 -6.79
C LEU A 25 -4.44 5.77 -6.02
N VAL A 26 -3.29 6.11 -5.44
CA VAL A 26 -2.48 5.15 -4.71
C VAL A 26 -2.30 5.59 -3.26
N MET A 27 -2.22 4.62 -2.37
CA MET A 27 -2.05 4.89 -0.96
C MET A 27 -0.57 4.82 -0.60
N ARG A 28 0.00 5.95 -0.24
CA ARG A 28 1.41 6.02 0.09
C ARG A 28 1.64 5.79 1.57
N ALA A 29 2.08 4.59 1.92
CA ALA A 29 2.42 4.28 3.30
C ALA A 29 3.78 4.85 3.65
N GLN A 30 4.67 4.83 2.68
CA GLN A 30 6.04 5.32 2.86
C GLN A 30 6.55 5.89 1.54
N GLY A 31 7.73 5.45 1.12
CA GLY A 31 8.23 5.81 -0.19
C GLY A 31 7.82 4.80 -1.23
N ASN A 32 6.92 3.91 -0.83
CA ASN A 32 6.42 2.87 -1.70
C ASN A 32 4.91 3.01 -1.85
N VAL A 33 4.40 2.72 -3.04
CA VAL A 33 2.99 2.94 -3.33
C VAL A 33 2.22 1.64 -3.56
N TYR A 34 1.00 1.62 -3.04
CA TYR A 34 0.07 0.54 -3.30
C TYR A 34 -1.27 1.14 -3.70
N HIS A 35 -2.14 0.37 -4.35
CA HIS A 35 -3.42 0.90 -4.78
C HIS A 35 -4.43 0.86 -3.66
N LEU A 36 -5.58 1.50 -3.86
CA LEU A 36 -6.67 1.45 -2.91
C LEU A 36 -7.23 0.04 -2.83
N LYS A 37 -7.13 -0.68 -3.94
CA LYS A 37 -7.59 -2.07 -4.02
C LYS A 37 -6.46 -3.01 -3.62
N CYS A 38 -5.25 -2.47 -3.52
CA CYS A 38 -4.07 -3.26 -3.22
C CYS A 38 -3.57 -3.00 -1.81
N PHE A 39 -4.27 -2.13 -1.09
CA PHE A 39 -3.93 -1.82 0.29
C PHE A 39 -4.59 -2.84 1.24
N THR A 40 -4.24 -4.09 1.05
CA THR A 40 -4.76 -5.17 1.87
C THR A 40 -3.64 -5.80 2.69
N CYS A 41 -3.98 -6.42 3.81
CA CYS A 41 -2.98 -7.08 4.63
C CYS A 41 -2.44 -8.32 3.93
N SER A 42 -1.23 -8.69 4.26
CA SER A 42 -0.56 -9.81 3.61
C SER A 42 -0.89 -11.13 4.32
N THR A 43 -1.82 -11.09 5.27
CA THR A 43 -2.15 -12.28 6.05
C THR A 43 -3.57 -12.77 5.78
N CYS A 44 -4.56 -11.88 5.88
CA CYS A 44 -5.95 -12.27 5.71
C CYS A 44 -6.57 -11.62 4.48
N ARG A 45 -5.80 -10.74 3.84
CA ARG A 45 -6.26 -9.97 2.68
C ARG A 45 -7.36 -9.02 3.11
N ASN A 46 -7.27 -8.54 4.34
CA ASN A 46 -8.22 -7.57 4.85
C ASN A 46 -7.87 -6.18 4.33
N ARG A 47 -8.83 -5.54 3.68
CA ARG A 47 -8.59 -4.22 3.11
C ARG A 47 -8.66 -3.15 4.19
N LEU A 48 -7.58 -2.41 4.35
CA LEU A 48 -7.52 -1.34 5.34
C LEU A 48 -8.44 -0.19 4.94
N VAL A 49 -8.77 0.67 5.90
CA VAL A 49 -9.74 1.74 5.65
C VAL A 49 -9.18 3.08 6.07
N PRO A 50 -9.25 4.09 5.19
CA PRO A 50 -8.85 5.45 5.52
C PRO A 50 -9.71 6.01 6.65
N GLY A 51 -9.09 6.20 7.80
CA GLY A 51 -9.81 6.66 8.96
C GLY A 51 -9.81 5.62 10.07
N ASP A 52 -9.51 4.38 9.69
CA ASP A 52 -9.41 3.29 10.66
C ASP A 52 -7.96 2.81 10.76
N ARG A 53 -7.75 1.69 11.43
CA ARG A 53 -6.41 1.23 11.75
C ARG A 53 -5.84 0.31 10.67
N PHE A 54 -4.53 0.42 10.50
CA PHE A 54 -3.78 -0.43 9.60
C PHE A 54 -2.41 -0.71 10.21
N HIS A 55 -1.73 -1.76 9.77
CA HIS A 55 -0.44 -2.10 10.34
C HIS A 55 0.62 -2.24 9.26
N TYR A 56 1.67 -1.45 9.37
CA TYR A 56 2.81 -1.57 8.50
C TYR A 56 4.06 -1.77 9.36
N ILE A 57 4.52 -3.01 9.45
CA ILE A 57 5.66 -3.33 10.29
C ILE A 57 6.74 -4.02 9.48
N ASN A 58 7.95 -3.45 9.50
CA ASN A 58 9.10 -4.00 8.80
C ASN A 58 8.84 -4.07 7.29
N GLY A 59 8.01 -3.15 6.82
CA GLY A 59 7.68 -3.11 5.42
C GLY A 59 6.70 -4.19 5.02
N SER A 60 5.76 -4.52 5.92
CA SER A 60 4.77 -5.53 5.66
C SER A 60 3.40 -5.07 6.14
N LEU A 61 2.35 -5.47 5.43
CA LEU A 61 1.01 -4.98 5.73
C LEU A 61 0.22 -5.97 6.56
N PHE A 62 -0.37 -5.47 7.63
CA PHE A 62 -1.29 -6.23 8.45
C PHE A 62 -2.55 -5.39 8.67
N CYS A 63 -3.62 -6.04 9.11
CA CYS A 63 -4.89 -5.35 9.25
C CYS A 63 -5.22 -5.10 10.72
N GLU A 64 -6.43 -4.60 10.95
CA GLU A 64 -6.92 -4.34 12.30
C GLU A 64 -7.29 -5.67 12.96
N HIS A 65 -7.64 -6.64 12.15
CA HIS A 65 -7.95 -7.98 12.62
C HIS A 65 -6.65 -8.72 12.93
N ASP A 66 -5.65 -8.46 12.11
CA ASP A 66 -4.32 -9.03 12.27
C ASP A 66 -3.74 -8.70 13.64
N ARG A 67 -3.43 -7.41 13.83
CA ARG A 67 -2.81 -6.92 15.07
C ARG A 67 -1.68 -7.85 15.53
N PRO A 68 -0.55 -7.86 14.81
CA PRO A 68 0.58 -8.75 15.14
C PRO A 68 0.98 -8.66 16.61
N THR A 69 0.94 -9.80 17.29
CA THR A 69 1.21 -9.85 18.71
C THR A 69 2.65 -10.25 19.00
N ALA A 70 3.44 -10.40 17.94
CA ALA A 70 4.85 -10.77 18.08
C ALA A 70 5.75 -9.57 17.86
N LEU A 71 5.72 -9.01 16.66
CA LEU A 71 6.53 -7.85 16.34
C LEU A 71 5.64 -6.64 16.12
N ILE A 72 5.75 -5.67 17.00
CA ILE A 72 4.97 -4.44 16.90
C ILE A 72 5.84 -3.24 17.25
N ASN A 73 5.43 -2.07 16.79
CA ASN A 73 6.14 -0.83 17.10
C ASN A 73 5.79 -0.36 18.50
N GLY A 74 4.67 -0.87 19.01
CA GLY A 74 4.22 -0.49 20.32
C GLY A 74 2.81 -0.99 20.59
N GLY A 75 2.70 -2.10 21.32
CA GLY A 75 1.39 -2.67 21.62
C GLY A 75 0.79 -2.06 22.86
N SER A 76 0.70 -0.75 22.90
CA SER A 76 0.15 -0.04 24.05
C SER A 76 -1.38 -0.03 24.01
N GLY A 77 -1.97 -1.22 23.94
CA GLY A 77 -3.40 -1.34 23.88
C GLY A 77 -3.95 -0.99 22.50
N GLY A 78 -4.05 0.29 22.21
CA GLY A 78 -4.55 0.74 20.93
C GLY A 78 -3.46 0.77 19.88
N SER A 79 -2.92 -0.39 19.55
CA SER A 79 -1.84 -0.50 18.58
C SER A 79 -2.38 -0.55 17.16
N GLY A 80 -2.24 0.55 16.44
CA GLY A 80 -2.67 0.59 15.07
C GLY A 80 -2.71 2.01 14.53
N SER A 81 -1.91 2.26 13.50
CA SER A 81 -1.90 3.57 12.86
C SER A 81 -3.11 3.69 11.93
N ILE A 82 -3.41 4.90 11.50
CA ILE A 82 -4.54 5.14 10.61
C ILE A 82 -4.11 4.98 9.16
N ALA A 83 -4.88 4.20 8.41
CA ALA A 83 -4.58 3.95 7.01
C ALA A 83 -4.58 5.26 6.21
N PRO A 84 -3.46 5.54 5.53
CA PRO A 84 -3.33 6.76 4.72
C PRO A 84 -4.35 6.84 3.59
N PHE A 85 -4.65 8.05 3.17
CA PHE A 85 -5.62 8.27 2.11
C PHE A 85 -4.94 8.19 0.76
N PRO A 86 -5.68 7.73 -0.28
CA PRO A 86 -5.16 7.60 -1.63
C PRO A 86 -4.94 8.95 -2.30
N GLU A 87 -3.83 9.08 -3.00
CA GLU A 87 -3.52 10.30 -3.73
C GLU A 87 -2.83 9.94 -5.05
N ALA A 88 -2.54 10.95 -5.85
CA ALA A 88 -1.86 10.72 -7.11
C ALA A 88 -0.36 10.88 -6.94
N ALA A 89 0.35 9.76 -7.06
CA ALA A 89 1.80 9.76 -6.92
C ALA A 89 2.46 10.21 -8.23
N LEU A 90 2.79 9.25 -9.10
CA LEU A 90 3.40 9.56 -10.37
C LEU A 90 2.67 8.82 -11.49
N PRO A 91 2.10 9.56 -12.45
CA PRO A 91 1.45 8.96 -13.62
C PRO A 91 2.44 8.15 -14.45
N THR A 92 2.15 6.87 -14.61
CA THR A 92 3.06 5.97 -15.30
C THR A 92 3.01 6.18 -16.81
N SER A 93 4.12 5.84 -17.49
CA SER A 93 4.24 5.92 -18.95
C SER A 93 4.37 7.38 -19.39
N HIS A 94 5.60 7.89 -19.33
CA HIS A 94 5.91 9.26 -19.73
C HIS A 94 5.57 9.48 -21.20
N PRO A 95 4.97 10.63 -21.54
CA PRO A 95 4.65 10.99 -22.94
C PRO A 95 5.86 11.55 -23.69
N LYS A 96 7.03 11.45 -23.07
CA LYS A 96 8.26 11.91 -23.68
C LYS A 96 8.79 10.86 -24.65
N GLY A 1 6.67 -14.61 -15.16
CA GLY A 1 7.87 -14.53 -16.01
C GLY A 1 8.32 -13.10 -16.22
N SER A 2 9.52 -12.92 -16.75
CA SER A 2 10.05 -11.60 -17.01
C SER A 2 9.27 -10.91 -18.15
N TYR A 3 8.35 -10.05 -17.76
CA TYR A 3 7.56 -9.27 -18.70
C TYR A 3 7.30 -7.89 -18.12
N ILE A 4 6.99 -6.93 -18.99
CA ILE A 4 6.73 -5.57 -18.55
C ILE A 4 5.40 -5.49 -17.81
N ARG A 5 5.48 -5.24 -16.51
CA ARG A 5 4.29 -5.19 -15.66
C ARG A 5 3.94 -3.74 -15.37
N LEU A 6 4.51 -2.85 -16.16
CA LEU A 6 4.30 -1.42 -16.01
C LEU A 6 4.31 -0.74 -17.37
N PHE A 7 4.20 -1.57 -18.42
CA PHE A 7 4.37 -1.11 -19.79
C PHE A 7 5.67 -0.31 -19.92
N GLY A 8 5.56 1.00 -20.09
CA GLY A 8 6.72 1.86 -20.05
C GLY A 8 7.22 2.00 -18.63
N ASN A 9 8.34 1.36 -18.33
CA ASN A 9 8.91 1.33 -16.98
C ASN A 9 8.97 2.73 -16.36
N SER A 10 8.18 2.93 -15.30
CA SER A 10 8.19 4.20 -14.57
C SER A 10 7.53 4.02 -13.19
N GLY A 11 6.21 3.89 -13.18
CA GLY A 11 5.50 3.72 -11.93
C GLY A 11 4.41 2.66 -12.01
N ALA A 12 4.46 1.71 -11.07
CA ALA A 12 3.47 0.64 -10.98
C ALA A 12 3.29 0.22 -9.53
N CYS A 13 2.23 -0.52 -9.25
CA CYS A 13 1.96 -0.97 -7.89
C CYS A 13 2.29 -2.45 -7.79
N SER A 14 2.89 -2.83 -6.67
CA SER A 14 3.44 -4.16 -6.50
C SER A 14 2.36 -5.19 -6.19
N ALA A 15 1.21 -4.73 -5.73
CA ALA A 15 0.16 -5.64 -5.29
C ALA A 15 -0.58 -6.24 -6.48
N CYS A 16 -0.92 -5.42 -7.45
CA CYS A 16 -1.62 -5.90 -8.63
C CYS A 16 -0.66 -6.04 -9.81
N GLY A 17 -0.14 -4.91 -10.25
CA GLY A 17 0.77 -4.91 -11.37
C GLY A 17 0.24 -4.12 -12.53
N GLN A 18 -0.28 -2.94 -12.24
CA GLN A 18 -0.82 -2.07 -13.27
C GLN A 18 -0.13 -0.71 -13.22
N SER A 19 0.04 -0.11 -14.39
CA SER A 19 0.62 1.20 -14.51
C SER A 19 -0.32 2.26 -13.92
N ILE A 20 0.25 3.27 -13.29
CA ILE A 20 -0.54 4.32 -12.65
C ILE A 20 -0.38 5.67 -13.36
N PRO A 21 -1.36 6.05 -14.18
CA PRO A 21 -1.40 7.36 -14.82
C PRO A 21 -1.86 8.44 -13.83
N ALA A 22 -1.72 9.70 -14.23
CA ALA A 22 -2.03 10.83 -13.34
C ALA A 22 -3.55 11.01 -13.17
N SER A 23 -4.33 10.12 -13.75
CA SER A 23 -5.78 10.16 -13.62
C SER A 23 -6.23 9.22 -12.51
N GLU A 24 -5.34 8.31 -12.15
CA GLU A 24 -5.64 7.27 -11.19
C GLU A 24 -5.04 7.60 -9.84
N LEU A 25 -5.63 7.09 -8.78
CA LEU A 25 -5.18 7.39 -7.42
C LEU A 25 -4.54 6.18 -6.78
N VAL A 26 -3.50 6.42 -5.99
CA VAL A 26 -2.79 5.36 -5.31
C VAL A 26 -2.65 5.65 -3.82
N MET A 27 -2.36 4.62 -3.06
CA MET A 27 -2.20 4.74 -1.62
C MET A 27 -0.77 4.41 -1.22
N ARG A 28 -0.05 5.40 -0.74
CA ARG A 28 1.33 5.20 -0.32
C ARG A 28 1.44 5.16 1.19
N ALA A 29 1.87 4.03 1.71
CA ALA A 29 2.09 3.88 3.14
C ALA A 29 3.43 4.51 3.52
N GLN A 30 4.49 3.99 2.92
CA GLN A 30 5.84 4.51 3.10
C GLN A 30 6.81 3.76 2.21
N GLY A 31 7.37 4.45 1.24
CA GLY A 31 8.30 3.83 0.31
C GLY A 31 7.59 3.19 -0.86
N ASN A 32 6.89 2.11 -0.60
CA ASN A 32 6.17 1.39 -1.64
C ASN A 32 4.75 1.94 -1.79
N VAL A 33 4.20 1.82 -2.99
CA VAL A 33 2.87 2.35 -3.27
C VAL A 33 1.94 1.21 -3.70
N TYR A 34 0.67 1.34 -3.32
CA TYR A 34 -0.35 0.35 -3.65
C TYR A 34 -1.64 1.05 -4.06
N HIS A 35 -2.68 0.29 -4.31
CA HIS A 35 -3.96 0.86 -4.70
C HIS A 35 -4.95 0.76 -3.54
N LEU A 36 -6.17 1.25 -3.76
CA LEU A 36 -7.21 1.20 -2.73
C LEU A 36 -7.60 -0.26 -2.46
N LYS A 37 -7.72 -1.03 -3.52
CA LYS A 37 -8.07 -2.44 -3.43
C LYS A 37 -6.83 -3.26 -3.06
N CYS A 38 -5.67 -2.77 -3.45
CA CYS A 38 -4.40 -3.44 -3.22
C CYS A 38 -3.92 -3.22 -1.78
N PHE A 39 -4.51 -2.22 -1.13
CA PHE A 39 -4.18 -1.89 0.26
C PHE A 39 -4.84 -2.90 1.20
N THR A 40 -4.20 -4.05 1.37
CA THR A 40 -4.73 -5.11 2.20
C THR A 40 -3.62 -5.70 3.07
N CYS A 41 -3.98 -6.35 4.17
CA CYS A 41 -2.99 -7.02 4.99
C CYS A 41 -2.48 -8.27 4.29
N SER A 42 -1.26 -8.66 4.58
CA SER A 42 -0.64 -9.78 3.88
C SER A 42 -0.97 -11.13 4.55
N THR A 43 -1.83 -11.11 5.55
CA THR A 43 -2.12 -12.32 6.30
C THR A 43 -3.57 -12.78 6.13
N CYS A 44 -4.53 -11.87 6.34
CA CYS A 44 -5.95 -12.23 6.25
C CYS A 44 -6.60 -11.48 5.09
N ARG A 45 -5.77 -10.79 4.31
CA ARG A 45 -6.21 -9.99 3.16
C ARG A 45 -7.32 -9.02 3.55
N ASN A 46 -7.20 -8.42 4.72
CA ASN A 46 -8.19 -7.46 5.19
C ASN A 46 -7.90 -6.10 4.56
N ARG A 47 -8.93 -5.49 3.98
CA ARG A 47 -8.77 -4.24 3.27
C ARG A 47 -8.63 -3.07 4.24
N LEU A 48 -7.53 -2.34 4.12
CA LEU A 48 -7.29 -1.19 4.97
C LEU A 48 -8.08 0.02 4.45
N VAL A 49 -8.67 0.77 5.37
CA VAL A 49 -9.54 1.88 5.00
C VAL A 49 -9.22 3.11 5.83
N PRO A 50 -9.23 4.30 5.21
CA PRO A 50 -9.08 5.56 5.93
C PRO A 50 -10.09 5.69 7.06
N GLY A 51 -9.60 5.80 8.28
CA GLY A 51 -10.48 5.86 9.43
C GLY A 51 -10.55 4.51 10.12
N ASP A 52 -9.84 3.54 9.59
CA ASP A 52 -9.77 2.22 10.20
C ASP A 52 -8.34 1.88 10.56
N ARG A 53 -8.12 0.64 11.00
CA ARG A 53 -6.83 0.25 11.53
C ARG A 53 -5.94 -0.33 10.43
N PHE A 54 -4.74 0.22 10.31
CA PHE A 54 -3.75 -0.30 9.39
C PHE A 54 -2.40 -0.31 10.08
N HIS A 55 -1.67 -1.40 9.94
CA HIS A 55 -0.38 -1.52 10.62
C HIS A 55 0.75 -1.79 9.63
N TYR A 56 1.67 -0.86 9.53
CA TYR A 56 2.82 -0.99 8.67
C TYR A 56 4.04 -1.33 9.51
N ILE A 57 4.40 -2.60 9.52
CA ILE A 57 5.50 -3.06 10.35
C ILE A 57 6.62 -3.64 9.50
N ASN A 58 7.77 -2.97 9.54
CA ASN A 58 8.96 -3.40 8.79
C ASN A 58 8.68 -3.48 7.30
N GLY A 59 7.79 -2.61 6.82
CA GLY A 59 7.47 -2.60 5.40
C GLY A 59 6.47 -3.67 5.01
N SER A 60 5.55 -3.97 5.91
CA SER A 60 4.55 -4.99 5.66
C SER A 60 3.19 -4.55 6.18
N LEU A 61 2.15 -4.84 5.41
CA LEU A 61 0.79 -4.43 5.78
C LEU A 61 0.10 -5.52 6.60
N PHE A 62 -0.34 -5.13 7.79
CA PHE A 62 -1.10 -6.03 8.66
C PHE A 62 -2.37 -5.33 9.12
N CYS A 63 -3.36 -6.11 9.55
CA CYS A 63 -4.63 -5.56 9.95
C CYS A 63 -4.88 -5.77 11.45
N GLU A 64 -6.11 -5.50 11.87
CA GLU A 64 -6.49 -5.65 13.27
C GLU A 64 -6.75 -7.12 13.61
N HIS A 65 -7.04 -7.92 12.59
CA HIS A 65 -7.37 -9.31 12.78
C HIS A 65 -6.11 -10.13 13.02
N ASP A 66 -5.00 -9.67 12.45
CA ASP A 66 -3.73 -10.37 12.56
C ASP A 66 -2.67 -9.46 13.18
N ARG A 67 -3.14 -8.52 14.01
CA ARG A 67 -2.28 -7.53 14.67
C ARG A 67 -1.10 -8.19 15.39
N PRO A 68 0.12 -7.99 14.88
CA PRO A 68 1.33 -8.58 15.45
C PRO A 68 1.89 -7.75 16.60
N THR A 69 1.34 -7.96 17.79
CA THR A 69 1.75 -7.22 18.99
C THR A 69 3.17 -7.56 19.43
N ALA A 70 3.81 -8.47 18.71
CA ALA A 70 5.18 -8.89 19.02
C ALA A 70 6.18 -7.75 18.77
N LEU A 71 5.75 -6.75 18.01
CA LEU A 71 6.60 -5.60 17.74
C LEU A 71 5.77 -4.32 17.69
N ILE A 72 5.49 -3.83 16.48
CA ILE A 72 4.78 -2.57 16.28
C ILE A 72 5.57 -1.39 16.84
N ASN A 73 6.24 -0.66 15.95
CA ASN A 73 7.02 0.51 16.36
C ASN A 73 6.11 1.61 16.85
N GLY A 74 5.97 1.71 18.16
CA GLY A 74 5.08 2.70 18.74
C GLY A 74 3.74 2.09 19.13
N GLY A 75 3.75 0.79 19.34
CA GLY A 75 2.55 0.09 19.77
C GLY A 75 2.28 0.26 21.26
N SER A 76 2.04 1.50 21.67
CA SER A 76 1.74 1.81 23.05
C SER A 76 0.34 1.34 23.43
N GLY A 77 0.24 0.10 23.86
CA GLY A 77 -1.04 -0.46 24.26
C GLY A 77 -1.97 -0.65 23.09
N GLY A 78 -2.95 0.22 22.97
CA GLY A 78 -3.91 0.12 21.89
C GLY A 78 -3.53 0.96 20.70
N SER A 79 -2.46 1.74 20.85
CA SER A 79 -2.00 2.65 19.80
C SER A 79 -1.61 1.91 18.53
N GLY A 80 -2.05 2.45 17.40
CA GLY A 80 -1.73 1.89 16.11
C GLY A 80 -1.76 2.95 15.04
N SER A 81 -1.83 2.55 13.78
CA SER A 81 -1.85 3.49 12.67
C SER A 81 -3.18 3.43 11.92
N ILE A 82 -3.46 4.50 11.20
CA ILE A 82 -4.66 4.61 10.40
C ILE A 82 -4.29 4.59 8.92
N ALA A 83 -5.06 3.86 8.12
CA ALA A 83 -4.79 3.72 6.69
C ALA A 83 -4.77 5.08 6.00
N PRO A 84 -3.66 5.40 5.32
CA PRO A 84 -3.49 6.63 4.55
C PRO A 84 -4.54 6.77 3.45
N PHE A 85 -4.70 8.00 2.96
CA PHE A 85 -5.69 8.29 1.95
C PHE A 85 -5.06 8.25 0.56
N PRO A 86 -5.88 8.02 -0.49
CA PRO A 86 -5.40 7.97 -1.88
C PRO A 86 -4.96 9.34 -2.40
N GLU A 87 -3.87 9.34 -3.16
CA GLU A 87 -3.33 10.54 -3.76
C GLU A 87 -2.75 10.22 -5.13
N ALA A 88 -2.30 11.22 -5.85
CA ALA A 88 -1.62 11.00 -7.11
C ALA A 88 -0.11 11.04 -6.91
N ALA A 89 0.52 9.88 -7.02
CA ALA A 89 1.94 9.78 -6.76
C ALA A 89 2.77 10.12 -8.00
N LEU A 90 3.05 9.10 -8.82
CA LEU A 90 3.86 9.28 -10.01
C LEU A 90 3.17 8.64 -11.21
N PRO A 91 3.03 9.40 -12.30
CA PRO A 91 2.40 8.91 -13.52
C PRO A 91 3.34 7.98 -14.30
N THR A 92 2.76 7.10 -15.11
CA THR A 92 3.54 6.21 -15.95
C THR A 92 3.96 6.91 -17.24
N SER A 93 4.74 6.21 -18.05
CA SER A 93 5.18 6.71 -19.35
C SER A 93 4.00 7.18 -20.20
N HIS A 94 4.17 8.31 -20.87
CA HIS A 94 3.10 8.88 -21.68
C HIS A 94 3.13 8.29 -23.09
N PRO A 95 2.12 7.48 -23.43
CA PRO A 95 2.03 6.85 -24.74
C PRO A 95 1.25 7.68 -25.76
N LYS A 96 0.26 8.43 -25.29
CA LYS A 96 -0.60 9.19 -26.17
C LYS A 96 0.05 10.51 -26.58
N GLY A 1 20.31 -8.37 -18.26
CA GLY A 1 19.06 -8.74 -17.54
C GLY A 1 18.28 -7.53 -17.11
N SER A 2 16.96 -7.60 -17.26
CA SER A 2 16.10 -6.49 -16.88
C SER A 2 14.75 -7.02 -16.40
N TYR A 3 13.96 -6.15 -15.76
CA TYR A 3 12.64 -6.54 -15.29
C TYR A 3 11.62 -5.47 -15.65
N ILE A 4 10.77 -5.77 -16.61
CA ILE A 4 9.75 -4.83 -17.07
C ILE A 4 8.36 -5.41 -16.84
N ARG A 5 7.51 -4.66 -16.17
CA ARG A 5 6.12 -5.08 -15.93
C ARG A 5 5.16 -4.01 -16.40
N LEU A 6 5.59 -2.77 -16.28
CA LEU A 6 4.78 -1.63 -16.68
C LEU A 6 5.24 -1.16 -18.06
N PHE A 7 4.35 -0.50 -18.79
CA PHE A 7 4.65 -0.06 -20.15
C PHE A 7 5.60 1.13 -20.15
N GLY A 8 5.07 2.31 -19.88
CA GLY A 8 5.91 3.49 -19.74
C GLY A 8 6.61 3.50 -18.41
N ASN A 9 7.85 3.03 -18.38
CA ASN A 9 8.62 2.88 -17.15
C ASN A 9 8.73 4.21 -16.39
N SER A 10 7.91 4.37 -15.36
CA SER A 10 7.95 5.52 -14.49
C SER A 10 7.40 5.15 -13.11
N GLY A 11 6.13 4.77 -13.07
CA GLY A 11 5.49 4.39 -11.82
C GLY A 11 4.56 3.21 -11.96
N ALA A 12 4.86 2.13 -11.28
CA ALA A 12 4.02 0.93 -11.31
C ALA A 12 3.83 0.38 -9.91
N CYS A 13 2.67 -0.24 -9.71
CA CYS A 13 2.35 -0.89 -8.44
C CYS A 13 3.38 -1.94 -8.08
N SER A 14 3.62 -2.09 -6.79
CA SER A 14 4.46 -3.16 -6.30
C SER A 14 3.59 -4.31 -5.78
N ALA A 15 2.27 -4.10 -5.84
CA ALA A 15 1.32 -5.11 -5.39
C ALA A 15 0.71 -5.85 -6.57
N CYS A 16 0.03 -5.12 -7.47
CA CYS A 16 -0.53 -5.76 -8.66
C CYS A 16 0.47 -5.64 -9.82
N GLY A 17 1.23 -4.55 -9.82
CA GLY A 17 2.30 -4.38 -10.77
C GLY A 17 1.89 -3.64 -12.01
N GLN A 18 0.73 -3.00 -11.95
CA GLN A 18 0.24 -2.23 -13.09
C GLN A 18 0.74 -0.79 -13.02
N SER A 19 0.97 -0.20 -14.18
CA SER A 19 1.39 1.20 -14.27
C SER A 19 0.27 2.12 -13.79
N ILE A 20 0.62 3.17 -13.06
CA ILE A 20 -0.39 4.04 -12.46
C ILE A 20 -0.41 5.42 -13.12
N PRO A 21 -1.56 5.80 -13.69
CA PRO A 21 -1.83 7.17 -14.11
C PRO A 21 -2.20 8.04 -12.91
N ALA A 22 -1.99 9.34 -13.02
CA ALA A 22 -2.34 10.26 -11.93
C ALA A 22 -3.84 10.36 -11.74
N SER A 23 -4.58 9.88 -12.74
CA SER A 23 -6.04 9.87 -12.68
C SER A 23 -6.53 8.70 -11.82
N GLU A 24 -5.60 7.86 -11.39
CA GLU A 24 -5.91 6.73 -10.53
C GLU A 24 -5.33 6.95 -9.15
N LEU A 25 -6.19 6.98 -8.14
CA LEU A 25 -5.75 7.23 -6.78
C LEU A 25 -5.07 6.00 -6.20
N VAL A 26 -3.88 6.19 -5.66
CA VAL A 26 -3.13 5.09 -5.07
C VAL A 26 -2.92 5.32 -3.58
N MET A 27 -3.03 4.26 -2.82
CA MET A 27 -2.82 4.32 -1.39
C MET A 27 -1.33 4.20 -1.10
N ARG A 28 -0.73 5.28 -0.62
CA ARG A 28 0.70 5.32 -0.38
C ARG A 28 1.04 4.80 1.01
N ALA A 29 2.23 4.22 1.12
CA ALA A 29 2.72 3.76 2.41
C ALA A 29 4.15 4.27 2.64
N GLN A 30 5.02 3.39 3.10
CA GLN A 30 6.41 3.75 3.37
C GLN A 30 7.21 3.86 2.07
N GLY A 31 6.90 4.88 1.28
CA GLY A 31 7.58 5.10 0.02
C GLY A 31 6.97 4.31 -1.12
N ASN A 32 6.32 3.21 -0.78
CA ASN A 32 5.74 2.32 -1.77
C ASN A 32 4.30 2.72 -2.09
N VAL A 33 3.85 2.34 -3.28
CA VAL A 33 2.52 2.69 -3.76
C VAL A 33 1.66 1.45 -3.98
N TYR A 34 0.44 1.50 -3.48
CA TYR A 34 -0.51 0.43 -3.68
C TYR A 34 -1.81 1.01 -4.21
N HIS A 35 -2.73 0.15 -4.62
CA HIS A 35 -4.04 0.59 -5.09
C HIS A 35 -5.08 0.41 -4.00
N LEU A 36 -6.32 0.79 -4.27
CA LEU A 36 -7.41 0.62 -3.32
C LEU A 36 -7.63 -0.86 -3.01
N LYS A 37 -7.31 -1.71 -3.99
CA LYS A 37 -7.40 -3.15 -3.83
C LYS A 37 -6.09 -3.71 -3.29
N CYS A 38 -5.00 -3.09 -3.73
CA CYS A 38 -3.66 -3.55 -3.39
C CYS A 38 -3.25 -3.12 -1.97
N PHE A 39 -4.10 -2.33 -1.33
CA PHE A 39 -3.91 -1.98 0.07
C PHE A 39 -4.76 -2.91 0.94
N THR A 40 -4.39 -4.19 0.95
CA THR A 40 -5.12 -5.18 1.71
C THR A 40 -4.19 -5.85 2.73
N CYS A 41 -4.78 -6.43 3.77
CA CYS A 41 -4.04 -7.21 4.74
C CYS A 41 -3.41 -8.42 4.08
N SER A 42 -2.30 -8.89 4.64
CA SER A 42 -1.58 -10.00 4.05
C SER A 42 -2.11 -11.35 4.53
N THR A 43 -2.59 -11.41 5.76
CA THR A 43 -2.99 -12.68 6.34
C THR A 43 -4.50 -12.91 6.28
N CYS A 44 -5.29 -11.95 6.75
CA CYS A 44 -6.74 -12.08 6.70
C CYS A 44 -7.27 -11.48 5.40
N ARG A 45 -6.45 -10.63 4.79
CA ARG A 45 -6.73 -10.04 3.48
C ARG A 45 -7.89 -9.05 3.55
N ASN A 46 -8.11 -8.47 4.73
CA ASN A 46 -9.11 -7.43 4.88
C ASN A 46 -8.64 -6.16 4.18
N ARG A 47 -9.49 -5.61 3.33
CA ARG A 47 -9.18 -4.35 2.65
C ARG A 47 -9.10 -3.22 3.68
N LEU A 48 -7.93 -2.62 3.81
CA LEU A 48 -7.72 -1.53 4.78
C LEU A 48 -8.55 -0.32 4.40
N VAL A 49 -8.93 0.48 5.38
CA VAL A 49 -9.87 1.56 5.16
C VAL A 49 -9.28 2.89 5.58
N PRO A 50 -9.37 3.91 4.71
CA PRO A 50 -8.98 5.27 5.08
C PRO A 50 -9.90 5.80 6.16
N GLY A 51 -9.35 5.96 7.35
CA GLY A 51 -10.15 6.35 8.49
C GLY A 51 -10.16 5.26 9.55
N ASP A 52 -9.77 4.06 9.14
CA ASP A 52 -9.67 2.94 10.08
C ASP A 52 -8.22 2.45 10.17
N ARG A 53 -8.04 1.23 10.66
CA ARG A 53 -6.72 0.75 11.01
C ARG A 53 -5.92 0.24 9.80
N PHE A 54 -4.62 0.38 9.92
CA PHE A 54 -3.67 -0.19 8.97
C PHE A 54 -2.32 -0.32 9.68
N HIS A 55 -1.64 -1.45 9.50
CA HIS A 55 -0.37 -1.67 10.15
C HIS A 55 0.70 -2.04 9.13
N TYR A 56 1.82 -1.33 9.17
CA TYR A 56 2.91 -1.55 8.24
C TYR A 56 4.20 -1.83 9.00
N ILE A 57 4.58 -3.09 9.08
CA ILE A 57 5.79 -3.48 9.78
C ILE A 57 6.63 -4.39 8.91
N ASN A 58 7.92 -4.08 8.78
CA ASN A 58 8.84 -4.86 7.95
C ASN A 58 8.38 -4.86 6.50
N GLY A 59 7.76 -3.75 6.09
CA GLY A 59 7.22 -3.65 4.75
C GLY A 59 6.09 -4.64 4.49
N SER A 60 5.27 -4.88 5.50
CA SER A 60 4.17 -5.83 5.36
C SER A 60 2.88 -5.21 5.90
N LEU A 61 1.76 -5.58 5.29
CA LEU A 61 0.49 -4.97 5.62
C LEU A 61 -0.34 -5.86 6.54
N PHE A 62 -0.57 -5.38 7.75
CA PHE A 62 -1.44 -6.08 8.70
C PHE A 62 -2.57 -5.16 9.12
N CYS A 63 -3.52 -5.69 9.87
CA CYS A 63 -4.62 -4.91 10.38
C CYS A 63 -4.62 -4.93 11.90
N GLU A 64 -5.71 -4.50 12.52
CA GLU A 64 -5.82 -4.59 13.97
C GLU A 64 -6.16 -6.02 14.38
N HIS A 65 -6.78 -6.74 13.45
CA HIS A 65 -7.11 -8.15 13.64
C HIS A 65 -5.83 -8.97 13.51
N ASP A 66 -4.86 -8.41 12.79
CA ASP A 66 -3.58 -9.04 12.55
C ASP A 66 -2.46 -8.25 13.22
N ARG A 67 -2.82 -7.49 14.25
CA ARG A 67 -1.88 -6.61 14.94
C ARG A 67 -0.76 -7.42 15.59
N PRO A 68 0.50 -7.24 15.11
CA PRO A 68 1.67 -7.94 15.63
C PRO A 68 1.86 -7.73 17.14
N THR A 69 1.73 -8.81 17.90
CA THR A 69 1.86 -8.74 19.35
C THR A 69 3.33 -8.67 19.79
N ALA A 70 4.22 -9.05 18.88
CA ALA A 70 5.64 -9.11 19.20
C ALA A 70 6.37 -7.86 18.72
N LEU A 71 7.03 -7.98 17.56
CA LEU A 71 7.82 -6.89 17.02
C LEU A 71 6.96 -5.92 16.22
N ILE A 72 6.21 -5.09 16.93
CA ILE A 72 5.43 -4.04 16.30
C ILE A 72 6.19 -2.72 16.36
N ASN A 73 6.46 -2.15 15.19
CA ASN A 73 7.17 -0.88 15.13
C ASN A 73 6.18 0.28 15.16
N GLY A 74 5.65 0.54 16.35
CA GLY A 74 4.68 1.60 16.49
C GLY A 74 3.83 1.42 17.73
N GLY A 75 4.49 1.06 18.83
CA GLY A 75 3.77 0.85 20.07
C GLY A 75 3.57 2.14 20.83
N SER A 76 3.11 3.16 20.13
CA SER A 76 2.86 4.47 20.71
C SER A 76 1.62 4.44 21.58
N GLY A 77 1.78 3.98 22.82
CA GLY A 77 0.66 3.88 23.72
C GLY A 77 -0.26 2.74 23.36
N GLY A 78 -1.38 3.07 22.73
CA GLY A 78 -2.34 2.06 22.30
C GLY A 78 -1.87 1.30 21.07
N SER A 79 -0.88 1.85 20.37
CA SER A 79 -0.31 1.24 19.17
C SER A 79 -1.38 1.07 18.08
N GLY A 80 -1.86 2.18 17.55
CA GLY A 80 -2.88 2.13 16.52
C GLY A 80 -2.55 3.07 15.38
N SER A 81 -2.60 2.55 14.16
CA SER A 81 -2.28 3.35 12.98
C SER A 81 -3.46 3.42 12.02
N ILE A 82 -3.68 4.60 11.46
CA ILE A 82 -4.76 4.82 10.50
C ILE A 82 -4.19 4.83 9.09
N ALA A 83 -4.93 4.27 8.13
CA ALA A 83 -4.52 4.26 6.73
C ALA A 83 -4.19 5.68 6.25
N PRO A 84 -3.08 5.83 5.49
CA PRO A 84 -2.57 7.12 5.05
C PRO A 84 -3.43 7.77 3.96
N PHE A 85 -4.53 7.11 3.59
CA PHE A 85 -5.47 7.61 2.58
C PHE A 85 -4.88 7.48 1.17
N PRO A 86 -5.76 7.44 0.14
CA PRO A 86 -5.34 7.37 -1.25
C PRO A 86 -5.00 8.75 -1.82
N GLU A 87 -3.90 8.84 -2.55
CA GLU A 87 -3.47 10.09 -3.17
C GLU A 87 -2.97 9.83 -4.59
N ALA A 88 -2.59 10.87 -5.29
CA ALA A 88 -2.09 10.73 -6.66
C ALA A 88 -0.56 10.71 -6.67
N ALA A 89 0.01 9.68 -7.28
CA ALA A 89 1.45 9.57 -7.40
C ALA A 89 1.92 10.13 -8.73
N LEU A 90 3.18 9.87 -9.07
CA LEU A 90 3.75 10.35 -10.31
C LEU A 90 3.17 9.57 -11.49
N PRO A 91 2.66 10.29 -12.50
CA PRO A 91 2.00 9.68 -13.65
C PRO A 91 2.98 8.97 -14.58
N THR A 92 2.66 7.73 -14.94
CA THR A 92 3.47 6.96 -15.85
C THR A 92 3.22 7.38 -17.31
N SER A 93 4.16 7.03 -18.19
CA SER A 93 4.06 7.38 -19.61
C SER A 93 2.86 6.74 -20.29
N HIS A 94 2.42 7.33 -21.40
CA HIS A 94 1.25 6.86 -22.13
C HIS A 94 1.64 5.88 -23.24
N PRO A 95 0.73 4.96 -23.60
CA PRO A 95 0.97 4.01 -24.69
C PRO A 95 0.77 4.64 -26.07
N LYS A 96 1.00 3.86 -27.12
CA LYS A 96 0.87 4.35 -28.48
C LYS A 96 -0.59 4.38 -28.91
N GLY A 1 14.49 -12.30 -19.81
CA GLY A 1 13.03 -12.12 -19.69
C GLY A 1 12.59 -10.77 -20.23
N SER A 2 11.54 -10.22 -19.64
CA SER A 2 11.01 -8.94 -20.07
C SER A 2 11.17 -7.90 -18.96
N TYR A 3 10.82 -8.31 -17.74
CA TYR A 3 10.92 -7.44 -16.56
C TYR A 3 10.09 -6.16 -16.75
N ILE A 4 8.88 -6.31 -17.27
CA ILE A 4 8.01 -5.18 -17.52
C ILE A 4 6.81 -5.19 -16.58
N ARG A 5 6.57 -4.08 -15.90
CA ARG A 5 5.43 -3.95 -15.00
C ARG A 5 4.90 -2.52 -15.01
N LEU A 6 5.20 -1.80 -16.10
CA LEU A 6 4.79 -0.41 -16.23
C LEU A 6 4.33 -0.10 -17.65
N PHE A 7 3.17 0.53 -17.77
CA PHE A 7 2.65 0.94 -19.07
C PHE A 7 3.33 2.25 -19.47
N GLY A 8 4.27 2.16 -20.41
CA GLY A 8 5.00 3.34 -20.82
C GLY A 8 6.18 3.62 -19.90
N ASN A 9 6.41 2.70 -18.96
CA ASN A 9 7.52 2.79 -18.01
C ASN A 9 7.42 4.07 -17.16
N SER A 10 6.30 4.24 -16.50
CA SER A 10 6.10 5.36 -15.58
C SER A 10 5.00 5.04 -14.57
N GLY A 11 5.41 4.79 -13.33
CA GLY A 11 4.45 4.52 -12.26
C GLY A 11 3.99 3.07 -12.25
N ALA A 12 3.99 2.46 -11.07
CA ALA A 12 3.51 1.09 -10.91
C ALA A 12 3.33 0.77 -9.43
N CYS A 13 2.39 -0.12 -9.12
CA CYS A 13 2.17 -0.54 -7.75
C CYS A 13 2.72 -1.95 -7.56
N SER A 14 3.23 -2.21 -6.37
CA SER A 14 3.97 -3.44 -6.09
C SER A 14 3.03 -4.61 -5.79
N ALA A 15 1.75 -4.32 -5.60
CA ALA A 15 0.81 -5.36 -5.23
C ALA A 15 0.28 -6.09 -6.46
N CYS A 16 -0.12 -5.33 -7.47
CA CYS A 16 -0.67 -5.94 -8.67
C CYS A 16 0.37 -5.94 -9.80
N GLY A 17 0.54 -4.78 -10.42
CA GLY A 17 1.43 -4.65 -11.54
C GLY A 17 0.95 -3.62 -12.53
N GLN A 18 -0.21 -3.03 -12.24
CA GLN A 18 -0.76 -1.98 -13.08
C GLN A 18 -0.13 -0.63 -12.73
N SER A 19 0.04 0.20 -13.73
CA SER A 19 0.57 1.55 -13.53
C SER A 19 -0.50 2.48 -12.94
N ILE A 20 -0.08 3.65 -12.51
CA ILE A 20 -1.00 4.59 -11.87
C ILE A 20 -1.24 5.82 -12.74
N PRO A 21 -2.41 5.89 -13.38
CA PRO A 21 -2.82 7.08 -14.13
C PRO A 21 -3.27 8.19 -13.18
N ALA A 22 -3.44 9.40 -13.71
CA ALA A 22 -3.85 10.54 -12.89
C ALA A 22 -5.30 10.40 -12.42
N SER A 23 -5.98 9.40 -12.96
CA SER A 23 -7.36 9.11 -12.58
C SER A 23 -7.41 8.07 -11.48
N GLU A 24 -6.27 7.44 -11.19
CA GLU A 24 -6.19 6.41 -10.17
C GLU A 24 -5.58 6.97 -8.89
N LEU A 25 -5.76 6.26 -7.79
CA LEU A 25 -5.26 6.72 -6.50
C LEU A 25 -4.54 5.58 -5.79
N VAL A 26 -3.37 5.88 -5.26
CA VAL A 26 -2.58 4.89 -4.55
C VAL A 26 -2.39 5.31 -3.09
N MET A 27 -2.29 4.31 -2.23
CA MET A 27 -2.01 4.55 -0.83
C MET A 27 -0.52 4.40 -0.59
N ARG A 28 0.09 5.46 -0.07
CA ARG A 28 1.53 5.50 0.12
C ARG A 28 1.93 4.94 1.47
N ALA A 29 2.87 4.01 1.47
CA ALA A 29 3.43 3.47 2.69
C ALA A 29 4.88 3.91 2.84
N GLN A 30 5.71 3.07 3.45
CA GLN A 30 7.13 3.37 3.63
C GLN A 30 7.87 3.18 2.32
N GLY A 31 7.75 4.15 1.43
CA GLY A 31 8.47 4.11 0.17
C GLY A 31 7.67 3.47 -0.94
N ASN A 32 7.00 2.38 -0.63
CA ASN A 32 6.22 1.64 -1.62
C ASN A 32 4.80 2.16 -1.67
N VAL A 33 4.15 1.94 -2.81
CA VAL A 33 2.77 2.38 -3.00
C VAL A 33 1.91 1.22 -3.49
N TYR A 34 0.64 1.26 -3.12
CA TYR A 34 -0.32 0.24 -3.54
C TYR A 34 -1.63 0.91 -3.94
N HIS A 35 -2.36 0.32 -4.87
CA HIS A 35 -3.61 0.93 -5.35
C HIS A 35 -4.70 0.84 -4.29
N LEU A 36 -5.81 1.52 -4.53
CA LEU A 36 -6.97 1.45 -3.64
C LEU A 36 -7.52 0.03 -3.52
N LYS A 37 -7.28 -0.77 -4.56
CA LYS A 37 -7.69 -2.16 -4.56
C LYS A 37 -6.58 -3.06 -4.01
N CYS A 38 -5.35 -2.55 -4.03
CA CYS A 38 -4.19 -3.35 -3.74
C CYS A 38 -3.68 -3.14 -2.31
N PHE A 39 -4.09 -2.03 -1.69
CA PHE A 39 -3.74 -1.76 -0.29
C PHE A 39 -4.42 -2.76 0.63
N THR A 40 -3.80 -3.93 0.78
CA THR A 40 -4.40 -5.01 1.54
C THR A 40 -3.38 -5.66 2.47
N CYS A 41 -3.90 -6.37 3.46
CA CYS A 41 -3.09 -7.11 4.42
C CYS A 41 -2.26 -8.19 3.73
N SER A 42 -1.15 -8.54 4.35
CA SER A 42 -0.29 -9.59 3.83
C SER A 42 -0.60 -10.93 4.48
N THR A 43 -1.41 -10.94 5.53
CA THR A 43 -1.75 -12.19 6.21
C THR A 43 -3.19 -12.61 5.94
N CYS A 44 -4.13 -11.70 6.17
CA CYS A 44 -5.54 -12.00 5.92
C CYS A 44 -5.96 -11.43 4.57
N ARG A 45 -5.17 -10.47 4.11
CA ARG A 45 -5.44 -9.77 2.85
C ARG A 45 -6.73 -8.96 2.93
N ASN A 46 -6.97 -8.37 4.10
CA ASN A 46 -8.11 -7.47 4.27
C ASN A 46 -7.81 -6.15 3.61
N ARG A 47 -8.80 -5.56 2.97
CA ARG A 47 -8.64 -4.24 2.37
C ARG A 47 -8.70 -3.16 3.45
N LEU A 48 -7.58 -2.50 3.68
CA LEU A 48 -7.50 -1.44 4.67
C LEU A 48 -8.28 -0.22 4.18
N VAL A 49 -8.78 0.58 5.10
CA VAL A 49 -9.73 1.63 4.74
C VAL A 49 -9.20 3.00 5.11
N PRO A 50 -9.33 3.97 4.18
CA PRO A 50 -8.97 5.35 4.44
C PRO A 50 -9.72 5.91 5.65
N GLY A 51 -8.99 6.17 6.72
CA GLY A 51 -9.61 6.66 7.93
C GLY A 51 -9.86 5.58 8.95
N ASP A 52 -9.38 4.37 8.65
CA ASP A 52 -9.52 3.25 9.58
C ASP A 52 -8.16 2.62 9.87
N ARG A 53 -8.17 1.52 10.61
CA ARG A 53 -6.96 0.91 11.13
C ARG A 53 -6.17 0.20 10.04
N PHE A 54 -4.85 0.40 10.07
CA PHE A 54 -3.92 -0.26 9.18
C PHE A 54 -2.60 -0.44 9.91
N HIS A 55 -1.81 -1.44 9.54
CA HIS A 55 -0.53 -1.67 10.18
C HIS A 55 0.56 -1.97 9.17
N TYR A 56 1.70 -1.31 9.33
CA TYR A 56 2.85 -1.54 8.50
C TYR A 56 4.06 -1.86 9.38
N ILE A 57 4.40 -3.13 9.47
CA ILE A 57 5.51 -3.57 10.29
C ILE A 57 6.45 -4.42 9.48
N ASN A 58 7.73 -4.06 9.50
CA ASN A 58 8.76 -4.80 8.78
C ASN A 58 8.49 -4.81 7.28
N GLY A 59 7.90 -3.73 6.79
CA GLY A 59 7.56 -3.65 5.38
C GLY A 59 6.45 -4.62 5.01
N SER A 60 5.52 -4.82 5.93
CA SER A 60 4.42 -5.75 5.71
C SER A 60 3.13 -5.14 6.22
N LEU A 61 2.02 -5.46 5.56
CA LEU A 61 0.74 -4.87 5.91
C LEU A 61 -0.06 -5.84 6.77
N PHE A 62 -0.55 -5.32 7.89
CA PHE A 62 -1.36 -6.11 8.81
C PHE A 62 -2.64 -5.36 9.14
N CYS A 63 -3.63 -6.06 9.64
CA CYS A 63 -4.87 -5.44 10.08
C CYS A 63 -4.79 -5.13 11.57
N GLU A 64 -5.83 -4.49 12.07
CA GLU A 64 -6.06 -4.47 13.51
C GLU A 64 -6.68 -5.82 13.88
N HIS A 65 -7.11 -6.52 12.85
CA HIS A 65 -7.68 -7.85 12.97
C HIS A 65 -6.60 -8.87 13.35
N ASP A 66 -5.46 -8.81 12.65
CA ASP A 66 -4.36 -9.75 12.89
C ASP A 66 -3.16 -9.06 13.55
N ARG A 67 -3.40 -7.86 14.06
CA ARG A 67 -2.35 -7.03 14.67
C ARG A 67 -1.51 -7.83 15.68
N PRO A 68 -0.23 -8.02 15.37
CA PRO A 68 0.69 -8.76 16.22
C PRO A 68 1.21 -7.92 17.39
N THR A 69 0.93 -8.35 18.60
CA THR A 69 1.35 -7.64 19.81
C THR A 69 2.86 -7.76 20.04
N ALA A 70 3.51 -8.65 19.30
CA ALA A 70 4.95 -8.86 19.43
C ALA A 70 5.73 -8.11 18.36
N LEU A 71 5.04 -7.74 17.29
CA LEU A 71 5.68 -7.06 16.17
C LEU A 71 4.93 -5.77 15.83
N ILE A 72 5.24 -4.72 16.56
CA ILE A 72 4.59 -3.43 16.38
C ILE A 72 5.62 -2.30 16.49
N ASN A 73 5.50 -1.30 15.64
CA ASN A 73 6.42 -0.16 15.65
C ASN A 73 5.79 1.02 16.36
N GLY A 74 5.79 0.96 17.68
CA GLY A 74 5.20 2.02 18.48
C GLY A 74 3.81 1.64 18.97
N GLY A 75 3.24 2.48 19.81
CA GLY A 75 1.93 2.22 20.34
C GLY A 75 1.93 2.20 21.86
N SER A 76 0.83 2.60 22.45
CA SER A 76 0.72 2.67 23.90
C SER A 76 -0.29 1.63 24.41
N GLY A 77 -0.32 0.48 23.76
CA GLY A 77 -1.24 -0.57 24.16
C GLY A 77 -2.13 -1.00 23.03
N GLY A 78 -2.93 -0.06 22.53
CA GLY A 78 -3.82 -0.35 21.42
C GLY A 78 -3.07 -0.39 20.10
N SER A 79 -2.19 0.60 19.89
CA SER A 79 -1.41 0.70 18.66
C SER A 79 -2.32 0.62 17.43
N GLY A 80 -3.19 1.61 17.26
CA GLY A 80 -4.11 1.60 16.14
C GLY A 80 -3.79 2.67 15.11
N SER A 81 -2.90 2.35 14.19
CA SER A 81 -2.53 3.28 13.14
C SER A 81 -3.65 3.39 12.11
N ILE A 82 -3.77 4.56 11.51
CA ILE A 82 -4.79 4.82 10.50
C ILE A 82 -4.17 4.82 9.11
N ALA A 83 -4.85 4.19 8.17
CA ALA A 83 -4.42 4.19 6.77
C ALA A 83 -4.38 5.61 6.25
N PRO A 84 -3.23 6.04 5.69
CA PRO A 84 -2.99 7.42 5.25
C PRO A 84 -4.17 8.02 4.48
N PHE A 85 -4.36 7.51 3.26
CA PHE A 85 -5.47 7.89 2.35
C PHE A 85 -4.99 7.75 0.92
N PRO A 86 -5.92 7.60 -0.05
CA PRO A 86 -5.58 7.57 -1.47
C PRO A 86 -4.94 8.88 -1.94
N GLU A 87 -3.85 8.77 -2.67
CA GLU A 87 -3.14 9.93 -3.16
C GLU A 87 -2.69 9.68 -4.60
N ALA A 88 -2.51 10.74 -5.37
CA ALA A 88 -2.01 10.63 -6.72
C ALA A 88 -0.49 10.64 -6.71
N ALA A 89 0.12 9.69 -7.39
CA ALA A 89 1.57 9.56 -7.40
C ALA A 89 2.15 10.00 -8.75
N LEU A 90 2.84 9.07 -9.41
CA LEU A 90 3.46 9.37 -10.69
C LEU A 90 2.56 8.91 -11.82
N PRO A 91 2.29 9.80 -12.79
CA PRO A 91 1.40 9.52 -13.93
C PRO A 91 1.95 8.45 -14.85
N THR A 92 1.05 7.73 -15.50
CA THR A 92 1.40 6.71 -16.47
C THR A 92 2.03 7.32 -17.72
N SER A 93 3.04 6.64 -18.26
CA SER A 93 3.75 7.07 -19.46
C SER A 93 4.48 8.39 -19.24
N HIS A 94 5.17 8.85 -20.26
CA HIS A 94 5.76 10.18 -20.24
C HIS A 94 5.05 11.05 -21.26
N PRO A 95 4.00 11.76 -20.82
CA PRO A 95 3.17 12.58 -21.70
C PRO A 95 3.79 13.96 -21.98
N LYS A 96 5.04 14.12 -21.56
CA LYS A 96 5.75 15.37 -21.73
C LYS A 96 6.33 15.47 -23.14
N GLY A 1 14.99 -8.15 -12.56
CA GLY A 1 13.79 -8.64 -13.28
C GLY A 1 13.33 -7.68 -14.35
N SER A 2 14.09 -7.62 -15.43
CA SER A 2 13.79 -6.72 -16.54
C SER A 2 12.62 -7.24 -17.39
N TYR A 3 11.44 -7.27 -16.79
CA TYR A 3 10.22 -7.68 -17.47
C TYR A 3 9.25 -6.51 -17.48
N ILE A 4 8.42 -6.43 -18.51
CA ILE A 4 7.61 -5.23 -18.70
C ILE A 4 6.19 -5.39 -18.19
N ARG A 5 5.79 -4.44 -17.34
CA ARG A 5 4.42 -4.30 -16.91
C ARG A 5 4.07 -2.81 -16.90
N LEU A 6 4.96 -2.05 -17.51
CA LEU A 6 4.89 -0.60 -17.48
C LEU A 6 4.41 -0.05 -18.81
N PHE A 7 3.27 0.61 -18.80
CA PHE A 7 2.70 1.20 -20.00
C PHE A 7 3.53 2.40 -20.45
N GLY A 8 3.83 3.29 -19.51
CA GLY A 8 4.65 4.46 -19.84
C GLY A 8 6.08 4.31 -19.35
N ASN A 9 6.29 3.29 -18.52
CA ASN A 9 7.62 3.00 -17.94
C ASN A 9 8.05 4.11 -16.98
N SER A 10 7.10 4.64 -16.23
CA SER A 10 7.38 5.69 -15.26
C SER A 10 7.10 5.20 -13.83
N GLY A 11 5.82 5.02 -13.52
CA GLY A 11 5.42 4.58 -12.20
C GLY A 11 4.41 3.46 -12.25
N ALA A 12 4.51 2.52 -11.32
CA ALA A 12 3.62 1.36 -11.30
C ALA A 12 3.38 0.91 -9.87
N CYS A 13 2.44 -0.02 -9.70
CA CYS A 13 2.11 -0.57 -8.39
C CYS A 13 3.19 -1.53 -7.93
N SER A 14 3.43 -1.56 -6.64
CA SER A 14 4.38 -2.49 -6.05
C SER A 14 3.74 -3.85 -5.87
N ALA A 15 2.43 -3.93 -6.07
CA ALA A 15 1.69 -5.19 -5.93
C ALA A 15 1.14 -5.63 -7.29
N CYS A 16 0.32 -4.78 -7.91
CA CYS A 16 -0.26 -5.09 -9.21
C CYS A 16 0.84 -5.01 -10.28
N GLY A 17 1.66 -3.99 -10.18
CA GLY A 17 2.69 -3.76 -11.18
C GLY A 17 2.18 -2.95 -12.34
N GLN A 18 0.91 -2.57 -12.26
CA GLN A 18 0.28 -1.78 -13.30
C GLN A 18 0.72 -0.33 -13.19
N SER A 19 1.11 0.24 -14.31
CA SER A 19 1.48 1.65 -14.39
C SER A 19 0.32 2.53 -13.94
N ILE A 20 0.57 3.36 -12.93
CA ILE A 20 -0.47 4.20 -12.34
C ILE A 20 -0.73 5.43 -13.20
N PRO A 21 -1.96 5.55 -13.74
CA PRO A 21 -2.40 6.72 -14.48
C PRO A 21 -2.75 7.87 -13.53
N ALA A 22 -2.74 9.10 -14.05
CA ALA A 22 -3.07 10.26 -13.24
C ALA A 22 -4.53 10.24 -12.81
N SER A 23 -5.33 9.49 -13.56
CA SER A 23 -6.75 9.36 -13.28
C SER A 23 -7.03 8.34 -12.18
N GLU A 24 -5.98 7.77 -11.62
CA GLU A 24 -6.12 6.76 -10.59
C GLU A 24 -5.72 7.32 -9.23
N LEU A 25 -6.19 6.67 -8.18
CA LEU A 25 -5.89 7.07 -6.82
C LEU A 25 -5.21 5.92 -6.09
N VAL A 26 -4.04 6.17 -5.54
CA VAL A 26 -3.24 5.14 -4.94
C VAL A 26 -2.91 5.47 -3.49
N MET A 27 -2.37 4.50 -2.77
CA MET A 27 -1.99 4.70 -1.38
C MET A 27 -0.48 4.57 -1.23
N ARG A 28 0.17 5.67 -0.93
CA ARG A 28 1.62 5.67 -0.75
C ARG A 28 1.97 5.51 0.73
N ALA A 29 2.28 4.29 1.12
CA ALA A 29 2.65 4.02 2.50
C ALA A 29 4.07 4.52 2.77
N GLN A 30 4.97 4.22 1.85
CA GLN A 30 6.36 4.62 1.97
C GLN A 30 7.01 4.54 0.59
N GLY A 31 8.16 3.87 0.51
CA GLY A 31 8.77 3.60 -0.78
C GLY A 31 7.92 2.67 -1.62
N ASN A 32 7.07 1.92 -0.94
CA ASN A 32 6.15 1.01 -1.59
C ASN A 32 4.85 1.73 -1.91
N VAL A 33 4.35 1.53 -3.11
CA VAL A 33 3.14 2.21 -3.57
C VAL A 33 2.09 1.20 -3.98
N TYR A 34 0.89 1.33 -3.44
CA TYR A 34 -0.20 0.42 -3.75
C TYR A 34 -1.42 1.20 -4.24
N HIS A 35 -2.46 0.48 -4.62
CA HIS A 35 -3.72 1.08 -5.02
C HIS A 35 -4.69 1.01 -3.85
N LEU A 36 -5.97 0.91 -4.17
CA LEU A 36 -7.00 0.72 -3.15
C LEU A 36 -7.20 -0.77 -2.83
N LYS A 37 -6.96 -1.62 -3.83
CA LYS A 37 -7.27 -3.04 -3.70
C LYS A 37 -6.10 -3.84 -3.13
N CYS A 38 -4.89 -3.41 -3.49
CA CYS A 38 -3.67 -4.11 -3.09
C CYS A 38 -3.35 -3.83 -1.62
N PHE A 39 -3.94 -2.77 -1.09
CA PHE A 39 -3.79 -2.41 0.31
C PHE A 39 -4.65 -3.31 1.19
N THR A 40 -4.24 -4.56 1.32
CA THR A 40 -4.97 -5.54 2.10
C THR A 40 -4.02 -6.38 2.93
N CYS A 41 -4.54 -6.99 4.00
CA CYS A 41 -3.74 -7.87 4.82
C CYS A 41 -3.59 -9.24 4.16
N SER A 42 -2.52 -9.94 4.49
CA SER A 42 -2.19 -11.20 3.85
C SER A 42 -3.17 -12.32 4.21
N THR A 43 -3.36 -12.55 5.50
CA THR A 43 -4.07 -13.75 5.97
C THR A 43 -5.58 -13.67 5.79
N CYS A 44 -6.20 -12.59 6.24
CA CYS A 44 -7.65 -12.47 6.20
C CYS A 44 -8.11 -11.64 5.01
N ARG A 45 -7.16 -10.94 4.39
CA ARG A 45 -7.44 -10.09 3.24
C ARG A 45 -8.36 -8.94 3.63
N ASN A 46 -8.10 -8.35 4.79
CA ASN A 46 -8.84 -7.20 5.25
C ASN A 46 -8.37 -5.96 4.51
N ARG A 47 -9.28 -5.28 3.84
CA ARG A 47 -8.93 -4.08 3.11
C ARG A 47 -8.67 -2.93 4.07
N LEU A 48 -7.48 -2.36 3.97
CA LEU A 48 -7.12 -1.20 4.79
C LEU A 48 -7.89 0.01 4.27
N VAL A 49 -8.32 0.89 5.19
CA VAL A 49 -9.29 1.91 4.83
C VAL A 49 -8.96 3.25 5.47
N PRO A 50 -9.11 4.34 4.71
CA PRO A 50 -8.93 5.69 5.23
C PRO A 50 -9.99 6.02 6.26
N GLY A 51 -9.57 6.15 7.50
CA GLY A 51 -10.50 6.37 8.59
C GLY A 51 -10.42 5.27 9.61
N ASP A 52 -9.80 4.16 9.23
CA ASP A 52 -9.56 3.07 10.14
C ASP A 52 -8.07 2.91 10.39
N ARG A 53 -7.64 1.74 10.83
CA ARG A 53 -6.24 1.52 11.18
C ARG A 53 -5.62 0.42 10.33
N PHE A 54 -4.48 0.74 9.73
CA PHE A 54 -3.68 -0.24 9.02
C PHE A 54 -2.33 -0.38 9.72
N HIS A 55 -1.84 -1.60 9.85
CA HIS A 55 -0.59 -1.83 10.55
C HIS A 55 0.55 -2.12 9.58
N TYR A 56 1.46 -1.17 9.45
CA TYR A 56 2.65 -1.36 8.65
C TYR A 56 3.78 -1.80 9.56
N ILE A 57 4.06 -3.08 9.57
CA ILE A 57 5.05 -3.64 10.47
C ILE A 57 6.12 -4.36 9.68
N ASN A 58 7.37 -3.93 9.87
CA ASN A 58 8.51 -4.47 9.12
C ASN A 58 8.32 -4.27 7.63
N GLY A 59 7.58 -3.22 7.28
CA GLY A 59 7.30 -2.94 5.88
C GLY A 59 6.29 -3.90 5.30
N SER A 60 5.36 -4.35 6.13
CA SER A 60 4.36 -5.33 5.70
C SER A 60 2.97 -4.88 6.15
N LEU A 61 1.95 -5.35 5.44
CA LEU A 61 0.58 -4.93 5.72
C LEU A 61 -0.11 -5.93 6.64
N PHE A 62 -0.49 -5.48 7.82
CA PHE A 62 -1.21 -6.31 8.78
C PHE A 62 -2.49 -5.60 9.21
N CYS A 63 -3.50 -6.37 9.56
CA CYS A 63 -4.77 -5.82 9.99
C CYS A 63 -4.87 -5.83 11.51
N GLU A 64 -6.04 -5.49 12.04
CA GLU A 64 -6.27 -5.52 13.47
C GLU A 64 -6.50 -6.95 13.96
N HIS A 65 -6.87 -7.82 13.03
CA HIS A 65 -7.07 -9.22 13.35
C HIS A 65 -5.73 -9.93 13.35
N ASP A 66 -4.89 -9.52 12.40
CA ASP A 66 -3.54 -10.05 12.25
C ASP A 66 -2.62 -9.50 13.32
N ARG A 67 -2.94 -8.26 13.74
CA ARG A 67 -2.18 -7.47 14.72
C ARG A 67 -1.28 -8.31 15.63
N PRO A 68 0.02 -8.34 15.34
CA PRO A 68 1.01 -9.04 16.16
C PRO A 68 1.24 -8.34 17.50
N THR A 69 1.83 -9.07 18.45
CA THR A 69 2.17 -8.52 19.75
C THR A 69 3.69 -8.40 19.88
N ALA A 70 4.15 -7.42 20.67
CA ALA A 70 5.58 -7.17 20.92
C ALA A 70 6.26 -6.55 19.70
N LEU A 71 6.27 -7.26 18.60
CA LEU A 71 6.89 -6.76 17.38
C LEU A 71 5.91 -5.87 16.61
N ILE A 72 5.52 -4.78 17.24
CA ILE A 72 4.60 -3.82 16.62
C ILE A 72 5.30 -2.47 16.47
N ASN A 73 6.15 -2.35 15.46
CA ASN A 73 6.92 -1.12 15.25
C ASN A 73 6.03 0.04 14.78
N GLY A 74 4.83 -0.30 14.31
CA GLY A 74 3.90 0.73 13.88
C GLY A 74 2.66 0.76 14.75
N GLY A 75 2.80 0.29 15.98
CA GLY A 75 1.66 0.25 16.89
C GLY A 75 2.02 0.76 18.28
N SER A 76 1.30 1.76 18.75
CA SER A 76 1.47 2.25 20.11
C SER A 76 0.71 1.37 21.09
N GLY A 77 1.32 0.25 21.46
CA GLY A 77 0.65 -0.71 22.33
C GLY A 77 -0.33 -1.56 21.54
N GLY A 78 -1.29 -0.90 20.93
CA GLY A 78 -2.23 -1.56 20.06
C GLY A 78 -2.44 -0.80 18.77
N SER A 79 -3.64 -0.30 18.57
CA SER A 79 -3.96 0.48 17.37
C SER A 79 -3.51 1.92 17.53
N GLY A 80 -2.36 2.25 16.95
CA GLY A 80 -1.84 3.61 17.02
C GLY A 80 -1.53 4.15 15.65
N SER A 81 -2.23 3.65 14.64
CA SER A 81 -2.00 4.03 13.26
C SER A 81 -3.34 4.20 12.54
N ILE A 82 -3.30 4.89 11.40
CA ILE A 82 -4.50 5.09 10.57
C ILE A 82 -4.25 4.61 9.15
N ALA A 83 -3.83 5.52 8.26
CA ALA A 83 -3.62 5.20 6.86
C ALA A 83 -2.92 6.35 6.15
N PRO A 84 -2.24 6.08 5.03
CA PRO A 84 -1.63 7.12 4.21
C PRO A 84 -2.67 7.85 3.35
N PHE A 85 -3.81 7.17 3.19
CA PHE A 85 -4.96 7.69 2.44
C PHE A 85 -4.73 7.62 0.93
N PRO A 86 -5.82 7.46 0.15
CA PRO A 86 -5.73 7.42 -1.31
C PRO A 86 -5.54 8.80 -1.94
N GLU A 87 -4.40 8.97 -2.60
CA GLU A 87 -4.07 10.23 -3.24
C GLU A 87 -3.47 9.96 -4.62
N ALA A 88 -3.17 11.03 -5.35
CA ALA A 88 -2.61 10.91 -6.68
C ALA A 88 -1.08 10.86 -6.62
N ALA A 89 -0.49 9.94 -7.35
CA ALA A 89 0.95 9.81 -7.39
C ALA A 89 1.50 10.31 -8.73
N LEU A 90 2.75 10.00 -9.01
CA LEU A 90 3.39 10.41 -10.26
C LEU A 90 2.75 9.67 -11.43
N PRO A 91 2.22 10.43 -12.41
CA PRO A 91 1.48 9.88 -13.54
C PRO A 91 2.38 9.18 -14.55
N THR A 92 1.95 8.01 -15.00
CA THR A 92 2.65 7.27 -16.02
C THR A 92 2.60 8.01 -17.37
N SER A 93 3.60 7.77 -18.22
CA SER A 93 3.72 8.43 -19.51
C SER A 93 2.58 8.07 -20.46
N HIS A 94 2.48 8.83 -21.55
CA HIS A 94 1.43 8.62 -22.55
C HIS A 94 1.65 7.31 -23.30
N PRO A 95 0.56 6.57 -23.57
CA PRO A 95 0.62 5.28 -24.26
C PRO A 95 0.46 5.41 -25.78
N LYS A 96 0.20 4.29 -26.43
CA LYS A 96 -0.04 4.27 -27.87
C LYS A 96 -1.47 4.66 -28.17
N GLY A 1 14.31 -10.30 -21.69
CA GLY A 1 14.32 -9.41 -20.50
C GLY A 1 13.03 -8.65 -20.35
N SER A 2 11.95 -9.35 -20.00
CA SER A 2 10.64 -8.74 -19.84
C SER A 2 10.57 -7.92 -18.54
N TYR A 3 10.95 -6.66 -18.61
CA TYR A 3 10.92 -5.77 -17.45
C TYR A 3 9.96 -4.61 -17.69
N ILE A 4 9.36 -4.57 -18.87
CA ILE A 4 8.49 -3.47 -19.26
C ILE A 4 7.08 -3.63 -18.67
N ARG A 5 7.00 -3.57 -17.36
CA ARG A 5 5.72 -3.65 -16.67
C ARG A 5 5.25 -2.25 -16.26
N LEU A 6 6.15 -1.28 -16.42
CA LEU A 6 5.90 0.08 -15.96
C LEU A 6 5.47 0.99 -17.10
N PHE A 7 5.09 0.39 -18.24
CA PHE A 7 4.55 1.13 -19.40
C PHE A 7 5.42 2.34 -19.76
N GLY A 8 6.70 2.10 -20.00
CA GLY A 8 7.61 3.19 -20.32
C GLY A 8 8.38 3.67 -19.10
N ASN A 9 8.17 2.96 -17.99
CA ASN A 9 8.88 3.21 -16.73
C ASN A 9 8.47 4.53 -16.09
N SER A 10 7.22 4.58 -15.68
CA SER A 10 6.71 5.71 -14.92
C SER A 10 6.53 5.32 -13.45
N GLY A 11 5.74 4.26 -13.24
CA GLY A 11 5.50 3.77 -11.91
C GLY A 11 4.95 2.36 -11.93
N ALA A 12 4.92 1.71 -10.77
CA ALA A 12 4.42 0.34 -10.69
C ALA A 12 3.88 0.07 -9.28
N CYS A 13 2.72 -0.56 -9.24
CA CYS A 13 2.13 -0.98 -7.98
C CYS A 13 2.97 -2.08 -7.34
N SER A 14 3.02 -2.08 -6.02
CA SER A 14 3.76 -3.08 -5.29
C SER A 14 2.97 -4.39 -5.18
N ALA A 15 1.77 -4.41 -5.76
CA ALA A 15 0.97 -5.62 -5.78
C ALA A 15 0.56 -5.98 -7.21
N CYS A 16 -0.07 -5.04 -7.90
CA CYS A 16 -0.54 -5.28 -9.26
C CYS A 16 0.60 -5.21 -10.26
N GLY A 17 1.63 -4.46 -9.90
CA GLY A 17 2.79 -4.32 -10.77
C GLY A 17 2.44 -3.61 -12.06
N GLN A 18 1.50 -2.68 -11.99
CA GLN A 18 1.09 -1.93 -13.16
C GLN A 18 1.33 -0.44 -12.94
N SER A 19 1.34 0.31 -14.03
CA SER A 19 1.58 1.73 -13.99
C SER A 19 0.34 2.49 -13.55
N ILE A 20 0.49 3.79 -13.30
CA ILE A 20 -0.58 4.59 -12.77
C ILE A 20 -0.81 5.85 -13.63
N PRO A 21 -2.01 5.98 -14.21
CA PRO A 21 -2.42 7.20 -14.90
C PRO A 21 -2.72 8.32 -13.92
N ALA A 22 -2.85 9.54 -14.41
CA ALA A 22 -3.10 10.70 -13.55
C ALA A 22 -4.50 10.67 -12.96
N SER A 23 -5.35 9.81 -13.51
CA SER A 23 -6.72 9.68 -13.07
C SER A 23 -6.86 8.65 -11.95
N GLU A 24 -5.82 7.86 -11.76
CA GLU A 24 -5.87 6.77 -10.80
C GLU A 24 -5.28 7.20 -9.46
N LEU A 25 -6.18 7.46 -8.50
CA LEU A 25 -5.76 7.75 -7.13
C LEU A 25 -5.25 6.47 -6.47
N VAL A 26 -4.05 6.54 -5.93
CA VAL A 26 -3.41 5.36 -5.38
C VAL A 26 -3.05 5.58 -3.91
N MET A 27 -3.08 4.51 -3.13
CA MET A 27 -2.68 4.58 -1.74
C MET A 27 -1.18 4.41 -1.62
N ARG A 28 -0.59 4.95 -0.57
CA ARG A 28 0.85 4.87 -0.39
C ARG A 28 1.19 4.46 1.03
N ALA A 29 2.37 3.89 1.20
CA ALA A 29 2.85 3.51 2.52
C ALA A 29 4.21 4.15 2.77
N GLN A 30 5.24 3.33 2.87
CA GLN A 30 6.58 3.82 3.16
C GLN A 30 7.34 4.07 1.86
N GLY A 31 7.00 5.16 1.20
CA GLY A 31 7.68 5.52 -0.03
C GLY A 31 7.07 4.87 -1.25
N ASN A 32 6.66 3.61 -1.11
CA ASN A 32 6.09 2.85 -2.21
C ASN A 32 4.58 3.04 -2.27
N VAL A 33 3.97 2.61 -3.37
CA VAL A 33 2.55 2.85 -3.61
C VAL A 33 1.77 1.56 -3.87
N TYR A 34 0.45 1.66 -3.69
CA TYR A 34 -0.49 0.59 -4.01
C TYR A 34 -1.72 1.24 -4.65
N HIS A 35 -2.78 0.46 -4.83
CA HIS A 35 -4.05 1.00 -5.31
C HIS A 35 -5.08 0.90 -4.17
N LEU A 36 -6.35 0.85 -4.53
CA LEU A 36 -7.42 0.71 -3.54
C LEU A 36 -7.64 -0.75 -3.16
N LYS A 37 -7.27 -1.64 -4.08
CA LYS A 37 -7.52 -3.07 -3.92
C LYS A 37 -6.36 -3.78 -3.23
N CYS A 38 -5.15 -3.28 -3.48
CA CYS A 38 -3.92 -3.91 -3.05
C CYS A 38 -3.56 -3.53 -1.61
N PHE A 39 -4.19 -2.46 -1.12
CA PHE A 39 -3.96 -1.98 0.23
C PHE A 39 -4.72 -2.84 1.25
N THR A 40 -4.32 -4.10 1.34
CA THR A 40 -4.97 -5.05 2.21
C THR A 40 -3.97 -5.63 3.21
N CYS A 41 -4.50 -6.26 4.25
CA CYS A 41 -3.69 -6.99 5.20
C CYS A 41 -2.93 -8.12 4.48
N SER A 42 -1.79 -8.49 5.03
CA SER A 42 -1.00 -9.57 4.46
C SER A 42 -1.27 -10.88 5.20
N THR A 43 -1.89 -10.78 6.37
CA THR A 43 -2.19 -11.96 7.17
C THR A 43 -3.63 -12.41 6.91
N CYS A 44 -4.57 -11.49 7.01
CA CYS A 44 -5.98 -11.81 6.82
C CYS A 44 -6.50 -11.28 5.48
N ARG A 45 -5.69 -10.44 4.84
CA ARG A 45 -6.07 -9.82 3.57
C ARG A 45 -7.31 -8.95 3.74
N ASN A 46 -7.41 -8.31 4.89
CA ASN A 46 -8.50 -7.39 5.16
C ASN A 46 -8.20 -6.05 4.51
N ARG A 47 -9.17 -5.53 3.76
CA ARG A 47 -8.98 -4.27 3.06
C ARG A 47 -9.04 -3.09 4.01
N LEU A 48 -7.94 -2.36 4.10
CA LEU A 48 -7.85 -1.22 5.02
C LEU A 48 -8.79 -0.11 4.58
N VAL A 49 -9.25 0.68 5.55
CA VAL A 49 -10.29 1.66 5.31
C VAL A 49 -9.89 3.00 5.90
N PRO A 50 -10.18 4.12 5.21
CA PRO A 50 -9.98 5.46 5.77
C PRO A 50 -10.74 5.63 7.08
N GLY A 51 -10.00 5.73 8.17
CA GLY A 51 -10.59 5.77 9.49
C GLY A 51 -10.19 4.58 10.32
N ASP A 52 -9.73 3.53 9.64
CA ASP A 52 -9.25 2.33 10.29
C ASP A 52 -7.73 2.34 10.33
N ARG A 53 -7.15 1.44 11.12
CA ARG A 53 -5.71 1.43 11.35
C ARG A 53 -5.02 0.29 10.62
N PHE A 54 -3.81 0.54 10.16
CA PHE A 54 -2.99 -0.48 9.55
C PHE A 54 -1.61 -0.50 10.19
N HIS A 55 -0.99 -1.67 10.24
CA HIS A 55 0.31 -1.82 10.88
C HIS A 55 1.36 -2.25 9.86
N TYR A 56 2.27 -1.34 9.53
CA TYR A 56 3.34 -1.65 8.60
C TYR A 56 4.56 -2.13 9.36
N ILE A 57 4.78 -3.43 9.35
CA ILE A 57 5.90 -4.04 10.04
C ILE A 57 6.74 -4.85 9.06
N ASN A 58 8.02 -4.49 8.98
CA ASN A 58 8.97 -5.21 8.10
C ASN A 58 8.56 -5.09 6.64
N GLY A 59 7.84 -4.02 6.31
CA GLY A 59 7.39 -3.82 4.94
C GLY A 59 6.19 -4.67 4.61
N SER A 60 5.32 -4.88 5.60
CA SER A 60 4.15 -5.71 5.41
C SER A 60 2.96 -5.07 6.10
N LEU A 61 1.77 -5.35 5.60
CA LEU A 61 0.56 -4.72 6.11
C LEU A 61 -0.19 -5.67 7.03
N PHE A 62 -0.26 -5.32 8.29
CA PHE A 62 -1.05 -6.07 9.24
C PHE A 62 -2.27 -5.24 9.63
N CYS A 63 -3.36 -5.89 9.98
CA CYS A 63 -4.57 -5.18 10.29
C CYS A 63 -4.93 -5.37 11.75
N GLU A 64 -5.99 -4.70 12.19
CA GLU A 64 -6.40 -4.71 13.59
C GLU A 64 -6.91 -6.09 14.00
N HIS A 65 -7.25 -6.91 13.01
CA HIS A 65 -7.83 -8.23 13.28
C HIS A 65 -6.75 -9.21 13.76
N ASP A 66 -5.61 -9.24 13.08
CA ASP A 66 -4.56 -10.17 13.44
C ASP A 66 -3.56 -9.54 14.41
N ARG A 67 -3.25 -8.25 14.18
CA ARG A 67 -2.37 -7.44 15.04
C ARG A 67 -1.39 -8.26 15.88
N PRO A 68 -0.24 -8.61 15.29
CA PRO A 68 0.78 -9.43 15.97
C PRO A 68 1.25 -8.81 17.29
N THR A 69 1.32 -9.65 18.32
CA THR A 69 1.75 -9.21 19.63
C THR A 69 3.18 -9.67 19.90
N ALA A 70 3.58 -10.75 19.23
CA ALA A 70 4.91 -11.31 19.40
C ALA A 70 5.96 -10.37 18.80
N LEU A 71 5.75 -9.96 17.56
CA LEU A 71 6.66 -9.03 16.91
C LEU A 71 5.89 -7.91 16.22
N ILE A 72 5.87 -6.75 16.86
CA ILE A 72 5.18 -5.58 16.31
C ILE A 72 6.07 -4.34 16.46
N ASN A 73 6.11 -3.51 15.42
CA ASN A 73 6.95 -2.30 15.45
C ASN A 73 6.23 -1.16 16.17
N GLY A 74 4.92 -1.28 16.28
CA GLY A 74 4.13 -0.28 16.96
C GLY A 74 3.06 -0.94 17.81
N GLY A 75 1.82 -0.53 17.62
CA GLY A 75 0.71 -1.18 18.29
C GLY A 75 0.46 -0.63 19.68
N SER A 76 1.53 -0.30 20.39
CA SER A 76 1.43 0.21 21.75
C SER A 76 1.04 1.69 21.77
N GLY A 77 2.03 2.54 21.54
CA GLY A 77 1.80 3.97 21.59
C GLY A 77 1.27 4.52 20.28
N GLY A 78 -0.03 4.80 20.25
CA GLY A 78 -0.65 5.31 19.05
C GLY A 78 -1.15 4.19 18.16
N SER A 79 -0.95 2.96 18.62
CA SER A 79 -1.31 1.76 17.88
C SER A 79 -0.70 1.75 16.47
N GLY A 80 -1.52 1.97 15.45
CA GLY A 80 -1.04 1.96 14.08
C GLY A 80 -1.58 3.13 13.31
N SER A 81 -1.05 3.33 12.11
CA SER A 81 -1.43 4.48 11.29
C SER A 81 -2.77 4.26 10.62
N ILE A 82 -3.57 5.31 10.56
CA ILE A 82 -4.81 5.30 9.80
C ILE A 82 -4.49 5.30 8.31
N ALA A 83 -5.33 4.64 7.52
CA ALA A 83 -5.17 4.62 6.07
C ALA A 83 -4.95 6.04 5.54
N PRO A 84 -3.78 6.28 4.93
CA PRO A 84 -3.33 7.63 4.51
C PRO A 84 -4.13 8.19 3.34
N PHE A 85 -5.21 7.49 2.96
CA PHE A 85 -6.09 7.92 1.88
C PHE A 85 -5.40 7.76 0.51
N PRO A 86 -6.19 7.70 -0.56
CA PRO A 86 -5.68 7.66 -1.92
C PRO A 86 -5.19 9.02 -2.39
N GLU A 87 -4.01 9.05 -2.95
CA GLU A 87 -3.41 10.27 -3.47
C GLU A 87 -2.84 10.03 -4.87
N ALA A 88 -2.33 11.08 -5.49
CA ALA A 88 -1.74 10.93 -6.82
C ALA A 88 -0.29 10.50 -6.71
N ALA A 89 0.14 9.65 -7.62
CA ALA A 89 1.52 9.16 -7.63
C ALA A 89 2.32 9.84 -8.72
N LEU A 90 3.08 9.07 -9.48
CA LEU A 90 3.87 9.59 -10.57
C LEU A 90 3.16 9.34 -11.89
N PRO A 91 2.93 10.41 -12.67
CA PRO A 91 2.27 10.31 -13.98
C PRO A 91 3.00 9.39 -14.95
N THR A 92 2.25 8.78 -15.85
CA THR A 92 2.78 7.85 -16.81
C THR A 92 3.69 8.55 -17.82
N SER A 93 4.69 7.83 -18.33
CA SER A 93 5.63 8.36 -19.31
C SER A 93 4.93 8.96 -20.53
N HIS A 94 5.05 10.27 -20.67
CA HIS A 94 4.46 10.98 -21.80
C HIS A 94 5.26 10.75 -23.08
N PRO A 95 4.61 10.88 -24.25
CA PRO A 95 5.28 10.70 -25.55
C PRO A 95 6.02 11.96 -26.01
N LYS A 96 5.99 12.99 -25.18
CA LYS A 96 6.64 14.24 -25.51
C LYS A 96 8.13 14.17 -25.19
N GLY A 1 16.53 -5.33 -14.34
CA GLY A 1 15.19 -4.71 -14.42
C GLY A 1 14.34 -5.04 -13.23
N SER A 2 13.90 -4.02 -12.50
CA SER A 2 13.11 -4.23 -11.30
C SER A 2 11.61 -4.21 -11.60
N TYR A 3 11.12 -3.08 -12.09
CA TYR A 3 9.68 -2.90 -12.27
C TYR A 3 9.25 -3.10 -13.71
N ILE A 4 9.67 -4.22 -14.30
CA ILE A 4 9.31 -4.54 -15.68
C ILE A 4 8.00 -5.32 -15.74
N ARG A 5 6.92 -4.66 -15.36
CA ARG A 5 5.62 -5.32 -15.32
C ARG A 5 4.49 -4.36 -15.68
N LEU A 6 4.83 -3.21 -16.22
CA LEU A 6 3.83 -2.18 -16.53
C LEU A 6 3.93 -1.74 -17.98
N PHE A 7 2.93 -1.00 -18.44
CA PHE A 7 2.89 -0.53 -19.82
C PHE A 7 3.62 0.80 -19.95
N GLY A 8 4.72 0.79 -20.70
CA GLY A 8 5.55 1.97 -20.85
C GLY A 8 6.79 1.90 -19.99
N ASN A 9 6.63 1.27 -18.83
CA ASN A 9 7.73 0.95 -17.92
C ASN A 9 8.37 2.20 -17.29
N SER A 10 7.76 2.67 -16.21
CA SER A 10 8.32 3.76 -15.43
C SER A 10 8.11 3.49 -13.93
N GLY A 11 6.91 3.02 -13.59
CA GLY A 11 6.59 2.68 -12.21
C GLY A 11 5.30 1.90 -12.14
N ALA A 12 5.26 0.90 -11.27
CA ALA A 12 4.10 0.02 -11.21
C ALA A 12 3.76 -0.36 -9.78
N CYS A 13 2.56 -0.90 -9.59
CA CYS A 13 2.11 -1.37 -8.30
C CYS A 13 2.95 -2.57 -7.85
N SER A 14 3.19 -2.65 -6.56
CA SER A 14 3.95 -3.76 -5.99
C SER A 14 3.13 -5.04 -5.98
N ALA A 15 1.82 -4.92 -6.16
CA ALA A 15 0.95 -6.08 -6.19
C ALA A 15 0.38 -6.32 -7.59
N CYS A 16 -0.33 -5.34 -8.12
CA CYS A 16 -0.93 -5.46 -9.44
C CYS A 16 0.12 -5.34 -10.53
N GLY A 17 1.01 -4.37 -10.35
CA GLY A 17 2.04 -4.12 -11.35
C GLY A 17 1.51 -3.27 -12.49
N GLN A 18 0.34 -2.69 -12.29
CA GLN A 18 -0.28 -1.87 -13.32
C GLN A 18 0.39 -0.50 -13.40
N SER A 19 0.40 0.04 -14.60
CA SER A 19 0.93 1.37 -14.84
C SER A 19 0.02 2.42 -14.21
N ILE A 20 0.59 3.31 -13.41
CA ILE A 20 -0.18 4.34 -12.73
C ILE A 20 -0.22 5.63 -13.55
N PRO A 21 -1.39 5.95 -14.13
CA PRO A 21 -1.58 7.20 -14.86
C PRO A 21 -1.67 8.39 -13.91
N ALA A 22 -1.59 9.59 -14.47
CA ALA A 22 -1.64 10.82 -13.66
C ALA A 22 -3.06 11.11 -13.18
N SER A 23 -3.99 10.29 -13.62
CA SER A 23 -5.39 10.43 -13.24
C SER A 23 -5.75 9.44 -12.13
N GLU A 24 -4.79 8.59 -11.78
CA GLU A 24 -5.03 7.52 -10.83
C GLU A 24 -4.67 7.94 -9.42
N LEU A 25 -5.62 7.85 -8.50
CA LEU A 25 -5.36 8.09 -7.10
C LEU A 25 -4.96 6.77 -6.44
N VAL A 26 -3.73 6.71 -5.98
CA VAL A 26 -3.16 5.46 -5.50
C VAL A 26 -2.85 5.52 -4.01
N MET A 27 -3.09 4.43 -3.32
CA MET A 27 -2.87 4.39 -1.88
C MET A 27 -1.40 4.11 -1.59
N ARG A 28 -0.72 5.10 -1.05
CA ARG A 28 0.70 5.00 -0.80
C ARG A 28 0.96 4.96 0.70
N ALA A 29 1.71 3.95 1.14
CA ALA A 29 2.07 3.85 2.55
C ALA A 29 3.12 4.91 2.89
N GLN A 30 4.05 5.11 1.95
CA GLN A 30 5.13 6.06 2.13
C GLN A 30 5.89 6.21 0.82
N GLY A 31 7.05 5.55 0.71
CA GLY A 31 7.82 5.59 -0.51
C GLY A 31 7.33 4.57 -1.52
N ASN A 32 6.58 3.60 -1.03
CA ASN A 32 6.00 2.57 -1.89
C ASN A 32 4.53 2.89 -2.14
N VAL A 33 4.03 2.49 -3.29
CA VAL A 33 2.68 2.85 -3.71
C VAL A 33 1.85 1.59 -4.01
N TYR A 34 0.55 1.70 -3.76
CA TYR A 34 -0.40 0.63 -4.04
C TYR A 34 -1.69 1.22 -4.62
N HIS A 35 -2.71 0.39 -4.74
CA HIS A 35 -4.04 0.85 -5.13
C HIS A 35 -5.00 0.65 -3.96
N LEU A 36 -6.29 0.64 -4.25
CA LEU A 36 -7.31 0.44 -3.21
C LEU A 36 -7.55 -1.05 -2.97
N LYS A 37 -7.16 -1.87 -3.93
CA LYS A 37 -7.42 -3.30 -3.86
C LYS A 37 -6.26 -4.03 -3.18
N CYS A 38 -5.05 -3.59 -3.46
CA CYS A 38 -3.83 -4.23 -3.01
C CYS A 38 -3.55 -3.93 -1.55
N PHE A 39 -4.03 -2.78 -1.10
CA PHE A 39 -3.84 -2.34 0.28
C PHE A 39 -4.69 -3.16 1.24
N THR A 40 -4.18 -4.33 1.61
CA THR A 40 -4.93 -5.24 2.47
C THR A 40 -4.01 -5.98 3.42
N CYS A 41 -4.58 -6.52 4.49
CA CYS A 41 -3.85 -7.37 5.41
C CYS A 41 -3.44 -8.66 4.72
N SER A 42 -2.25 -9.15 5.01
CA SER A 42 -1.75 -10.35 4.36
C SER A 42 -2.23 -11.61 5.09
N THR A 43 -2.79 -11.44 6.28
CA THR A 43 -3.17 -12.56 7.11
C THR A 43 -4.62 -12.98 6.87
N CYS A 44 -5.54 -12.02 6.93
CA CYS A 44 -6.95 -12.33 6.74
C CYS A 44 -7.49 -11.65 5.49
N ARG A 45 -6.65 -10.81 4.90
CA ARG A 45 -7.00 -10.02 3.73
C ARG A 45 -7.99 -8.92 4.09
N ASN A 46 -7.95 -8.46 5.35
CA ASN A 46 -8.73 -7.32 5.77
C ASN A 46 -8.45 -6.12 4.86
N ARG A 47 -9.49 -5.64 4.20
CA ARG A 47 -9.35 -4.47 3.35
C ARG A 47 -9.12 -3.24 4.22
N LEU A 48 -7.90 -2.72 4.18
CA LEU A 48 -7.55 -1.56 4.98
C LEU A 48 -8.36 -0.35 4.54
N VAL A 49 -8.85 0.42 5.50
CA VAL A 49 -9.77 1.50 5.20
C VAL A 49 -9.22 2.82 5.69
N PRO A 50 -9.24 3.85 4.84
CA PRO A 50 -8.88 5.21 5.24
C PRO A 50 -9.79 5.70 6.37
N GLY A 51 -9.22 5.84 7.55
CA GLY A 51 -10.01 6.20 8.71
C GLY A 51 -10.12 5.05 9.69
N ASP A 52 -9.74 3.85 9.25
CA ASP A 52 -9.77 2.68 10.09
C ASP A 52 -8.35 2.26 10.48
N ARG A 53 -8.26 1.30 11.36
CA ARG A 53 -6.99 0.87 11.92
C ARG A 53 -6.23 -0.05 10.97
N PHE A 54 -4.93 0.18 10.88
CA PHE A 54 -4.04 -0.65 10.08
C PHE A 54 -2.67 -0.71 10.76
N HIS A 55 -1.88 -1.71 10.43
CA HIS A 55 -0.55 -1.85 11.01
C HIS A 55 0.50 -1.99 9.93
N TYR A 56 1.60 -1.26 10.10
CA TYR A 56 2.70 -1.28 9.15
C TYR A 56 3.98 -1.64 9.89
N ILE A 57 4.43 -2.88 9.73
CA ILE A 57 5.63 -3.34 10.40
C ILE A 57 6.64 -3.82 9.38
N ASN A 58 7.78 -3.16 9.34
CA ASN A 58 8.88 -3.54 8.45
C ASN A 58 8.42 -3.56 6.99
N GLY A 59 7.53 -2.63 6.64
CA GLY A 59 7.02 -2.56 5.28
C GLY A 59 6.02 -3.64 4.95
N SER A 60 5.20 -4.02 5.92
CA SER A 60 4.18 -5.05 5.70
C SER A 60 2.83 -4.56 6.20
N LEU A 61 1.79 -4.85 5.43
CA LEU A 61 0.45 -4.39 5.76
C LEU A 61 -0.32 -5.45 6.55
N PHE A 62 -0.65 -5.12 7.78
CA PHE A 62 -1.43 -5.99 8.64
C PHE A 62 -2.64 -5.24 9.15
N CYS A 63 -3.65 -5.95 9.60
CA CYS A 63 -4.84 -5.33 10.15
C CYS A 63 -4.70 -5.17 11.66
N GLU A 64 -5.64 -4.48 12.28
CA GLU A 64 -5.64 -4.36 13.74
C GLU A 64 -6.10 -5.66 14.36
N HIS A 65 -6.67 -6.52 13.53
CA HIS A 65 -7.21 -7.80 13.98
C HIS A 65 -6.10 -8.85 14.02
N ASP A 66 -5.05 -8.63 13.23
CA ASP A 66 -3.95 -9.58 13.11
C ASP A 66 -2.63 -8.93 13.52
N ARG A 67 -2.70 -7.82 14.23
CA ARG A 67 -1.51 -7.07 14.63
C ARG A 67 -0.51 -7.97 15.34
N PRO A 68 0.72 -8.06 14.78
CA PRO A 68 1.78 -8.90 15.34
C PRO A 68 2.22 -8.42 16.72
N THR A 69 2.26 -9.32 17.68
CA THR A 69 2.69 -8.98 19.03
C THR A 69 4.15 -9.35 19.26
N ALA A 70 4.61 -10.43 18.63
CA ALA A 70 5.98 -10.88 18.80
C ALA A 70 6.84 -10.38 17.66
N LEU A 71 6.31 -9.42 16.93
CA LEU A 71 7.01 -8.83 15.80
C LEU A 71 6.66 -7.36 15.69
N ILE A 72 6.88 -6.62 16.77
CA ILE A 72 6.52 -5.21 16.82
C ILE A 72 7.20 -4.49 18.00
N ASN A 73 7.36 -5.21 19.12
CA ASN A 73 7.89 -4.65 20.37
C ASN A 73 7.26 -3.29 20.67
N GLY A 74 5.98 -3.32 21.02
CA GLY A 74 5.24 -2.10 21.24
C GLY A 74 4.22 -1.87 20.13
N GLY A 75 4.57 -1.04 19.17
CA GLY A 75 3.67 -0.77 18.06
C GLY A 75 4.28 0.19 17.04
N SER A 76 3.60 0.33 15.91
CA SER A 76 4.00 1.27 14.87
C SER A 76 3.60 2.69 15.26
N GLY A 77 4.41 3.32 16.10
CA GLY A 77 4.08 4.64 16.62
C GLY A 77 3.10 4.56 17.77
N GLY A 78 2.02 3.83 17.55
CA GLY A 78 1.04 3.61 18.57
C GLY A 78 0.32 2.30 18.37
N SER A 79 -0.62 1.99 19.23
CA SER A 79 -1.38 0.75 19.13
C SER A 79 -2.53 0.90 18.12
N GLY A 80 -2.18 0.92 16.85
CA GLY A 80 -3.18 0.99 15.81
C GLY A 80 -3.14 2.30 15.06
N SER A 81 -2.49 2.29 13.91
CA SER A 81 -2.41 3.47 13.07
C SER A 81 -3.59 3.50 12.09
N ILE A 82 -3.69 4.59 11.32
CA ILE A 82 -4.77 4.72 10.34
C ILE A 82 -4.20 4.52 8.94
N ALA A 83 -4.93 3.75 8.13
CA ALA A 83 -4.51 3.47 6.76
C ALA A 83 -4.41 4.75 5.95
N PRO A 84 -3.23 5.01 5.35
CA PRO A 84 -3.00 6.18 4.51
C PRO A 84 -3.98 6.27 3.34
N PHE A 85 -4.26 7.49 2.92
CA PHE A 85 -5.26 7.74 1.91
C PHE A 85 -4.68 7.61 0.51
N PRO A 86 -5.52 7.30 -0.49
CA PRO A 86 -5.11 7.25 -1.89
C PRO A 86 -4.94 8.64 -2.50
N GLU A 87 -3.72 8.95 -2.90
CA GLU A 87 -3.40 10.25 -3.47
C GLU A 87 -2.70 10.06 -4.82
N ALA A 88 -2.58 11.13 -5.58
CA ALA A 88 -1.87 11.07 -6.86
C ALA A 88 -0.37 11.03 -6.59
N ALA A 89 0.23 9.89 -6.86
CA ALA A 89 1.63 9.67 -6.54
C ALA A 89 2.54 10.09 -7.69
N LEU A 90 2.72 9.19 -8.65
CA LEU A 90 3.63 9.44 -9.77
C LEU A 90 2.94 9.11 -11.09
N PRO A 91 3.00 10.04 -12.05
CA PRO A 91 2.53 9.79 -13.41
C PRO A 91 3.57 9.03 -14.23
N THR A 92 3.21 7.86 -14.73
CA THR A 92 4.16 7.03 -15.45
C THR A 92 4.11 7.28 -16.96
N SER A 93 3.94 6.22 -17.73
CA SER A 93 3.95 6.33 -19.19
C SER A 93 2.55 6.58 -19.75
N HIS A 94 2.48 6.83 -21.05
CA HIS A 94 1.21 7.12 -21.71
C HIS A 94 0.75 5.92 -22.52
N PRO A 95 -0.56 5.64 -22.52
CA PRO A 95 -1.13 4.50 -23.25
C PRO A 95 -1.47 4.84 -24.71
N LYS A 96 -1.74 3.80 -25.49
CA LYS A 96 -2.17 3.98 -26.87
C LYS A 96 -3.67 4.25 -26.91
N GLY A 1 20.06 -4.06 -17.73
CA GLY A 1 19.30 -4.28 -16.47
C GLY A 1 18.31 -5.43 -16.59
N SER A 2 17.73 -5.83 -15.47
CA SER A 2 16.73 -6.88 -15.45
C SER A 2 15.54 -6.45 -14.61
N TYR A 3 14.63 -7.39 -14.38
CA TYR A 3 13.47 -7.17 -13.52
C TYR A 3 12.49 -6.16 -14.12
N ILE A 4 11.70 -6.61 -15.08
CA ILE A 4 10.71 -5.74 -15.70
C ILE A 4 9.34 -5.95 -15.05
N ARG A 5 8.92 -4.96 -14.27
CA ARG A 5 7.60 -4.98 -13.65
C ARG A 5 7.07 -3.57 -13.52
N LEU A 6 7.86 -2.60 -13.95
CA LEU A 6 7.46 -1.20 -13.91
C LEU A 6 7.76 -0.54 -15.24
N PHE A 7 6.71 -0.21 -15.98
CA PHE A 7 6.86 0.37 -17.31
C PHE A 7 7.20 1.85 -17.19
N GLY A 8 8.48 2.15 -17.23
CA GLY A 8 8.97 3.50 -17.03
C GLY A 8 9.94 3.58 -15.88
N ASN A 9 9.88 2.56 -15.02
CA ASN A 9 10.79 2.40 -13.88
C ASN A 9 10.65 3.52 -12.87
N SER A 10 9.54 4.23 -12.91
CA SER A 10 9.26 5.29 -11.95
C SER A 10 8.49 4.74 -10.75
N GLY A 11 7.94 3.54 -10.90
CA GLY A 11 7.19 2.93 -9.83
C GLY A 11 6.13 1.98 -10.35
N ALA A 12 5.52 1.22 -9.45
CA ALA A 12 4.46 0.29 -9.80
C ALA A 12 3.76 -0.20 -8.54
N CYS A 13 2.59 -0.79 -8.70
CA CYS A 13 1.87 -1.37 -7.58
C CYS A 13 2.62 -2.61 -7.08
N SER A 14 2.56 -2.83 -5.78
CA SER A 14 3.21 -3.97 -5.19
C SER A 14 2.23 -5.14 -5.04
N ALA A 15 0.98 -4.91 -5.42
CA ALA A 15 -0.04 -5.96 -5.38
C ALA A 15 -0.46 -6.34 -6.79
N CYS A 16 -0.82 -5.34 -7.59
CA CYS A 16 -1.15 -5.56 -8.98
C CYS A 16 0.12 -5.75 -9.79
N GLY A 17 1.02 -4.78 -9.66
CA GLY A 17 2.24 -4.79 -10.43
C GLY A 17 2.13 -3.92 -11.65
N GLN A 18 0.99 -3.28 -11.81
CA GLN A 18 0.77 -2.37 -12.93
C GLN A 18 1.31 -1.01 -12.57
N SER A 19 2.03 -0.41 -13.51
CA SER A 19 2.55 0.94 -13.35
C SER A 19 1.41 1.94 -13.27
N ILE A 20 1.60 3.02 -12.53
CA ILE A 20 0.50 3.91 -12.19
C ILE A 20 0.52 5.20 -13.01
N PRO A 21 -0.52 5.40 -13.83
CA PRO A 21 -0.76 6.68 -14.51
C PRO A 21 -1.35 7.71 -13.56
N ALA A 22 -1.37 8.97 -13.98
CA ALA A 22 -1.86 10.05 -13.12
C ALA A 22 -3.39 10.10 -13.07
N SER A 23 -4.05 9.10 -13.65
CA SER A 23 -5.49 9.10 -13.74
C SER A 23 -6.13 8.39 -12.54
N GLU A 24 -5.48 7.35 -12.04
CA GLU A 24 -6.04 6.55 -10.95
C GLU A 24 -5.48 7.01 -9.61
N LEU A 25 -6.37 7.31 -8.68
CA LEU A 25 -5.97 7.68 -7.33
C LEU A 25 -5.62 6.42 -6.53
N VAL A 26 -4.43 6.40 -5.98
CA VAL A 26 -3.89 5.21 -5.38
C VAL A 26 -3.66 5.40 -3.88
N MET A 27 -3.03 4.42 -3.25
CA MET A 27 -2.76 4.48 -1.82
C MET A 27 -1.27 4.36 -1.57
N ARG A 28 -0.67 5.43 -1.09
CA ARG A 28 0.76 5.46 -0.84
C ARG A 28 1.04 5.47 0.66
N ALA A 29 1.74 4.44 1.13
CA ALA A 29 2.09 4.34 2.54
C ALA A 29 3.50 4.87 2.77
N GLN A 30 4.02 4.69 3.98
CA GLN A 30 5.38 5.12 4.29
C GLN A 30 6.39 4.11 3.75
N GLY A 31 6.41 3.97 2.44
CA GLY A 31 7.29 3.02 1.79
C GLY A 31 6.94 2.86 0.33
N ASN A 32 6.27 1.76 0.00
CA ASN A 32 5.88 1.50 -1.37
C ASN A 32 4.45 1.96 -1.62
N VAL A 33 3.98 1.82 -2.85
CA VAL A 33 2.69 2.33 -3.24
C VAL A 33 1.79 1.22 -3.81
N TYR A 34 0.50 1.32 -3.51
CA TYR A 34 -0.51 0.43 -4.06
C TYR A 34 -1.62 1.28 -4.66
N HIS A 35 -2.70 0.66 -5.08
CA HIS A 35 -3.88 1.39 -5.53
C HIS A 35 -4.87 1.45 -4.38
N LEU A 36 -6.12 1.79 -4.65
CA LEU A 36 -7.12 1.90 -3.57
C LEU A 36 -7.70 0.54 -3.20
N LYS A 37 -7.64 -0.40 -4.14
CA LYS A 37 -8.23 -1.72 -3.97
C LYS A 37 -7.24 -2.70 -3.34
N CYS A 38 -5.97 -2.50 -3.64
CA CYS A 38 -4.89 -3.37 -3.20
C CYS A 38 -4.51 -3.12 -1.74
N PHE A 39 -5.11 -2.09 -1.15
CA PHE A 39 -4.85 -1.74 0.24
C PHE A 39 -5.52 -2.74 1.19
N THR A 40 -4.93 -3.91 1.29
CA THR A 40 -5.44 -4.96 2.14
C THR A 40 -4.30 -5.68 2.84
N CYS A 41 -4.58 -6.29 3.99
CA CYS A 41 -3.59 -7.09 4.69
C CYS A 41 -3.01 -8.18 3.80
N SER A 42 -1.75 -8.48 4.01
CA SER A 42 -1.07 -9.50 3.21
C SER A 42 -1.32 -10.89 3.78
N THR A 43 -1.71 -10.96 5.05
CA THR A 43 -1.95 -12.24 5.70
C THR A 43 -3.44 -12.50 5.92
N CYS A 44 -4.12 -11.54 6.54
CA CYS A 44 -5.51 -11.72 6.91
C CYS A 44 -6.44 -11.16 5.83
N ARG A 45 -5.89 -10.28 5.02
CA ARG A 45 -6.60 -9.68 3.87
C ARG A 45 -7.73 -8.74 4.29
N ASN A 46 -7.65 -8.21 5.50
CA ASN A 46 -8.57 -7.17 5.92
C ASN A 46 -8.35 -5.92 5.08
N ARG A 47 -9.43 -5.37 4.54
CA ARG A 47 -9.31 -4.14 3.76
C ARG A 47 -9.19 -2.95 4.69
N LEU A 48 -7.99 -2.38 4.75
CA LEU A 48 -7.73 -1.21 5.55
C LEU A 48 -8.55 -0.04 5.01
N VAL A 49 -9.10 0.76 5.91
CA VAL A 49 -10.06 1.78 5.51
C VAL A 49 -9.58 3.16 5.94
N PRO A 50 -9.62 4.14 5.02
CA PRO A 50 -9.21 5.51 5.32
C PRO A 50 -9.95 6.07 6.52
N GLY A 51 -9.23 6.26 7.61
CA GLY A 51 -9.84 6.74 8.83
C GLY A 51 -9.90 5.68 9.92
N ASP A 52 -9.69 4.43 9.53
CA ASP A 52 -9.70 3.33 10.50
C ASP A 52 -8.33 2.65 10.56
N ARG A 53 -8.30 1.38 10.92
CA ARG A 53 -7.06 0.67 11.20
C ARG A 53 -6.28 0.32 9.93
N PHE A 54 -4.97 0.49 10.01
CA PHE A 54 -4.04 0.04 8.98
C PHE A 54 -2.67 -0.13 9.60
N HIS A 55 -1.90 -1.11 9.16
CA HIS A 55 -0.56 -1.30 9.69
C HIS A 55 0.43 -1.61 8.58
N TYR A 56 1.44 -0.76 8.45
CA TYR A 56 2.54 -0.98 7.52
C TYR A 56 3.83 -1.16 8.30
N ILE A 57 4.25 -2.41 8.45
CA ILE A 57 5.45 -2.71 9.22
C ILE A 57 6.41 -3.55 8.40
N ASN A 58 7.65 -3.08 8.30
CA ASN A 58 8.69 -3.76 7.52
C ASN A 58 8.28 -3.91 6.06
N GLY A 59 7.40 -3.01 5.60
CA GLY A 59 6.94 -3.07 4.23
C GLY A 59 5.89 -4.13 4.01
N SER A 60 5.03 -4.32 4.99
CA SER A 60 3.98 -5.33 4.91
C SER A 60 2.69 -4.78 5.49
N LEU A 61 1.56 -5.25 4.98
CA LEU A 61 0.27 -4.71 5.38
C LEU A 61 -0.46 -5.64 6.34
N PHE A 62 -0.81 -5.12 7.51
CA PHE A 62 -1.57 -5.83 8.52
C PHE A 62 -2.62 -4.89 9.11
N CYS A 63 -3.44 -5.39 10.03
CA CYS A 63 -4.38 -4.53 10.73
C CYS A 63 -4.28 -4.75 12.23
N GLU A 64 -5.39 -4.50 12.92
CA GLU A 64 -5.46 -4.70 14.36
C GLU A 64 -5.63 -6.19 14.68
N HIS A 65 -6.22 -6.93 13.75
CA HIS A 65 -6.59 -8.32 14.01
C HIS A 65 -5.42 -9.28 13.78
N ASP A 66 -4.79 -9.21 12.61
CA ASP A 66 -3.69 -10.11 12.29
C ASP A 66 -2.34 -9.45 12.57
N ARG A 67 -2.36 -8.58 13.58
CA ARG A 67 -1.18 -7.85 14.00
C ARG A 67 -0.09 -8.81 14.49
N PRO A 68 1.12 -8.70 13.93
CA PRO A 68 2.25 -9.55 14.30
C PRO A 68 2.83 -9.18 15.65
N THR A 69 2.91 -10.15 16.55
CA THR A 69 3.45 -9.93 17.88
C THR A 69 4.97 -10.10 17.89
N ALA A 70 5.63 -9.37 17.00
CA ALA A 70 7.09 -9.42 16.87
C ALA A 70 7.61 -8.09 16.37
N LEU A 71 7.47 -7.85 15.08
CA LEU A 71 7.88 -6.59 14.47
C LEU A 71 6.72 -5.61 14.48
N ILE A 72 6.64 -4.82 15.54
CA ILE A 72 5.55 -3.85 15.68
C ILE A 72 6.12 -2.45 15.87
N ASN A 73 7.34 -2.38 16.41
CA ASN A 73 8.04 -1.12 16.68
C ASN A 73 7.35 -0.33 17.78
N GLY A 74 6.26 0.34 17.44
CA GLY A 74 5.55 1.13 18.41
C GLY A 74 4.26 0.46 18.84
N GLY A 75 4.25 -0.12 20.04
CA GLY A 75 3.08 -0.82 20.52
C GLY A 75 3.16 -1.12 22.00
N SER A 76 2.63 -0.22 22.81
CA SER A 76 2.52 -0.45 24.24
C SER A 76 1.59 -1.63 24.52
N GLY A 77 0.40 -1.54 23.96
CA GLY A 77 -0.57 -2.61 24.03
C GLY A 77 -1.41 -2.62 22.78
N GLY A 78 -2.03 -1.49 22.52
CA GLY A 78 -2.64 -1.26 21.24
C GLY A 78 -1.70 -0.54 20.32
N SER A 79 -2.12 -0.28 19.10
CA SER A 79 -1.30 0.44 18.14
C SER A 79 -2.19 1.17 17.15
N GLY A 80 -2.49 2.43 17.45
CA GLY A 80 -3.41 3.20 16.65
C GLY A 80 -2.77 3.76 15.40
N SER A 81 -2.74 2.96 14.35
CA SER A 81 -2.33 3.43 13.05
C SER A 81 -3.54 3.55 12.14
N ILE A 82 -3.67 4.70 11.50
CA ILE A 82 -4.86 5.02 10.72
C ILE A 82 -4.53 5.04 9.23
N ALA A 83 -5.33 4.34 8.45
CA ALA A 83 -5.15 4.29 7.01
C ALA A 83 -5.36 5.66 6.38
N PRO A 84 -4.45 6.06 5.47
CA PRO A 84 -4.53 7.35 4.78
C PRO A 84 -5.63 7.35 3.71
N PHE A 85 -5.72 8.45 2.99
CA PHE A 85 -6.72 8.58 1.94
C PHE A 85 -6.04 8.50 0.58
N PRO A 86 -6.79 8.10 -0.47
CA PRO A 86 -6.26 7.98 -1.83
C PRO A 86 -5.58 9.25 -2.31
N GLU A 87 -4.41 9.06 -2.91
CA GLU A 87 -3.59 10.16 -3.40
C GLU A 87 -3.02 9.78 -4.76
N ALA A 88 -2.32 10.69 -5.39
CA ALA A 88 -1.71 10.41 -6.68
C ALA A 88 -0.29 9.88 -6.47
N ALA A 89 0.05 8.82 -7.17
CA ALA A 89 1.39 8.25 -7.09
C ALA A 89 2.35 8.98 -8.01
N LEU A 90 3.59 8.57 -8.00
CA LEU A 90 4.58 9.11 -8.92
C LEU A 90 4.30 8.59 -10.32
N PRO A 91 4.04 9.50 -11.28
CA PRO A 91 3.72 9.12 -12.65
C PRO A 91 4.79 8.23 -13.27
N THR A 92 4.39 7.04 -13.69
CA THR A 92 5.32 6.11 -14.30
C THR A 92 5.53 6.44 -15.77
N SER A 93 6.60 5.90 -16.34
CA SER A 93 7.02 6.21 -17.70
C SER A 93 7.57 7.63 -17.78
N HIS A 94 7.89 8.09 -18.98
CA HIS A 94 8.43 9.42 -19.17
C HIS A 94 7.59 10.18 -20.20
N PRO A 95 6.53 10.84 -19.76
CA PRO A 95 5.63 11.57 -20.64
C PRO A 95 6.27 12.83 -21.23
N LYS A 96 6.07 13.03 -22.52
CA LYS A 96 6.62 14.21 -23.18
C LYS A 96 5.73 15.42 -22.90
#